data_6BAG
#
_entry.id   6BAG
#
_cell.length_a   78.799
_cell.length_b   81.007
_cell.length_c   102.756
_cell.angle_alpha   90.00
_cell.angle_beta   98.53
_cell.angle_gamma   90.00
#
_symmetry.space_group_name_H-M   'P 1 21 1'
#
loop_
_entity.id
_entity.type
_entity.pdbx_description
1 polymer 'L-lactate dehydrogenase A chain'
2 non-polymer '4-(2-HYDROXYETHYL)-1-PIPERAZINE ETHANESULFONIC ACID'
3 non-polymer NICOTINAMIDE-ADENINE-DINUCLEOTIDE
4 non-polymer 'SULFATE ION'
5 non-polymer "(2R)-5-[(2-chlorophenyl)sulfanyl]-6'-[(4-fluorophenyl)amino]-4-hydroxy-2-(thiophen-3-yl)-2,3-dihydro[2,2'-bipyridin]-6(1H)-one"
6 water water
#
_entity_poly.entity_id   1
_entity_poly.type   'polypeptide(L)'
_entity_poly.pdbx_seq_one_letter_code
;ATLKDQLIYNLLKEEQTPQNKITVVGVGAVGMACAISILMKDLADELALVDVIEDKLKGEMMDLQHGSLFLRTPKIVSGK
DYNVTANSKLVIITAGARQQEGESRLNLVQRNVNIFKFIIPNVVKYSPNCKLLIVSNPVDILTYVAWKISGFPKNRVIGS
GCNLDSARFRYLMGERLGVHPLSCHGWVLGEHGDSSVPVWSGMNVAGVSLKTLHPDLGTDKDKEQWKEVHKQVVESAYEV
IKLKGYTSWAIGLSVADLAESIMKNLRRVHPVSTMIKGLYGIKDDVFLSVPCILGQNGISDLVKVTLTSEEEARLKKSAD
TLWGIQKELQF
;
_entity_poly.pdbx_strand_id   A,B,C,D
#
# COMPACT_ATOMS: atom_id res chain seq x y z
N ALA A 1 -26.83 15.32 29.43
CA ALA A 1 -26.13 15.03 28.17
C ALA A 1 -25.07 13.96 28.36
N THR A 2 -24.92 13.07 27.36
CA THR A 2 -23.91 12.01 27.36
C THR A 2 -22.54 12.59 27.03
N LEU A 3 -21.45 11.88 27.39
CA LEU A 3 -20.08 12.26 27.09
C LEU A 3 -19.90 12.47 25.56
N LYS A 4 -20.46 11.56 24.74
CA LYS A 4 -20.43 11.64 23.28
C LYS A 4 -21.04 12.97 22.78
N ASP A 5 -22.20 13.36 23.33
CA ASP A 5 -22.89 14.61 22.98
C ASP A 5 -22.16 15.84 23.45
N GLN A 6 -21.45 15.74 24.59
CA GLN A 6 -20.67 16.84 25.15
C GLN A 6 -19.41 17.03 24.32
N LEU A 7 -18.84 15.93 23.80
CA LEU A 7 -17.61 15.93 23.03
C LEU A 7 -17.83 16.26 21.57
N ILE A 8 -18.88 15.70 20.96
CA ILE A 8 -19.13 15.79 19.53
C ILE A 8 -20.47 16.45 19.18
N TYR A 9 -20.43 17.45 18.29
CA TYR A 9 -21.63 18.06 17.74
C TYR A 9 -21.93 17.36 16.41
N ASN A 10 -23.16 16.83 16.26
CA ASN A 10 -23.58 16.11 15.07
C ASN A 10 -24.22 17.02 14.00
N LEU A 11 -23.68 16.96 12.76
CA LEU A 11 -24.19 17.73 11.62
C LEU A 11 -25.39 17.03 10.96
N LEU A 12 -25.32 15.69 10.86
CA LEU A 12 -26.37 14.85 10.27
C LEU A 12 -26.16 13.37 10.58
N LYS A 13 -27.24 12.68 10.90
CA LYS A 13 -27.18 11.26 11.25
C LYS A 13 -27.50 10.35 10.05
N GLU A 14 -27.60 10.92 8.83
CA GLU A 14 -27.90 10.19 7.59
C GLU A 14 -26.81 9.21 7.20
N GLU A 15 -27.20 7.95 7.00
CA GLU A 15 -26.30 6.87 6.63
C GLU A 15 -26.59 6.41 5.20
N GLN A 16 -25.58 6.52 4.31
CA GLN A 16 -25.68 6.12 2.91
C GLN A 16 -25.74 4.61 2.73
N THR A 17 -26.41 4.15 1.64
CA THR A 17 -26.47 2.72 1.30
C THR A 17 -25.02 2.32 0.96
N PRO A 18 -24.59 1.08 1.28
CA PRO A 18 -23.18 0.69 1.03
C PRO A 18 -22.69 1.09 -0.36
N GLN A 19 -21.46 1.67 -0.41
CA GLN A 19 -20.80 2.19 -1.61
C GLN A 19 -19.81 1.20 -2.29
N ASN A 20 -18.87 0.58 -1.53
CA ASN A 20 -17.90 -0.42 -2.05
C ASN A 20 -17.93 -1.66 -1.18
N LYS A 21 -19.12 -2.27 -1.04
CA LYS A 21 -19.34 -3.41 -0.16
C LYS A 21 -18.98 -4.74 -0.80
N ILE A 22 -18.33 -5.61 -0.01
CA ILE A 22 -18.00 -6.97 -0.38
C ILE A 22 -18.59 -7.91 0.67
N THR A 23 -19.16 -9.04 0.21
CA THR A 23 -19.65 -10.10 1.06
C THR A 23 -18.85 -11.38 0.80
N VAL A 24 -18.52 -12.10 1.89
CA VAL A 24 -17.88 -13.41 1.80
C VAL A 24 -18.85 -14.42 2.44
N VAL A 25 -19.30 -15.42 1.66
CA VAL A 25 -20.20 -16.46 2.15
C VAL A 25 -19.37 -17.71 2.41
N GLY A 26 -19.32 -18.12 3.67
CA GLY A 26 -18.56 -19.28 4.14
C GLY A 26 -17.30 -18.78 4.84
N VAL A 27 -17.21 -18.99 6.18
CA VAL A 27 -16.08 -18.50 6.99
C VAL A 27 -15.11 -19.65 7.38
N GLY A 28 -14.90 -20.57 6.45
CA GLY A 28 -13.91 -21.62 6.62
C GLY A 28 -12.54 -21.03 6.34
N ALA A 29 -11.51 -21.88 6.23
CA ALA A 29 -10.15 -21.40 5.99
C ALA A 29 -10.02 -20.57 4.71
N VAL A 30 -10.73 -20.95 3.65
CA VAL A 30 -10.73 -20.25 2.36
C VAL A 30 -11.40 -18.86 2.47
N GLY A 31 -12.61 -18.81 3.02
CA GLY A 31 -13.34 -17.56 3.17
C GLY A 31 -12.64 -16.53 4.02
N MET A 32 -12.04 -16.97 5.15
CA MET A 32 -11.31 -16.08 6.06
C MET A 32 -10.00 -15.56 5.46
N ALA A 33 -9.31 -16.37 4.65
CA ALA A 33 -8.09 -15.96 3.95
C ALA A 33 -8.42 -14.94 2.85
N CYS A 34 -9.59 -15.08 2.21
CA CYS A 34 -10.10 -14.13 1.23
C CYS A 34 -10.37 -12.81 1.98
N ALA A 35 -11.03 -12.93 3.14
CA ALA A 35 -11.40 -11.78 3.97
C ALA A 35 -10.19 -10.94 4.42
N ILE A 36 -9.16 -11.57 5.01
CA ILE A 36 -7.96 -10.87 5.49
C ILE A 36 -7.20 -10.20 4.33
N SER A 37 -7.10 -10.89 3.19
CA SER A 37 -6.42 -10.37 2.00
C SER A 37 -7.16 -9.16 1.42
N ILE A 38 -8.51 -9.20 1.39
CA ILE A 38 -9.36 -8.09 0.91
C ILE A 38 -9.22 -6.90 1.87
N LEU A 39 -9.19 -7.17 3.19
CA LEU A 39 -9.05 -6.12 4.20
C LEU A 39 -7.69 -5.45 4.14
N MET A 40 -6.62 -6.23 3.93
CA MET A 40 -5.27 -5.69 3.87
C MET A 40 -4.96 -4.95 2.57
N LYS A 41 -5.80 -5.11 1.53
CA LYS A 41 -5.62 -4.45 0.24
C LYS A 41 -6.53 -3.22 0.07
N ASP A 42 -7.35 -2.88 1.10
CA ASP A 42 -8.27 -1.73 1.12
C ASP A 42 -9.24 -1.73 -0.08
N LEU A 43 -9.87 -2.87 -0.34
CA LEU A 43 -10.76 -2.98 -1.50
C LEU A 43 -12.22 -2.61 -1.23
N ALA A 44 -12.61 -2.62 0.04
CA ALA A 44 -13.98 -2.39 0.46
C ALA A 44 -14.09 -1.36 1.57
N ASP A 45 -15.22 -0.68 1.64
CA ASP A 45 -15.53 0.25 2.73
C ASP A 45 -16.44 -0.47 3.75
N GLU A 46 -16.95 -1.65 3.37
CA GLU A 46 -17.78 -2.51 4.21
C GLU A 46 -17.59 -3.97 3.83
N LEU A 47 -17.38 -4.84 4.82
CA LEU A 47 -17.22 -6.28 4.64
C LEU A 47 -18.29 -7.02 5.45
N ALA A 48 -19.01 -7.93 4.78
CA ALA A 48 -20.03 -8.74 5.42
C ALA A 48 -19.63 -10.20 5.31
N LEU A 49 -19.87 -10.96 6.39
CA LEU A 49 -19.58 -12.39 6.46
C LEU A 49 -20.86 -13.16 6.75
N VAL A 50 -21.07 -14.27 6.02
CA VAL A 50 -22.25 -15.14 6.20
C VAL A 50 -21.75 -16.57 6.32
N ASP A 51 -22.42 -17.36 7.19
CA ASP A 51 -22.21 -18.78 7.40
C ASP A 51 -23.46 -19.36 8.11
N VAL A 52 -23.53 -20.68 8.26
CA VAL A 52 -24.62 -21.37 8.98
C VAL A 52 -24.20 -21.66 10.44
N ILE A 53 -22.87 -21.76 10.71
CA ILE A 53 -22.30 -21.96 12.04
C ILE A 53 -22.21 -20.58 12.67
N GLU A 54 -23.16 -20.27 13.56
CA GLU A 54 -23.32 -18.93 14.15
C GLU A 54 -22.21 -18.51 15.09
N ASP A 55 -21.67 -19.45 15.90
CA ASP A 55 -20.60 -19.18 16.86
C ASP A 55 -19.31 -18.81 16.14
N LYS A 56 -18.83 -19.68 15.22
CA LYS A 56 -17.62 -19.46 14.43
C LYS A 56 -17.72 -18.12 13.68
N LEU A 57 -18.89 -17.89 13.03
CA LEU A 57 -19.17 -16.65 12.31
C LEU A 57 -18.96 -15.39 13.19
N LYS A 58 -19.64 -15.32 14.35
CA LYS A 58 -19.51 -14.19 15.27
C LYS A 58 -18.04 -14.00 15.74
N GLY A 59 -17.37 -15.09 16.11
CA GLY A 59 -15.97 -15.11 16.55
C GLY A 59 -15.02 -14.57 15.50
N GLU A 60 -15.22 -14.99 14.24
CA GLU A 60 -14.43 -14.54 13.10
C GLU A 60 -14.62 -13.03 12.86
N MET A 61 -15.89 -12.55 12.92
CA MET A 61 -16.25 -11.15 12.78
C MET A 61 -15.54 -10.32 13.84
N MET A 62 -15.64 -10.74 15.12
CA MET A 62 -15.04 -10.04 16.27
C MET A 62 -13.51 -9.93 16.15
N ASP A 63 -12.83 -11.02 15.82
CA ASP A 63 -11.39 -11.07 15.62
C ASP A 63 -10.95 -10.05 14.56
N LEU A 64 -11.65 -9.97 13.41
CA LEU A 64 -11.38 -8.99 12.35
C LEU A 64 -11.62 -7.57 12.87
N GLN A 65 -12.76 -7.34 13.56
CA GLN A 65 -13.12 -6.05 14.14
C GLN A 65 -12.06 -5.58 15.13
N HIS A 66 -11.48 -6.50 15.91
CA HIS A 66 -10.44 -6.15 16.88
C HIS A 66 -9.15 -5.65 16.22
N GLY A 67 -9.00 -5.92 14.92
CA GLY A 67 -7.87 -5.45 14.11
C GLY A 67 -8.14 -4.15 13.38
N SER A 68 -9.32 -3.51 13.59
CA SER A 68 -9.76 -2.25 12.95
C SER A 68 -8.72 -1.12 12.95
N LEU A 69 -8.02 -0.93 14.07
CA LEU A 69 -6.99 0.10 14.25
C LEU A 69 -5.90 0.03 13.16
N PHE A 70 -5.63 -1.19 12.66
CA PHE A 70 -4.59 -1.46 11.65
C PHE A 70 -5.16 -1.60 10.24
N LEU A 71 -6.47 -1.33 10.08
CA LEU A 71 -7.17 -1.45 8.77
C LEU A 71 -7.80 -0.13 8.32
N ARG A 72 -8.31 -0.11 7.07
CA ARG A 72 -8.96 1.04 6.46
C ARG A 72 -10.35 0.63 5.92
N THR A 73 -11.01 -0.35 6.58
CA THR A 73 -12.35 -0.83 6.25
C THR A 73 -13.16 -0.56 7.50
N PRO A 74 -13.96 0.52 7.50
CA PRO A 74 -14.59 0.99 8.75
C PRO A 74 -15.76 0.16 9.29
N LYS A 75 -16.35 -0.72 8.47
CA LYS A 75 -17.50 -1.50 8.91
C LYS A 75 -17.38 -2.94 8.53
N ILE A 76 -17.32 -3.82 9.54
CA ILE A 76 -17.27 -5.28 9.42
C ILE A 76 -18.50 -5.82 10.14
N VAL A 77 -19.37 -6.51 9.37
CA VAL A 77 -20.64 -7.09 9.87
C VAL A 77 -20.72 -8.58 9.52
N SER A 78 -21.57 -9.31 10.23
CA SER A 78 -21.80 -10.73 10.00
C SER A 78 -23.20 -11.13 10.43
N GLY A 79 -23.68 -12.24 9.89
CA GLY A 79 -24.99 -12.77 10.22
C GLY A 79 -25.38 -13.97 9.39
N LYS A 80 -26.31 -14.77 9.92
CA LYS A 80 -26.93 -15.95 9.29
C LYS A 80 -27.92 -15.43 8.27
N ASP A 81 -28.57 -14.28 8.57
CA ASP A 81 -29.55 -13.61 7.74
C ASP A 81 -28.83 -12.79 6.69
N TYR A 82 -29.30 -12.88 5.44
CA TYR A 82 -28.68 -12.21 4.31
C TYR A 82 -28.95 -10.71 4.23
N ASN A 83 -29.69 -10.13 5.21
CA ASN A 83 -29.92 -8.69 5.25
C ASN A 83 -28.61 -7.92 5.48
N VAL A 84 -27.61 -8.59 6.10
CA VAL A 84 -26.27 -8.05 6.35
C VAL A 84 -25.47 -7.87 5.05
N THR A 85 -25.88 -8.57 3.97
CA THR A 85 -25.23 -8.55 2.66
C THR A 85 -25.83 -7.51 1.69
N ALA A 86 -26.90 -6.81 2.10
CA ALA A 86 -27.60 -5.83 1.25
C ALA A 86 -26.68 -4.82 0.58
N ASN A 87 -26.84 -4.65 -0.74
CA ASN A 87 -26.13 -3.68 -1.57
C ASN A 87 -24.62 -3.96 -1.73
N SER A 88 -24.25 -5.26 -1.85
CA SER A 88 -22.86 -5.65 -2.08
C SER A 88 -22.55 -5.50 -3.55
N LYS A 89 -21.36 -4.99 -3.89
CA LYS A 89 -20.91 -4.85 -5.29
C LYS A 89 -20.41 -6.22 -5.78
N LEU A 90 -19.77 -6.96 -4.87
CA LEU A 90 -19.18 -8.26 -5.14
C LEU A 90 -19.51 -9.25 -4.00
N VAL A 91 -20.00 -10.44 -4.37
CA VAL A 91 -20.32 -11.49 -3.41
C VAL A 91 -19.45 -12.70 -3.73
N ILE A 92 -18.59 -13.08 -2.79
CA ILE A 92 -17.65 -14.21 -2.92
C ILE A 92 -18.20 -15.45 -2.21
N ILE A 93 -18.42 -16.53 -2.98
CA ILE A 93 -18.96 -17.77 -2.44
C ILE A 93 -17.86 -18.79 -2.22
N THR A 94 -17.61 -19.13 -0.95
CA THR A 94 -16.58 -20.11 -0.50
C THR A 94 -17.23 -21.19 0.38
N ALA A 95 -18.57 -21.22 0.43
CA ALA A 95 -19.32 -22.19 1.23
C ALA A 95 -19.34 -23.55 0.54
N GLY A 96 -19.05 -24.61 1.30
CA GLY A 96 -18.97 -25.97 0.77
C GLY A 96 -19.35 -27.06 1.75
N ALA A 97 -19.74 -28.23 1.22
CA ALA A 97 -20.10 -29.45 1.97
C ALA A 97 -18.87 -30.14 2.54
N GLY A 102 -16.19 -42.31 0.76
CA GLY A 102 -16.13 -42.72 -0.64
C GLY A 102 -17.40 -42.36 -1.38
N GLU A 103 -17.72 -41.05 -1.42
CA GLU A 103 -18.91 -40.44 -2.01
C GLU A 103 -19.10 -40.66 -3.52
N SER A 104 -20.38 -40.78 -3.95
CA SER A 104 -20.88 -41.04 -5.29
C SER A 104 -20.49 -40.00 -6.39
N ARG A 105 -19.57 -39.04 -6.10
CA ARG A 105 -19.03 -37.98 -7.00
C ARG A 105 -20.11 -36.99 -7.48
N LEU A 106 -21.20 -37.50 -8.11
CA LEU A 106 -22.36 -36.70 -8.51
C LEU A 106 -23.03 -36.27 -7.19
N ASN A 107 -22.85 -37.07 -6.12
CA ASN A 107 -23.36 -36.81 -4.79
C ASN A 107 -22.72 -35.58 -4.17
N LEU A 108 -21.37 -35.50 -4.20
CA LEU A 108 -20.59 -34.37 -3.68
C LEU A 108 -21.04 -33.07 -4.33
N VAL A 109 -21.24 -33.10 -5.66
CA VAL A 109 -21.72 -31.99 -6.49
C VAL A 109 -23.15 -31.61 -6.08
N GLN A 110 -24.05 -32.62 -5.94
CA GLN A 110 -25.45 -32.40 -5.56
C GLN A 110 -25.58 -31.83 -4.14
N ARG A 111 -24.67 -32.21 -3.21
CA ARG A 111 -24.67 -31.68 -1.83
C ARG A 111 -24.41 -30.16 -1.85
N ASN A 112 -23.44 -29.72 -2.67
CA ASN A 112 -23.10 -28.32 -2.84
C ASN A 112 -24.18 -27.58 -3.63
N VAL A 113 -24.86 -28.28 -4.58
CA VAL A 113 -25.98 -27.70 -5.34
C VAL A 113 -27.09 -27.30 -4.37
N ASN A 114 -27.39 -28.21 -3.41
CA ASN A 114 -28.40 -28.07 -2.37
C ASN A 114 -28.08 -26.91 -1.44
N ILE A 115 -26.78 -26.67 -1.21
CA ILE A 115 -26.28 -25.54 -0.43
C ILE A 115 -26.54 -24.25 -1.25
N PHE A 116 -26.17 -24.26 -2.55
CA PHE A 116 -26.37 -23.13 -3.47
C PHE A 116 -27.83 -22.74 -3.68
N LYS A 117 -28.74 -23.72 -3.61
CA LYS A 117 -30.18 -23.52 -3.74
C LYS A 117 -30.71 -22.61 -2.63
N PHE A 118 -30.03 -22.60 -1.46
CA PHE A 118 -30.39 -21.74 -0.36
C PHE A 118 -29.68 -20.38 -0.47
N ILE A 119 -28.34 -20.39 -0.69
CA ILE A 119 -27.47 -19.21 -0.75
C ILE A 119 -27.82 -18.24 -1.88
N ILE A 120 -27.78 -18.71 -3.13
CA ILE A 120 -27.93 -17.88 -4.32
C ILE A 120 -29.24 -17.05 -4.32
N PRO A 121 -30.47 -17.60 -4.08
CA PRO A 121 -31.65 -16.71 -4.06
C PRO A 121 -31.61 -15.63 -2.98
N ASN A 122 -30.95 -15.91 -1.84
CA ASN A 122 -30.80 -14.96 -0.75
C ASN A 122 -29.84 -13.82 -1.11
N VAL A 123 -28.76 -14.16 -1.81
CA VAL A 123 -27.75 -13.19 -2.29
C VAL A 123 -28.42 -12.24 -3.31
N VAL A 124 -29.14 -12.82 -4.28
CA VAL A 124 -29.85 -12.10 -5.36
C VAL A 124 -30.90 -11.13 -4.79
N LYS A 125 -31.61 -11.56 -3.74
CA LYS A 125 -32.65 -10.78 -3.07
C LYS A 125 -32.09 -9.46 -2.52
N TYR A 126 -30.94 -9.52 -1.80
CA TYR A 126 -30.34 -8.33 -1.17
C TYR A 126 -29.34 -7.57 -2.04
N SER A 127 -28.76 -8.21 -3.05
CA SER A 127 -27.80 -7.55 -3.96
C SER A 127 -28.10 -7.99 -5.42
N PRO A 128 -29.22 -7.52 -6.02
CA PRO A 128 -29.57 -7.97 -7.38
C PRO A 128 -28.59 -7.53 -8.48
N ASN A 129 -27.85 -6.44 -8.28
CA ASN A 129 -26.91 -5.96 -9.27
C ASN A 129 -25.43 -6.30 -8.97
N CYS A 130 -25.18 -7.19 -7.99
CA CYS A 130 -23.81 -7.62 -7.63
C CYS A 130 -23.16 -8.50 -8.69
N LYS A 131 -21.84 -8.67 -8.57
CA LYS A 131 -21.06 -9.60 -9.34
C LYS A 131 -20.85 -10.79 -8.40
N LEU A 132 -21.03 -12.01 -8.91
CA LEU A 132 -20.83 -13.23 -8.12
C LEU A 132 -19.47 -13.81 -8.45
N LEU A 133 -18.68 -14.11 -7.42
CA LEU A 133 -17.37 -14.75 -7.60
C LEU A 133 -17.40 -16.09 -6.84
N ILE A 134 -17.38 -17.19 -7.61
CA ILE A 134 -17.49 -18.54 -7.06
C ILE A 134 -16.13 -19.19 -6.85
N VAL A 135 -15.88 -19.69 -5.61
CA VAL A 135 -14.62 -20.34 -5.23
C VAL A 135 -14.87 -21.84 -4.97
N SER A 136 -15.99 -22.17 -4.29
CA SER A 136 -16.46 -23.50 -3.91
C SER A 136 -16.30 -24.52 -5.05
N ASN A 137 -15.84 -25.71 -4.72
CA ASN A 137 -15.59 -26.78 -5.70
C ASN A 137 -16.73 -27.80 -5.92
N PRO A 138 -16.80 -28.46 -7.11
CA PRO A 138 -16.00 -28.24 -8.34
C PRO A 138 -16.43 -26.90 -8.92
N VAL A 139 -15.49 -25.93 -8.88
CA VAL A 139 -15.69 -24.52 -9.19
C VAL A 139 -16.39 -24.28 -10.55
N ASP A 140 -16.00 -25.02 -11.61
CA ASP A 140 -16.62 -24.84 -12.93
C ASP A 140 -18.10 -25.23 -12.93
N ILE A 141 -18.44 -26.33 -12.22
CA ILE A 141 -19.82 -26.78 -12.10
C ILE A 141 -20.62 -25.81 -11.23
N LEU A 142 -20.08 -25.41 -10.07
CA LEU A 142 -20.82 -24.53 -9.17
C LEU A 142 -20.97 -23.10 -9.70
N THR A 143 -20.08 -22.64 -10.65
CA THR A 143 -20.25 -21.32 -11.29
C THR A 143 -21.50 -21.41 -12.19
N TYR A 144 -21.65 -22.55 -12.91
CA TYR A 144 -22.80 -22.84 -13.76
C TYR A 144 -24.06 -22.86 -12.91
N VAL A 145 -24.00 -23.55 -11.76
CA VAL A 145 -25.12 -23.69 -10.81
C VAL A 145 -25.57 -22.31 -10.33
N ALA A 146 -24.58 -21.46 -9.95
CA ALA A 146 -24.84 -20.08 -9.50
C ALA A 146 -25.50 -19.23 -10.60
N TRP A 147 -25.02 -19.38 -11.84
CA TRP A 147 -25.53 -18.66 -13.02
C TRP A 147 -26.97 -19.08 -13.32
N LYS A 148 -27.24 -20.40 -13.24
CA LYS A 148 -28.57 -20.96 -13.47
C LYS A 148 -29.58 -20.50 -12.42
N ILE A 149 -29.24 -20.62 -11.11
CA ILE A 149 -30.15 -20.22 -10.01
C ILE A 149 -30.37 -18.68 -9.99
N SER A 150 -29.30 -17.89 -10.11
CA SER A 150 -29.40 -16.42 -10.04
C SER A 150 -30.20 -15.79 -11.16
N GLY A 151 -30.02 -16.29 -12.38
CA GLY A 151 -30.62 -15.71 -13.58
C GLY A 151 -29.84 -14.49 -14.01
N PHE A 152 -28.61 -14.33 -13.52
CA PHE A 152 -27.76 -13.18 -13.85
C PHE A 152 -27.19 -13.31 -15.26
N PRO A 153 -26.85 -12.19 -15.94
CA PRO A 153 -26.16 -12.31 -17.24
C PRO A 153 -24.78 -12.91 -17.01
N LYS A 154 -24.23 -13.63 -18.02
CA LYS A 154 -22.95 -14.33 -17.90
C LYS A 154 -21.76 -13.46 -17.40
N ASN A 155 -21.76 -12.15 -17.72
CA ASN A 155 -20.70 -11.23 -17.29
C ASN A 155 -20.61 -11.06 -15.77
N ARG A 156 -21.74 -11.25 -15.05
CA ARG A 156 -21.81 -11.07 -13.59
C ARG A 156 -21.61 -12.38 -12.79
N VAL A 157 -21.32 -13.50 -13.45
CA VAL A 157 -21.06 -14.78 -12.77
C VAL A 157 -19.66 -15.26 -13.14
N ILE A 158 -18.71 -15.03 -12.23
CA ILE A 158 -17.29 -15.32 -12.41
C ILE A 158 -16.87 -16.49 -11.52
N GLY A 159 -16.12 -17.42 -12.09
CA GLY A 159 -15.57 -18.56 -11.38
C GLY A 159 -14.09 -18.33 -11.13
N SER A 160 -13.63 -18.69 -9.91
CA SER A 160 -12.20 -18.56 -9.57
C SER A 160 -11.34 -19.30 -10.59
N GLY A 161 -11.87 -20.41 -11.07
CA GLY A 161 -11.30 -21.25 -12.11
C GLY A 161 -9.83 -21.56 -12.00
N CYS A 162 -9.08 -21.25 -13.07
CA CYS A 162 -7.64 -21.54 -13.14
C CYS A 162 -6.74 -20.41 -12.67
N ASN A 163 -7.28 -19.48 -11.88
CA ASN A 163 -6.50 -18.36 -11.35
C ASN A 163 -5.41 -18.87 -10.39
N LEU A 164 -5.79 -19.73 -9.41
CA LEU A 164 -4.86 -20.36 -8.49
C LEU A 164 -3.84 -21.26 -9.23
N ASP A 165 -4.33 -22.10 -10.19
CA ASP A 165 -3.51 -23.03 -10.98
C ASP A 165 -2.39 -22.26 -11.70
N SER A 166 -2.72 -21.12 -12.33
CA SER A 166 -1.76 -20.27 -13.04
C SER A 166 -0.77 -19.59 -12.08
N ALA A 167 -1.26 -19.15 -10.89
CA ALA A 167 -0.42 -18.53 -9.86
C ALA A 167 0.65 -19.52 -9.35
N ARG A 168 0.25 -20.80 -9.13
CA ARG A 168 1.18 -21.87 -8.74
C ARG A 168 2.18 -22.18 -9.87
N PHE A 169 1.69 -22.17 -11.13
CA PHE A 169 2.51 -22.44 -12.32
C PHE A 169 3.62 -21.39 -12.44
N ARG A 170 3.26 -20.11 -12.29
CA ARG A 170 4.18 -18.97 -12.38
C ARG A 170 5.18 -18.97 -11.24
N TYR A 171 4.76 -19.46 -10.05
CA TYR A 171 5.65 -19.61 -8.90
C TYR A 171 6.73 -20.65 -9.25
N LEU A 172 6.33 -21.84 -9.75
CA LEU A 172 7.23 -22.94 -10.13
C LEU A 172 8.16 -22.58 -11.29
N MET A 173 7.61 -21.88 -12.29
CA MET A 173 8.34 -21.37 -13.46
C MET A 173 9.44 -20.40 -12.98
N GLY A 174 9.08 -19.51 -12.05
CA GLY A 174 9.98 -18.55 -11.44
C GLY A 174 11.12 -19.17 -10.66
N GLU A 175 10.84 -20.27 -9.95
CA GLU A 175 11.85 -21.03 -9.20
C GLU A 175 12.85 -21.68 -10.16
N ARG A 176 12.37 -22.24 -11.29
CA ARG A 176 13.22 -22.87 -12.28
C ARG A 176 14.14 -21.86 -12.98
N LEU A 177 13.62 -20.65 -13.26
CA LEU A 177 14.38 -19.64 -14.00
C LEU A 177 15.14 -18.63 -13.13
N GLY A 178 14.86 -18.59 -11.82
CA GLY A 178 15.47 -17.62 -10.92
C GLY A 178 15.02 -16.21 -11.28
N VAL A 179 13.71 -16.08 -11.61
CA VAL A 179 13.02 -14.84 -11.99
C VAL A 179 11.74 -14.72 -11.15
N HIS A 180 11.34 -13.51 -10.75
CA HIS A 180 10.10 -13.28 -9.97
C HIS A 180 8.88 -13.78 -10.78
N PRO A 181 7.89 -14.46 -10.13
CA PRO A 181 6.68 -14.91 -10.86
C PRO A 181 6.00 -13.85 -11.73
N LEU A 182 6.01 -12.57 -11.30
CA LEU A 182 5.42 -11.45 -12.04
C LEU A 182 5.99 -11.33 -13.45
N SER A 183 7.29 -11.64 -13.62
CA SER A 183 7.99 -11.55 -14.90
C SER A 183 7.96 -12.86 -15.69
N CYS A 184 7.37 -13.92 -15.11
CA CYS A 184 7.23 -15.25 -15.72
C CYS A 184 5.79 -15.42 -16.17
N HIS A 185 5.54 -15.25 -17.47
CA HIS A 185 4.19 -15.36 -18.01
C HIS A 185 3.88 -16.75 -18.52
N GLY A 186 2.70 -17.23 -18.15
CA GLY A 186 2.22 -18.57 -18.49
C GLY A 186 0.78 -18.75 -18.05
N TRP A 187 -0.02 -19.40 -18.91
CA TRP A 187 -1.44 -19.58 -18.68
C TRP A 187 -1.86 -21.04 -18.59
N VAL A 188 -2.60 -21.34 -17.53
CA VAL A 188 -3.18 -22.66 -17.26
C VAL A 188 -4.66 -22.43 -17.44
N LEU A 189 -5.28 -23.09 -18.43
CA LEU A 189 -6.69 -22.85 -18.76
C LEU A 189 -7.56 -24.12 -18.70
N GLY A 190 -8.84 -23.96 -19.05
CA GLY A 190 -9.79 -25.06 -19.06
C GLY A 190 -10.40 -25.34 -17.71
N GLU A 191 -10.49 -26.61 -17.36
CA GLU A 191 -11.09 -27.09 -16.13
C GLU A 191 -10.13 -26.93 -14.97
N HIS A 192 -10.61 -26.31 -13.88
CA HIS A 192 -9.80 -26.13 -12.68
C HIS A 192 -9.42 -27.47 -12.05
N GLY A 193 -8.19 -27.56 -11.55
CA GLY A 193 -7.73 -28.74 -10.85
C GLY A 193 -6.97 -29.72 -11.68
N ASP A 194 -7.25 -31.02 -11.46
CA ASP A 194 -6.59 -32.16 -12.09
C ASP A 194 -6.50 -32.11 -13.62
N SER A 195 -7.60 -31.68 -14.28
CA SER A 195 -7.76 -31.68 -15.72
C SER A 195 -7.37 -30.37 -16.44
N SER A 196 -6.70 -29.44 -15.74
CA SER A 196 -6.28 -28.14 -16.30
C SER A 196 -5.29 -28.26 -17.46
N VAL A 197 -5.24 -27.23 -18.32
CA VAL A 197 -4.41 -27.24 -19.51
C VAL A 197 -3.30 -26.17 -19.48
N PRO A 198 -2.02 -26.59 -19.48
CA PRO A 198 -0.94 -25.60 -19.58
C PRO A 198 -0.74 -25.20 -21.05
N VAL A 199 -0.91 -23.90 -21.38
CA VAL A 199 -0.74 -23.42 -22.77
C VAL A 199 0.75 -23.10 -23.01
N TRP A 200 1.53 -24.11 -23.43
CA TRP A 200 2.98 -23.99 -23.65
C TRP A 200 3.37 -22.89 -24.60
N SER A 201 2.55 -22.62 -25.64
CA SER A 201 2.78 -21.56 -26.65
C SER A 201 2.86 -20.14 -26.08
N GLY A 202 2.17 -19.87 -24.97
CA GLY A 202 2.14 -18.55 -24.35
C GLY A 202 3.12 -18.35 -23.21
N MET A 203 3.86 -19.40 -22.82
CA MET A 203 4.84 -19.38 -21.74
C MET A 203 6.05 -18.54 -22.21
N ASN A 204 6.30 -17.40 -21.54
CA ASN A 204 7.36 -16.52 -21.97
C ASN A 204 7.91 -15.64 -20.86
N VAL A 205 9.10 -15.10 -21.12
CA VAL A 205 9.76 -14.12 -20.28
C VAL A 205 10.15 -13.00 -21.26
N ALA A 206 9.69 -11.77 -20.96
CA ALA A 206 9.93 -10.57 -21.77
C ALA A 206 9.51 -10.71 -23.24
N GLY A 207 8.44 -11.46 -23.49
CA GLY A 207 7.92 -11.71 -24.84
C GLY A 207 8.72 -12.73 -25.64
N VAL A 208 9.69 -13.40 -24.99
CA VAL A 208 10.50 -14.43 -25.64
C VAL A 208 9.84 -15.79 -25.36
N SER A 209 9.23 -16.40 -26.38
CA SER A 209 8.54 -17.69 -26.30
C SER A 209 9.49 -18.84 -25.95
N LEU A 210 9.18 -19.53 -24.84
CA LEU A 210 9.95 -20.67 -24.35
C LEU A 210 9.81 -21.88 -25.33
N LYS A 211 8.61 -22.06 -25.93
CA LYS A 211 8.29 -23.10 -26.92
C LYS A 211 9.07 -22.91 -28.21
N THR A 212 9.28 -21.64 -28.62
CA THR A 212 10.03 -21.32 -29.83
C THR A 212 11.50 -21.69 -29.61
N LEU A 213 12.05 -21.35 -28.42
CA LEU A 213 13.45 -21.67 -28.07
C LEU A 213 13.65 -23.16 -27.83
N HIS A 214 12.67 -23.81 -27.19
CA HIS A 214 12.72 -25.21 -26.79
C HIS A 214 11.49 -25.96 -27.33
N PRO A 215 11.53 -26.47 -28.59
CA PRO A 215 10.33 -27.12 -29.17
C PRO A 215 9.77 -28.32 -28.41
N ASP A 216 10.61 -29.03 -27.63
CA ASP A 216 10.16 -30.18 -26.82
C ASP A 216 9.35 -29.74 -25.56
N LEU A 217 9.29 -28.41 -25.27
CA LEU A 217 8.56 -27.83 -24.14
C LEU A 217 7.13 -28.36 -24.07
N GLY A 218 6.81 -29.02 -22.96
CA GLY A 218 5.48 -29.58 -22.72
C GLY A 218 5.24 -31.00 -23.20
N THR A 219 6.23 -31.60 -23.89
CA THR A 219 6.11 -32.97 -24.39
C THR A 219 6.79 -33.97 -23.45
N ASP A 220 6.47 -35.26 -23.60
CA ASP A 220 7.07 -36.34 -22.81
C ASP A 220 8.53 -36.55 -23.18
N LYS A 221 8.90 -36.25 -24.44
CA LYS A 221 10.26 -36.39 -24.95
C LYS A 221 11.22 -35.22 -24.57
N ASP A 222 10.73 -34.26 -23.74
CA ASP A 222 11.55 -33.16 -23.21
C ASP A 222 12.55 -33.68 -22.16
N LYS A 223 13.85 -33.53 -22.46
CA LYS A 223 14.95 -33.93 -21.56
C LYS A 223 14.99 -33.14 -20.27
N GLU A 224 14.47 -31.88 -20.30
CA GLU A 224 14.41 -31.01 -19.12
C GLU A 224 13.10 -31.18 -18.34
N GLN A 225 12.17 -31.98 -18.88
CA GLN A 225 10.87 -32.31 -18.31
C GLN A 225 10.09 -31.10 -17.80
N TRP A 226 9.87 -30.09 -18.67
CA TRP A 226 9.10 -28.90 -18.34
C TRP A 226 7.63 -29.20 -18.07
N LYS A 227 7.14 -30.34 -18.56
CA LYS A 227 5.78 -30.85 -18.33
C LYS A 227 5.56 -31.05 -16.85
N GLU A 228 6.66 -31.34 -16.09
CA GLU A 228 6.64 -31.55 -14.63
C GLU A 228 6.25 -30.28 -13.89
N VAL A 229 6.46 -29.08 -14.48
CA VAL A 229 6.08 -27.76 -13.93
C VAL A 229 4.54 -27.72 -13.78
N HIS A 230 3.79 -28.26 -14.78
CA HIS A 230 2.34 -28.34 -14.69
C HIS A 230 1.92 -29.50 -13.78
N LYS A 231 2.65 -30.63 -13.85
CA LYS A 231 2.37 -31.80 -13.03
C LYS A 231 2.52 -31.46 -11.56
N GLN A 232 3.54 -30.65 -11.22
CA GLN A 232 3.80 -30.20 -9.85
C GLN A 232 2.74 -29.23 -9.33
N VAL A 233 2.02 -28.51 -10.22
CA VAL A 233 0.92 -27.64 -9.83
C VAL A 233 -0.17 -28.53 -9.21
N VAL A 234 -0.50 -29.66 -9.89
CA VAL A 234 -1.52 -30.58 -9.41
C VAL A 234 -1.02 -31.35 -8.16
N GLU A 235 0.23 -31.84 -8.19
CA GLU A 235 0.84 -32.56 -7.06
C GLU A 235 0.94 -31.70 -5.81
N SER A 236 1.29 -30.40 -5.96
CA SER A 236 1.41 -29.44 -4.86
C SER A 236 0.10 -29.27 -4.11
N ALA A 237 -1.04 -29.27 -4.85
CA ALA A 237 -2.37 -29.14 -4.25
C ALA A 237 -2.67 -30.30 -3.29
N TYR A 238 -2.34 -31.54 -3.71
CA TYR A 238 -2.50 -32.75 -2.90
C TYR A 238 -1.52 -32.74 -1.73
N GLU A 239 -0.28 -32.28 -1.99
CA GLU A 239 0.76 -32.17 -0.99
C GLU A 239 0.39 -31.21 0.16
N VAL A 240 -0.13 -30.01 -0.18
CA VAL A 240 -0.56 -29.01 0.81
C VAL A 240 -1.66 -29.61 1.70
N ILE A 241 -2.66 -30.27 1.09
CA ILE A 241 -3.76 -30.91 1.81
C ILE A 241 -3.24 -32.03 2.72
N LYS A 242 -2.26 -32.83 2.23
CA LYS A 242 -1.66 -33.91 3.01
C LYS A 242 -0.89 -33.35 4.22
N LEU A 243 -0.15 -32.24 4.02
CA LEU A 243 0.70 -31.62 5.03
C LEU A 243 -0.03 -30.77 6.08
N LYS A 244 -0.97 -29.90 5.68
CA LYS A 244 -1.67 -29.01 6.62
C LYS A 244 -3.22 -29.21 6.67
N GLY A 245 -3.77 -30.08 5.81
CA GLY A 245 -5.20 -30.40 5.83
C GLY A 245 -6.14 -29.61 4.95
N TYR A 246 -5.66 -28.48 4.38
CA TYR A 246 -6.45 -27.57 3.55
C TYR A 246 -5.52 -26.53 2.91
N THR A 247 -6.03 -25.72 1.96
CA THR A 247 -5.27 -24.60 1.39
C THR A 247 -6.04 -23.31 1.76
N SER A 248 -5.30 -22.26 2.14
CA SER A 248 -5.97 -21.02 2.50
C SER A 248 -5.28 -19.78 1.93
N TRP A 249 -4.01 -19.56 2.27
CA TRP A 249 -3.27 -18.35 1.93
C TRP A 249 -3.23 -18.04 0.43
N ALA A 250 -2.77 -18.99 -0.39
CA ALA A 250 -2.65 -18.82 -1.83
C ALA A 250 -3.99 -18.53 -2.54
N ILE A 251 -5.06 -19.26 -2.16
CA ILE A 251 -6.37 -19.02 -2.74
C ILE A 251 -6.89 -17.62 -2.32
N GLY A 252 -6.72 -17.28 -1.04
CA GLY A 252 -7.10 -15.99 -0.46
C GLY A 252 -6.50 -14.83 -1.22
N LEU A 253 -5.17 -14.90 -1.44
CA LEU A 253 -4.40 -13.89 -2.18
C LEU A 253 -4.86 -13.76 -3.63
N SER A 254 -5.10 -14.90 -4.31
CA SER A 254 -5.55 -14.93 -5.70
C SER A 254 -6.94 -14.30 -5.89
N VAL A 255 -7.86 -14.58 -4.94
CA VAL A 255 -9.24 -14.05 -4.94
C VAL A 255 -9.22 -12.53 -4.74
N ALA A 256 -8.37 -12.04 -3.80
CA ALA A 256 -8.24 -10.59 -3.52
C ALA A 256 -7.72 -9.85 -4.75
N ASP A 257 -6.87 -10.53 -5.56
CA ASP A 257 -6.36 -9.96 -6.81
C ASP A 257 -7.50 -9.79 -7.83
N LEU A 258 -8.43 -10.78 -7.94
CA LEU A 258 -9.60 -10.69 -8.82
C LEU A 258 -10.51 -9.56 -8.33
N ALA A 259 -10.75 -9.53 -7.01
CA ALA A 259 -11.57 -8.53 -6.33
C ALA A 259 -11.05 -7.12 -6.63
N GLU A 260 -9.72 -6.95 -6.68
CA GLU A 260 -9.10 -5.67 -6.97
C GLU A 260 -9.48 -5.16 -8.37
N SER A 261 -9.41 -6.02 -9.38
CA SER A 261 -9.74 -5.67 -10.76
C SER A 261 -11.21 -5.30 -10.92
N ILE A 262 -12.10 -6.06 -10.26
CA ILE A 262 -13.54 -5.81 -10.30
C ILE A 262 -13.88 -4.48 -9.58
N MET A 263 -13.45 -4.34 -8.30
CA MET A 263 -13.76 -3.16 -7.47
C MET A 263 -13.20 -1.87 -8.03
N LYS A 264 -12.01 -1.92 -8.64
CA LYS A 264 -11.35 -0.73 -9.18
C LYS A 264 -11.53 -0.56 -10.69
N ASN A 265 -12.32 -1.46 -11.34
CA ASN A 265 -12.59 -1.45 -12.79
C ASN A 265 -11.27 -1.40 -13.61
N LEU A 266 -10.28 -2.20 -13.20
CA LEU A 266 -8.95 -2.17 -13.82
C LEU A 266 -8.89 -2.65 -15.26
N ARG A 267 -9.75 -3.59 -15.64
CA ARG A 267 -9.76 -4.16 -16.99
C ARG A 267 -8.43 -4.93 -17.26
N ARG A 268 -7.95 -5.66 -16.22
CA ARG A 268 -6.77 -6.50 -16.30
C ARG A 268 -7.28 -7.86 -16.77
N VAL A 269 -6.39 -8.65 -17.38
CA VAL A 269 -6.72 -9.98 -17.88
C VAL A 269 -6.35 -11.06 -16.85
N HIS A 270 -7.33 -11.90 -16.48
CA HIS A 270 -7.17 -12.97 -15.49
C HIS A 270 -7.65 -14.32 -16.01
N PRO A 271 -7.02 -15.46 -15.63
CA PRO A 271 -7.56 -16.75 -16.06
C PRO A 271 -8.70 -17.16 -15.12
N VAL A 272 -9.94 -16.92 -15.53
CA VAL A 272 -11.11 -17.22 -14.72
C VAL A 272 -12.14 -18.01 -15.51
N SER A 273 -13.02 -18.72 -14.80
CA SER A 273 -14.05 -19.53 -15.44
C SER A 273 -15.23 -18.69 -15.90
N THR A 274 -15.55 -18.79 -17.21
CA THR A 274 -16.66 -18.10 -17.86
C THR A 274 -17.43 -19.07 -18.76
N MET A 275 -18.64 -18.68 -19.18
CA MET A 275 -19.52 -19.42 -20.09
C MET A 275 -18.83 -19.50 -21.45
N ILE A 276 -18.34 -20.70 -21.79
CA ILE A 276 -17.51 -20.96 -22.97
C ILE A 276 -18.30 -21.44 -24.21
N LYS A 277 -19.61 -21.64 -24.09
CA LYS A 277 -20.44 -22.11 -25.21
C LYS A 277 -20.20 -21.23 -26.44
N GLY A 278 -19.86 -21.86 -27.56
CA GLY A 278 -19.56 -21.18 -28.80
C GLY A 278 -18.07 -21.15 -29.12
N LEU A 279 -17.21 -21.50 -28.14
CA LEU A 279 -15.75 -21.54 -28.30
C LEU A 279 -15.24 -22.97 -28.30
N TYR A 280 -14.14 -23.22 -29.03
CA TYR A 280 -13.41 -24.49 -29.11
C TYR A 280 -14.29 -25.72 -29.42
N GLY A 281 -15.34 -25.49 -30.21
CA GLY A 281 -16.26 -26.53 -30.62
C GLY A 281 -17.21 -26.98 -29.53
N ILE A 282 -17.20 -26.25 -28.38
CA ILE A 282 -18.07 -26.54 -27.25
C ILE A 282 -19.45 -25.98 -27.56
N LYS A 283 -20.48 -26.83 -27.38
CA LYS A 283 -21.89 -26.51 -27.65
C LYS A 283 -22.73 -26.52 -26.38
N ASP A 284 -22.16 -27.01 -25.26
CA ASP A 284 -22.88 -27.11 -23.99
C ASP A 284 -22.72 -25.89 -23.09
N ASP A 285 -23.68 -25.71 -22.15
CA ASP A 285 -23.69 -24.63 -21.16
C ASP A 285 -22.68 -24.95 -20.06
N VAL A 286 -21.40 -24.81 -20.35
CA VAL A 286 -20.35 -25.10 -19.38
C VAL A 286 -19.44 -23.89 -19.22
N PHE A 287 -18.83 -23.80 -18.04
CA PHE A 287 -17.90 -22.75 -17.65
C PHE A 287 -16.49 -23.32 -17.61
N LEU A 288 -15.57 -22.68 -18.33
CA LEU A 288 -14.16 -23.07 -18.38
C LEU A 288 -13.30 -21.83 -18.31
N SER A 289 -12.07 -21.98 -17.88
CA SER A 289 -11.17 -20.84 -17.75
C SER A 289 -10.48 -20.47 -19.04
N VAL A 290 -10.57 -19.17 -19.36
CA VAL A 290 -9.90 -18.49 -20.47
C VAL A 290 -9.44 -17.14 -19.91
N PRO A 291 -8.50 -16.40 -20.54
CA PRO A 291 -8.13 -15.07 -20.04
C PRO A 291 -9.31 -14.09 -20.25
N CYS A 292 -9.82 -13.55 -19.13
CA CYS A 292 -10.95 -12.62 -19.14
C CYS A 292 -10.55 -11.23 -18.66
N ILE A 293 -11.19 -10.20 -19.24
CA ILE A 293 -10.98 -8.80 -18.85
C ILE A 293 -11.98 -8.51 -17.75
N LEU A 294 -11.47 -8.20 -16.55
CA LEU A 294 -12.28 -7.95 -15.34
C LEU A 294 -12.38 -6.49 -14.99
N GLY A 295 -13.61 -6.05 -14.76
CA GLY A 295 -13.92 -4.67 -14.39
C GLY A 295 -15.19 -4.58 -13.58
N GLN A 296 -15.76 -3.37 -13.51
CA GLN A 296 -16.97 -3.11 -12.70
C GLN A 296 -18.23 -3.87 -13.16
N ASN A 297 -18.26 -4.37 -14.42
CA ASN A 297 -19.40 -5.16 -14.91
C ASN A 297 -19.04 -6.66 -14.93
N GLY A 298 -17.95 -7.03 -14.25
CA GLY A 298 -17.46 -8.41 -14.20
C GLY A 298 -16.64 -8.72 -15.44
N ILE A 299 -17.01 -9.78 -16.17
CA ILE A 299 -16.30 -10.17 -17.40
C ILE A 299 -16.97 -9.45 -18.58
N SER A 300 -16.33 -8.40 -19.10
CA SER A 300 -16.86 -7.63 -20.23
C SER A 300 -16.37 -8.21 -21.55
N ASP A 301 -15.20 -8.84 -21.52
CA ASP A 301 -14.56 -9.38 -22.71
C ASP A 301 -13.71 -10.59 -22.36
N LEU A 302 -13.36 -11.37 -23.38
CA LEU A 302 -12.46 -12.50 -23.20
C LEU A 302 -11.42 -12.54 -24.33
N VAL A 303 -10.22 -13.07 -24.03
CA VAL A 303 -9.13 -13.22 -24.99
C VAL A 303 -9.33 -14.55 -25.73
N LYS A 304 -9.27 -14.52 -27.07
CA LYS A 304 -9.42 -15.71 -27.92
C LYS A 304 -8.05 -16.33 -28.15
N VAL A 305 -7.64 -17.21 -27.24
CA VAL A 305 -6.36 -17.91 -27.26
C VAL A 305 -6.36 -18.96 -28.36
N THR A 306 -5.29 -18.99 -29.15
CA THR A 306 -5.13 -19.99 -30.20
C THR A 306 -4.59 -21.24 -29.49
N LEU A 307 -5.40 -22.29 -29.48
CA LEU A 307 -5.02 -23.55 -28.86
C LEU A 307 -4.65 -24.58 -29.93
N THR A 308 -3.71 -25.47 -29.61
CA THR A 308 -3.33 -26.59 -30.49
C THR A 308 -4.51 -27.58 -30.49
N SER A 309 -4.49 -28.53 -31.43
CA SER A 309 -5.54 -29.55 -31.53
C SER A 309 -5.65 -30.36 -30.24
N GLU A 310 -4.52 -30.71 -29.63
CA GLU A 310 -4.47 -31.45 -28.36
C GLU A 310 -5.10 -30.62 -27.23
N GLU A 311 -4.78 -29.31 -27.14
CA GLU A 311 -5.35 -28.42 -26.14
C GLU A 311 -6.85 -28.29 -26.32
N GLU A 312 -7.32 -28.05 -27.57
CA GLU A 312 -8.75 -27.93 -27.89
CA GLU A 312 -8.74 -27.92 -27.90
C GLU A 312 -9.52 -29.19 -27.46
N ALA A 313 -8.96 -30.39 -27.75
CA ALA A 313 -9.54 -31.69 -27.40
C ALA A 313 -9.67 -31.88 -25.89
N ARG A 314 -8.68 -31.41 -25.12
CA ARG A 314 -8.69 -31.51 -23.64
C ARG A 314 -9.82 -30.65 -23.04
N LEU A 315 -10.06 -29.44 -23.60
CA LEU A 315 -11.15 -28.55 -23.16
C LEU A 315 -12.50 -29.13 -23.53
N LYS A 316 -12.58 -29.76 -24.72
CA LYS A 316 -13.78 -30.41 -25.22
C LYS A 316 -14.15 -31.60 -24.33
N LYS A 317 -13.15 -32.39 -23.92
CA LYS A 317 -13.33 -33.55 -23.02
C LYS A 317 -13.85 -33.08 -21.65
N SER A 318 -13.26 -31.99 -21.11
CA SER A 318 -13.68 -31.37 -19.84
C SER A 318 -15.12 -30.88 -19.94
N ALA A 319 -15.46 -30.21 -21.06
CA ALA A 319 -16.82 -29.71 -21.32
C ALA A 319 -17.85 -30.86 -21.31
N ASP A 320 -17.52 -32.00 -21.99
CA ASP A 320 -18.37 -33.19 -22.04
C ASP A 320 -18.57 -33.79 -20.65
N THR A 321 -17.49 -33.87 -19.85
CA THR A 321 -17.54 -34.41 -18.49
C THR A 321 -18.40 -33.54 -17.60
N LEU A 322 -18.13 -32.23 -17.57
CA LEU A 322 -18.89 -31.26 -16.78
C LEU A 322 -20.35 -31.24 -17.17
N TRP A 323 -20.69 -31.22 -18.50
CA TRP A 323 -22.08 -31.26 -18.94
C TRP A 323 -22.79 -32.56 -18.53
N GLY A 324 -22.08 -33.68 -18.60
CA GLY A 324 -22.56 -35.01 -18.20
C GLY A 324 -23.03 -35.03 -16.76
N ILE A 325 -22.32 -34.30 -15.87
CA ILE A 325 -22.68 -34.17 -14.45
C ILE A 325 -23.84 -33.19 -14.33
N GLN A 326 -23.71 -32.00 -14.95
CA GLN A 326 -24.69 -30.92 -14.92
C GLN A 326 -26.11 -31.30 -15.37
N LYS A 327 -26.22 -32.08 -16.47
CA LYS A 327 -27.52 -32.51 -17.01
C LYS A 327 -28.32 -33.38 -16.01
N GLU A 328 -27.60 -34.07 -15.09
CA GLU A 328 -28.14 -34.96 -14.04
C GLU A 328 -28.46 -34.25 -12.72
N LEU A 329 -28.20 -32.93 -12.64
CA LEU A 329 -28.44 -32.18 -11.40
C LEU A 329 -29.86 -31.78 -11.21
N GLN A 330 -30.31 -31.91 -9.94
CA GLN A 330 -31.65 -31.50 -9.55
C GLN A 330 -31.58 -30.12 -8.94
N PHE A 331 -32.36 -29.18 -9.50
CA PHE A 331 -32.45 -27.78 -9.10
C PHE A 331 -33.76 -27.46 -8.33
N ALA B 1 23.59 -27.36 -22.71
CA ALA B 1 22.88 -26.18 -22.19
C ALA B 1 21.43 -26.48 -21.75
N THR B 2 20.84 -25.55 -21.02
CA THR B 2 19.45 -25.68 -20.58
C THR B 2 18.66 -24.54 -21.20
N LEU B 3 17.32 -24.65 -21.12
CA LEU B 3 16.39 -23.60 -21.56
C LEU B 3 16.71 -22.28 -20.81
N LYS B 4 17.03 -22.38 -19.50
CA LYS B 4 17.42 -21.24 -18.66
C LYS B 4 18.64 -20.50 -19.23
N ASP B 5 19.71 -21.23 -19.62
CA ASP B 5 20.92 -20.65 -20.21
C ASP B 5 20.64 -20.11 -21.61
N GLN B 6 19.71 -20.75 -22.33
CA GLN B 6 19.33 -20.38 -23.68
C GLN B 6 18.57 -19.03 -23.63
N LEU B 7 17.77 -18.84 -22.57
CA LEU B 7 16.92 -17.67 -22.35
C LEU B 7 17.64 -16.52 -21.65
N ILE B 8 18.44 -16.84 -20.64
CA ILE B 8 19.08 -15.85 -19.78
C ILE B 8 20.60 -15.91 -19.80
N TYR B 9 21.22 -14.75 -20.03
CA TYR B 9 22.67 -14.60 -19.97
C TYR B 9 22.99 -14.07 -18.57
N ASN B 10 23.89 -14.75 -17.86
CA ASN B 10 24.29 -14.38 -16.50
C ASN B 10 25.50 -13.44 -16.46
N LEU B 11 25.35 -12.28 -15.78
CA LEU B 11 26.40 -11.27 -15.62
C LEU B 11 27.31 -11.58 -14.42
N LEU B 12 26.71 -11.81 -13.25
CA LEU B 12 27.43 -12.08 -12.00
C LEU B 12 26.82 -13.34 -11.41
N LYS B 13 27.63 -14.11 -10.68
CA LYS B 13 27.07 -15.30 -10.05
C LYS B 13 26.85 -15.12 -8.55
N GLU B 14 27.54 -14.12 -7.93
CA GLU B 14 27.54 -13.81 -6.49
C GLU B 14 26.21 -14.05 -5.77
N GLU B 15 26.19 -15.11 -4.95
CA GLU B 15 25.05 -15.49 -4.09
C GLU B 15 25.03 -14.48 -2.94
N GLN B 16 23.89 -13.82 -2.77
CA GLN B 16 23.75 -12.81 -1.75
C GLN B 16 22.90 -13.28 -0.57
N THR B 17 22.88 -12.45 0.47
CA THR B 17 22.18 -12.72 1.71
C THR B 17 21.04 -11.71 1.84
N PRO B 18 19.96 -12.01 2.59
CA PRO B 18 18.87 -11.02 2.71
C PRO B 18 19.28 -9.79 3.53
N GLN B 19 18.68 -8.63 3.20
CA GLN B 19 18.90 -7.35 3.87
C GLN B 19 17.84 -7.05 4.94
N ASN B 20 16.65 -7.69 4.88
CA ASN B 20 15.51 -7.42 5.75
C ASN B 20 14.76 -8.70 6.09
N LYS B 21 15.44 -9.64 6.72
CA LYS B 21 14.87 -10.94 7.05
C LYS B 21 14.07 -10.93 8.34
N ILE B 22 12.92 -11.63 8.32
CA ILE B 22 12.06 -11.83 9.49
C ILE B 22 11.85 -13.33 9.65
N THR B 23 11.91 -13.82 10.92
CA THR B 23 11.61 -15.20 11.27
C THR B 23 10.40 -15.25 12.18
N VAL B 24 9.53 -16.24 11.95
CA VAL B 24 8.36 -16.51 12.79
C VAL B 24 8.54 -17.92 13.35
N VAL B 25 8.63 -18.05 14.68
CA VAL B 25 8.79 -19.35 15.35
C VAL B 25 7.43 -19.75 15.90
N GLY B 26 6.95 -20.90 15.41
CA GLY B 26 5.64 -21.47 15.71
C GLY B 26 4.67 -21.07 14.61
N VAL B 27 4.12 -22.06 13.89
CA VAL B 27 3.23 -21.84 12.77
C VAL B 27 1.78 -22.21 13.11
N GLY B 28 1.36 -21.86 14.33
CA GLY B 28 -0.02 -22.01 14.75
C GLY B 28 -0.86 -20.88 14.16
N ALA B 29 -2.11 -20.72 14.63
CA ALA B 29 -2.99 -19.66 14.12
C ALA B 29 -2.40 -18.26 14.32
N VAL B 30 -1.71 -18.02 15.45
CA VAL B 30 -1.10 -16.73 15.76
C VAL B 30 0.10 -16.47 14.82
N GLY B 31 0.99 -17.45 14.70
CA GLY B 31 2.17 -17.39 13.86
C GLY B 31 1.87 -17.14 12.41
N MET B 32 0.91 -17.85 11.86
CA MET B 32 0.52 -17.72 10.44
C MET B 32 -0.19 -16.39 10.14
N ALA B 33 -0.95 -15.86 11.11
CA ALA B 33 -1.63 -14.56 10.95
C ALA B 33 -0.59 -13.44 10.99
N CYS B 34 0.49 -13.62 11.78
CA CYS B 34 1.60 -12.66 11.85
C CYS B 34 2.28 -12.71 10.47
N ALA B 35 2.53 -13.93 9.96
CA ALA B 35 3.19 -14.16 8.68
C ALA B 35 2.46 -13.49 7.48
N ILE B 36 1.16 -13.75 7.30
CA ILE B 36 0.37 -13.18 6.20
C ILE B 36 0.32 -11.65 6.27
N SER B 37 0.17 -11.10 7.48
CA SER B 37 0.11 -9.66 7.70
C SER B 37 1.47 -9.00 7.36
N ILE B 38 2.60 -9.64 7.74
CA ILE B 38 3.95 -9.16 7.44
C ILE B 38 4.18 -9.22 5.92
N LEU B 39 3.73 -10.32 5.27
CA LEU B 39 3.87 -10.48 3.82
C LEU B 39 3.07 -9.45 3.05
N MET B 40 1.84 -9.16 3.51
CA MET B 40 0.97 -8.20 2.82
C MET B 40 1.35 -6.74 3.05
N LYS B 41 2.23 -6.46 4.01
CA LYS B 41 2.71 -5.11 4.32
C LYS B 41 4.13 -4.84 3.73
N ASP B 42 4.73 -5.83 3.02
CA ASP B 42 6.06 -5.76 2.37
C ASP B 42 7.16 -5.37 3.38
N LEU B 43 7.19 -6.02 4.53
CA LEU B 43 8.18 -5.64 5.56
C LEU B 43 9.50 -6.38 5.45
N ALA B 44 9.52 -7.53 4.75
CA ALA B 44 10.68 -8.38 4.62
C ALA B 44 11.06 -8.74 3.18
N ASP B 45 12.35 -9.04 2.92
CA ASP B 45 12.82 -9.53 1.63
C ASP B 45 12.97 -11.05 1.72
N GLU B 46 12.91 -11.58 2.95
CA GLU B 46 12.99 -13.01 3.23
C GLU B 46 12.20 -13.32 4.51
N LEU B 47 11.36 -14.36 4.45
CA LEU B 47 10.60 -14.83 5.60
C LEU B 47 10.95 -16.28 5.88
N ALA B 48 11.31 -16.57 7.14
CA ALA B 48 11.63 -17.91 7.60
C ALA B 48 10.60 -18.35 8.64
N LEU B 49 10.18 -19.62 8.54
CA LEU B 49 9.22 -20.22 9.47
C LEU B 49 9.86 -21.43 10.16
N VAL B 50 9.69 -21.52 11.49
CA VAL B 50 10.23 -22.63 12.29
C VAL B 50 9.10 -23.19 13.14
N ASP B 51 9.08 -24.51 13.31
CA ASP B 51 8.15 -25.26 14.15
C ASP B 51 8.77 -26.67 14.40
N VAL B 52 8.15 -27.45 15.30
CA VAL B 52 8.55 -28.83 15.61
C VAL B 52 7.73 -29.83 14.77
N ILE B 53 6.52 -29.43 14.34
CA ILE B 53 5.62 -30.25 13.52
C ILE B 53 6.07 -30.01 12.08
N GLU B 54 6.79 -31.00 11.51
CA GLU B 54 7.40 -30.90 10.20
C GLU B 54 6.42 -30.86 9.02
N ASP B 55 5.31 -31.60 9.09
CA ASP B 55 4.29 -31.63 8.04
C ASP B 55 3.57 -30.27 7.92
N LYS B 56 2.97 -29.81 9.03
CA LYS B 56 2.28 -28.52 9.10
C LYS B 56 3.21 -27.38 8.63
N LEU B 57 4.47 -27.37 9.11
CA LEU B 57 5.49 -26.39 8.75
C LEU B 57 5.73 -26.30 7.23
N LYS B 58 5.99 -27.46 6.58
CA LYS B 58 6.19 -27.53 5.13
C LYS B 58 4.93 -27.05 4.36
N GLY B 59 3.75 -27.53 4.78
CA GLY B 59 2.47 -27.18 4.18
C GLY B 59 2.18 -25.69 4.24
N GLU B 60 2.47 -25.06 5.39
CA GLU B 60 2.28 -23.62 5.60
C GLU B 60 3.22 -22.81 4.71
N MET B 61 4.49 -23.25 4.61
CA MET B 61 5.50 -22.63 3.76
C MET B 61 5.06 -22.66 2.29
N MET B 62 4.63 -23.83 1.80
CA MET B 62 4.17 -24.06 0.43
C MET B 62 2.97 -23.16 0.07
N ASP B 63 1.97 -23.12 0.94
CA ASP B 63 0.76 -22.31 0.76
C ASP B 63 1.13 -20.83 0.57
N LEU B 64 2.04 -20.30 1.42
CA LEU B 64 2.53 -18.92 1.30
C LEU B 64 3.28 -18.72 -0.02
N GLN B 65 4.20 -19.66 -0.35
CA GLN B 65 4.98 -19.64 -1.59
C GLN B 65 4.08 -19.61 -2.82
N HIS B 66 2.95 -20.34 -2.77
CA HIS B 66 2.01 -20.38 -3.89
C HIS B 66 1.33 -19.03 -4.14
N GLY B 67 1.39 -18.13 -3.17
CA GLY B 67 0.85 -16.78 -3.28
C GLY B 67 1.88 -15.74 -3.70
N SER B 68 3.14 -16.17 -4.00
CA SER B 68 4.27 -15.31 -4.40
C SER B 68 3.96 -14.25 -5.47
N LEU B 69 3.19 -14.64 -6.51
CA LEU B 69 2.80 -13.78 -7.63
C LEU B 69 2.12 -12.49 -7.16
N PHE B 70 1.41 -12.56 -6.03
CA PHE B 70 0.66 -11.44 -5.44
C PHE B 70 1.41 -10.74 -4.30
N LEU B 71 2.66 -11.17 -4.04
CA LEU B 71 3.50 -10.61 -2.96
C LEU B 71 4.79 -9.95 -3.49
N ARG B 72 5.53 -9.28 -2.58
CA ARG B 72 6.79 -8.60 -2.88
CA ARG B 72 6.79 -8.60 -2.88
C ARG B 72 7.90 -9.10 -1.95
N THR B 73 7.81 -10.37 -1.50
CA THR B 73 8.77 -11.05 -0.61
C THR B 73 9.28 -12.21 -1.44
N PRO B 74 10.49 -12.07 -2.04
CA PRO B 74 10.95 -13.07 -3.01
C PRO B 74 11.37 -14.43 -2.48
N LYS B 75 11.65 -14.55 -1.17
CA LYS B 75 12.10 -15.83 -0.61
C LYS B 75 11.40 -16.18 0.69
N ILE B 76 10.69 -17.31 0.68
CA ILE B 76 10.00 -17.88 1.85
C ILE B 76 10.61 -19.26 2.08
N VAL B 77 11.21 -19.44 3.28
CA VAL B 77 11.89 -20.67 3.70
C VAL B 77 11.31 -21.19 5.02
N SER B 78 11.53 -22.48 5.30
CA SER B 78 11.07 -23.10 6.53
C SER B 78 11.94 -24.29 6.89
N GLY B 79 11.96 -24.64 8.17
CA GLY B 79 12.75 -25.75 8.66
C GLY B 79 12.71 -25.92 10.16
N LYS B 80 13.01 -27.14 10.61
CA LYS B 80 13.09 -27.55 12.02
C LYS B 80 14.42 -27.01 12.55
N ASP B 81 15.45 -26.97 11.68
CA ASP B 81 16.79 -26.48 11.99
C ASP B 81 16.82 -24.95 11.89
N TYR B 82 17.46 -24.30 12.87
CA TYR B 82 17.53 -22.85 12.96
C TYR B 82 18.51 -22.19 11.98
N ASN B 83 19.19 -22.98 11.13
CA ASN B 83 20.08 -22.44 10.10
C ASN B 83 19.28 -21.62 9.07
N VAL B 84 17.97 -21.95 8.89
CA VAL B 84 17.05 -21.24 8.00
C VAL B 84 16.78 -19.80 8.50
N THR B 85 17.04 -19.52 9.80
CA THR B 85 16.78 -18.24 10.46
C THR B 85 17.99 -17.30 10.48
N ALA B 86 19.15 -17.77 9.97
CA ALA B 86 20.40 -17.01 9.97
C ALA B 86 20.27 -15.56 9.43
N ASN B 87 20.80 -14.60 10.21
CA ASN B 87 20.86 -13.15 9.98
C ASN B 87 19.45 -12.49 9.82
N SER B 88 18.52 -12.85 10.72
CA SER B 88 17.19 -12.25 10.78
C SER B 88 17.33 -10.95 11.55
N LYS B 89 16.64 -9.89 11.09
CA LYS B 89 16.63 -8.59 11.77
C LYS B 89 15.67 -8.65 12.96
N LEU B 90 14.56 -9.39 12.78
CA LEU B 90 13.49 -9.54 13.76
C LEU B 90 13.05 -11.00 13.83
N VAL B 91 12.95 -11.54 15.07
CA VAL B 91 12.51 -12.91 15.31
C VAL B 91 11.29 -12.85 16.19
N ILE B 92 10.15 -13.33 15.66
CA ILE B 92 8.85 -13.34 16.35
C ILE B 92 8.58 -14.72 16.92
N ILE B 93 8.40 -14.78 18.26
CA ILE B 93 8.15 -16.04 18.96
C ILE B 93 6.69 -16.15 19.31
N THR B 94 6.01 -17.11 18.67
CA THR B 94 4.58 -17.42 18.86
C THR B 94 4.42 -18.91 19.24
N ALA B 95 5.52 -19.61 19.56
CA ALA B 95 5.51 -21.02 19.92
C ALA B 95 5.04 -21.19 21.35
N GLY B 96 4.23 -22.20 21.59
CA GLY B 96 3.68 -22.44 22.92
C GLY B 96 3.06 -23.79 23.16
N ALA B 97 3.04 -24.18 24.44
CA ALA B 97 2.44 -25.42 24.92
C ALA B 97 0.91 -25.27 24.94
N ARG B 98 0.21 -26.39 24.75
CA ARG B 98 -1.24 -26.47 24.84
C ARG B 98 -1.58 -26.86 26.29
N GLN B 99 -2.44 -26.07 27.00
CA GLN B 99 -2.85 -26.47 28.36
C GLN B 99 -3.55 -27.83 28.27
N GLN B 100 -3.11 -28.77 29.12
CA GLN B 100 -3.42 -30.18 29.06
C GLN B 100 -4.50 -30.76 29.97
N GLU B 101 -5.50 -29.95 30.41
CA GLU B 101 -6.65 -30.42 31.21
C GLU B 101 -6.27 -30.96 32.60
N GLY B 102 -6.58 -30.16 33.63
CA GLY B 102 -6.23 -30.48 35.01
C GLY B 102 -4.81 -30.06 35.32
N GLU B 103 -4.19 -29.35 34.36
CA GLU B 103 -2.83 -28.83 34.46
C GLU B 103 -2.85 -27.46 35.16
N SER B 104 -1.98 -27.29 36.18
CA SER B 104 -1.87 -26.04 36.93
C SER B 104 -1.22 -24.99 36.08
N ARG B 105 -1.61 -23.72 36.29
CA ARG B 105 -1.11 -22.55 35.58
C ARG B 105 0.41 -22.43 35.69
N LEU B 106 0.98 -22.81 36.85
CA LEU B 106 2.42 -22.81 37.09
C LEU B 106 3.12 -23.86 36.19
N ASN B 107 2.56 -25.08 36.09
CA ASN B 107 3.11 -26.17 35.27
C ASN B 107 3.17 -25.77 33.78
N LEU B 108 2.11 -25.11 33.28
CA LEU B 108 2.01 -24.60 31.91
C LEU B 108 3.10 -23.53 31.63
N VAL B 109 3.37 -22.64 32.61
CA VAL B 109 4.40 -21.59 32.53
C VAL B 109 5.75 -22.28 32.39
N GLN B 110 6.02 -23.30 33.24
CA GLN B 110 7.28 -24.05 33.22
C GLN B 110 7.44 -24.87 31.93
N ARG B 111 6.32 -25.32 31.33
CA ARG B 111 6.42 -26.04 30.05
C ARG B 111 6.80 -25.09 28.91
N ASN B 112 6.34 -23.82 28.99
CA ASN B 112 6.73 -22.79 28.03
C ASN B 112 8.20 -22.38 28.23
N VAL B 113 8.66 -22.35 29.49
CA VAL B 113 10.06 -22.10 29.88
C VAL B 113 10.94 -23.21 29.24
N ASN B 114 10.50 -24.48 29.31
CA ASN B 114 11.28 -25.57 28.72
C ASN B 114 11.35 -25.46 27.20
N ILE B 115 10.26 -24.96 26.57
CA ILE B 115 10.19 -24.74 25.11
C ILE B 115 11.21 -23.64 24.75
N PHE B 116 11.22 -22.52 25.51
CA PHE B 116 12.12 -21.38 25.34
C PHE B 116 13.59 -21.74 25.53
N LYS B 117 13.90 -22.66 26.47
CA LYS B 117 15.27 -23.16 26.71
C LYS B 117 15.87 -23.82 25.46
N PHE B 118 15.03 -24.26 24.49
CA PHE B 118 15.49 -24.87 23.24
CA PHE B 118 15.54 -24.85 23.25
C PHE B 118 15.54 -23.83 22.11
N ILE B 119 14.47 -23.01 22.01
CA ILE B 119 14.31 -21.99 20.99
C ILE B 119 15.32 -20.84 21.08
N ILE B 120 15.34 -20.14 22.22
CA ILE B 120 16.13 -18.93 22.42
C ILE B 120 17.64 -19.13 22.14
N PRO B 121 18.37 -20.15 22.67
CA PRO B 121 19.79 -20.29 22.30
C PRO B 121 20.02 -20.51 20.81
N ASN B 122 19.07 -21.17 20.12
CA ASN B 122 19.14 -21.44 18.68
C ASN B 122 18.96 -20.19 17.87
N VAL B 123 18.04 -19.32 18.29
CA VAL B 123 17.77 -18.03 17.64
C VAL B 123 19.02 -17.13 17.77
N VAL B 124 19.57 -17.03 18.98
CA VAL B 124 20.75 -16.21 19.32
C VAL B 124 21.98 -16.63 18.51
N LYS B 125 22.15 -17.95 18.34
CA LYS B 125 23.25 -18.56 17.59
C LYS B 125 23.29 -18.06 16.14
N TYR B 126 22.13 -18.06 15.44
CA TYR B 126 22.06 -17.68 14.03
C TYR B 126 21.76 -16.20 13.77
N SER B 127 21.17 -15.49 14.74
CA SER B 127 20.89 -14.06 14.60
C SER B 127 21.24 -13.34 15.91
N PRO B 128 22.55 -13.17 16.23
CA PRO B 128 22.92 -12.54 17.51
C PRO B 128 22.54 -11.06 17.64
N ASN B 129 22.36 -10.35 16.53
CA ASN B 129 22.01 -8.93 16.56
C ASN B 129 20.53 -8.65 16.29
N CYS B 130 19.68 -9.70 16.27
CA CYS B 130 18.24 -9.56 16.02
C CYS B 130 17.51 -8.90 17.18
N LYS B 131 16.30 -8.43 16.88
CA LYS B 131 15.37 -7.96 17.88
C LYS B 131 14.42 -9.15 18.11
N LEU B 132 14.15 -9.48 19.38
CA LEU B 132 13.22 -10.55 19.73
C LEU B 132 11.87 -9.96 20.06
N LEU B 133 10.81 -10.47 19.41
CA LEU B 133 9.45 -10.04 19.69
C LEU B 133 8.67 -11.25 20.20
N ILE B 134 8.30 -11.23 21.48
CA ILE B 134 7.62 -12.33 22.18
C ILE B 134 6.12 -12.16 22.19
N VAL B 135 5.39 -13.17 21.70
CA VAL B 135 3.92 -13.16 21.65
C VAL B 135 3.34 -14.20 22.63
N SER B 136 3.99 -15.40 22.70
CA SER B 136 3.66 -16.56 23.54
C SER B 136 3.30 -16.15 24.98
N ASN B 137 2.27 -16.77 25.54
CA ASN B 137 1.76 -16.44 26.88
C ASN B 137 2.26 -17.33 28.04
N PRO B 138 2.31 -16.80 29.31
CA PRO B 138 2.05 -15.42 29.74
C PRO B 138 3.19 -14.54 29.23
N VAL B 139 2.85 -13.66 28.28
CA VAL B 139 3.79 -12.83 27.51
C VAL B 139 4.79 -12.06 28.38
N ASP B 140 4.35 -11.46 29.51
CA ASP B 140 5.26 -10.72 30.38
C ASP B 140 6.33 -11.61 31.02
N ILE B 141 5.93 -12.82 31.45
CA ILE B 141 6.86 -13.81 32.02
C ILE B 141 7.79 -14.34 30.92
N LEU B 142 7.23 -14.67 29.75
CA LEU B 142 8.03 -15.24 28.65
C LEU B 142 8.99 -14.25 28.00
N THR B 143 8.72 -12.93 28.11
CA THR B 143 9.64 -11.91 27.61
C THR B 143 10.86 -11.89 28.54
N TYR B 144 10.61 -12.01 29.87
CA TYR B 144 11.64 -12.08 30.90
C TYR B 144 12.52 -13.32 30.66
N VAL B 145 11.88 -14.47 30.46
CA VAL B 145 12.51 -15.75 30.19
C VAL B 145 13.42 -15.62 28.94
N ALA B 146 12.90 -15.00 27.84
CA ALA B 146 13.68 -14.78 26.61
C ALA B 146 14.90 -13.89 26.86
N TRP B 147 14.73 -12.82 27.66
CA TRP B 147 15.78 -11.87 28.01
C TRP B 147 16.87 -12.55 28.85
N LYS B 148 16.45 -13.38 29.83
CA LYS B 148 17.35 -14.13 30.70
C LYS B 148 18.19 -15.14 29.92
N ILE B 149 17.55 -15.99 29.08
CA ILE B 149 18.25 -17.01 28.29
C ILE B 149 19.16 -16.38 27.22
N SER B 150 18.65 -15.40 26.45
CA SER B 150 19.42 -14.77 25.35
C SER B 150 20.66 -14.03 25.80
N GLY B 151 20.56 -13.31 26.90
CA GLY B 151 21.64 -12.44 27.36
C GLY B 151 21.66 -11.15 26.56
N PHE B 152 20.56 -10.86 25.83
CA PHE B 152 20.44 -9.65 25.00
C PHE B 152 20.24 -8.40 25.88
N PRO B 153 20.65 -7.20 25.40
CA PRO B 153 20.32 -5.97 26.17
C PRO B 153 18.80 -5.79 26.13
N LYS B 154 18.21 -5.16 27.16
CA LYS B 154 16.76 -4.98 27.30
C LYS B 154 16.08 -4.35 26.05
N ASN B 155 16.78 -3.49 25.28
CA ASN B 155 16.23 -2.85 24.08
C ASN B 155 15.88 -3.82 22.96
N ARG B 156 16.56 -4.97 22.93
CA ARG B 156 16.35 -5.97 21.88
C ARG B 156 15.38 -7.12 22.28
N VAL B 157 14.75 -7.05 23.47
CA VAL B 157 13.77 -8.05 23.92
C VAL B 157 12.44 -7.34 24.17
N ILE B 158 11.53 -7.43 23.19
CA ILE B 158 10.23 -6.76 23.18
C ILE B 158 9.12 -7.79 23.37
N GLY B 159 8.21 -7.52 24.30
CA GLY B 159 7.02 -8.34 24.53
C GLY B 159 5.83 -7.69 23.86
N SER B 160 4.97 -8.48 23.20
CA SER B 160 3.74 -8.00 22.55
C SER B 160 2.89 -7.20 23.55
N GLY B 161 2.92 -7.66 24.80
CA GLY B 161 2.29 -7.04 25.97
C GLY B 161 0.88 -6.54 25.78
N CYS B 162 0.65 -5.23 26.04
CA CYS B 162 -0.69 -4.62 25.98
C CYS B 162 -1.02 -4.00 24.65
N ASN B 163 -0.32 -4.43 23.57
CA ASN B 163 -0.57 -3.90 22.23
C ASN B 163 -1.98 -4.30 21.74
N LEU B 164 -2.36 -5.58 21.88
CA LEU B 164 -3.70 -6.08 21.50
C LEU B 164 -4.78 -5.53 22.45
N ASP B 165 -4.47 -5.46 23.76
CA ASP B 165 -5.40 -4.94 24.78
C ASP B 165 -5.82 -3.51 24.40
N SER B 166 -4.82 -2.67 24.04
CA SER B 166 -5.00 -1.27 23.63
C SER B 166 -5.76 -1.17 22.31
N ALA B 167 -5.49 -2.09 21.34
CA ALA B 167 -6.15 -2.14 20.01
C ALA B 167 -7.64 -2.45 20.19
N ARG B 168 -7.97 -3.45 21.07
CA ARG B 168 -9.36 -3.81 21.41
C ARG B 168 -10.06 -2.62 22.11
N PHE B 169 -9.35 -1.94 23.02
CA PHE B 169 -9.87 -0.79 23.77
C PHE B 169 -10.29 0.34 22.82
N ARG B 170 -9.41 0.67 21.88
CA ARG B 170 -9.60 1.72 20.89
C ARG B 170 -10.72 1.38 19.92
N TYR B 171 -10.90 0.07 19.61
CA TYR B 171 -12.00 -0.42 18.79
C TYR B 171 -13.32 -0.12 19.50
N LEU B 172 -13.44 -0.52 20.79
CA LEU B 172 -14.65 -0.34 21.61
C LEU B 172 -14.96 1.14 21.89
N MET B 173 -13.90 1.94 22.13
CA MET B 173 -14.00 3.38 22.33
C MET B 173 -14.57 4.02 21.05
N GLY B 174 -14.06 3.60 19.89
CA GLY B 174 -14.50 4.04 18.57
C GLY B 174 -15.95 3.74 18.28
N GLU B 175 -16.43 2.56 18.71
CA GLU B 175 -17.83 2.15 18.55
C GLU B 175 -18.74 3.02 19.40
N ARG B 176 -18.32 3.35 20.64
CA ARG B 176 -19.10 4.21 21.53
C ARG B 176 -19.20 5.64 21.02
N LEU B 177 -18.12 6.15 20.42
CA LEU B 177 -18.09 7.54 19.96
C LEU B 177 -18.43 7.76 18.49
N GLY B 178 -18.50 6.68 17.70
CA GLY B 178 -18.76 6.77 16.27
C GLY B 178 -17.60 7.45 15.55
N VAL B 179 -16.37 7.13 15.99
CA VAL B 179 -15.10 7.67 15.47
C VAL B 179 -14.18 6.48 15.15
N HIS B 180 -13.32 6.61 14.10
CA HIS B 180 -12.37 5.55 13.74
C HIS B 180 -11.40 5.29 14.91
N PRO B 181 -11.06 4.00 15.24
CA PRO B 181 -10.09 3.72 16.33
C PRO B 181 -8.80 4.54 16.27
N LEU B 182 -8.29 4.82 15.06
CA LEU B 182 -7.07 5.63 14.83
C LEU B 182 -7.16 6.99 15.51
N SER B 183 -8.36 7.60 15.51
CA SER B 183 -8.58 8.93 16.11
C SER B 183 -9.04 8.87 17.59
N CYS B 184 -9.17 7.66 18.14
CA CYS B 184 -9.56 7.42 19.53
C CYS B 184 -8.35 6.97 20.29
N HIS B 185 -7.76 7.89 21.07
CA HIS B 185 -6.54 7.61 21.80
C HIS B 185 -6.82 7.16 23.22
N GLY B 186 -6.14 6.09 23.63
CA GLY B 186 -6.31 5.49 24.94
C GLY B 186 -5.30 4.40 25.15
N TRP B 187 -4.70 4.34 26.34
CA TRP B 187 -3.64 3.40 26.66
C TRP B 187 -4.01 2.43 27.76
N VAL B 188 -3.80 1.13 27.47
CA VAL B 188 -4.00 0.03 28.41
C VAL B 188 -2.59 -0.46 28.68
N LEU B 189 -2.15 -0.34 29.95
CA LEU B 189 -0.77 -0.68 30.31
C LEU B 189 -0.64 -1.75 31.41
N GLY B 190 0.60 -2.04 31.79
CA GLY B 190 0.90 -3.01 32.82
C GLY B 190 0.95 -4.44 32.33
N GLU B 191 0.34 -5.33 33.10
CA GLU B 191 0.30 -6.76 32.82
C GLU B 191 -0.72 -7.08 31.74
N HIS B 192 -0.28 -7.78 30.68
CA HIS B 192 -1.16 -8.20 29.58
C HIS B 192 -2.27 -9.13 30.09
N GLY B 193 -3.48 -8.94 29.55
CA GLY B 193 -4.60 -9.80 29.89
C GLY B 193 -5.52 -9.28 30.98
N ASP B 194 -5.95 -10.21 31.85
CA ASP B 194 -6.91 -9.96 32.94
C ASP B 194 -6.56 -8.79 33.87
N SER B 195 -5.27 -8.63 34.21
CA SER B 195 -4.79 -7.63 35.17
C SER B 195 -4.30 -6.28 34.58
N SER B 196 -4.59 -6.03 33.27
CA SER B 196 -4.20 -4.80 32.57
C SER B 196 -4.83 -3.53 33.17
N VAL B 197 -4.19 -2.38 32.93
CA VAL B 197 -4.61 -1.11 33.50
C VAL B 197 -5.05 -0.08 32.43
N PRO B 198 -6.34 0.34 32.44
CA PRO B 198 -6.79 1.42 31.55
C PRO B 198 -6.39 2.78 32.13
N VAL B 199 -5.57 3.57 31.40
CA VAL B 199 -5.12 4.87 31.90
C VAL B 199 -6.15 5.94 31.46
N TRP B 200 -7.19 6.13 32.28
CA TRP B 200 -8.29 7.06 32.00
C TRP B 200 -7.85 8.48 31.69
N SER B 201 -6.78 8.98 32.35
CA SER B 201 -6.23 10.31 32.15
C SER B 201 -5.77 10.63 30.73
N GLY B 202 -5.29 9.62 30.00
CA GLY B 202 -4.80 9.77 28.64
C GLY B 202 -5.80 9.53 27.53
N MET B 203 -7.02 9.08 27.89
CA MET B 203 -8.10 8.77 26.96
C MET B 203 -8.61 10.08 26.34
N ASN B 204 -8.43 10.24 25.01
CA ASN B 204 -8.81 11.50 24.37
C ASN B 204 -9.13 11.35 22.89
N VAL B 205 -9.81 12.37 22.37
CA VAL B 205 -10.10 12.51 20.95
C VAL B 205 -9.65 13.92 20.65
N ALA B 206 -8.76 14.09 19.65
CA ALA B 206 -8.21 15.38 19.21
C ALA B 206 -7.59 16.22 20.35
N GLY B 207 -6.96 15.54 21.31
CA GLY B 207 -6.33 16.17 22.47
C GLY B 207 -7.32 16.67 23.52
N VAL B 208 -8.59 16.30 23.41
CA VAL B 208 -9.61 16.69 24.37
C VAL B 208 -9.75 15.54 25.35
N SER B 209 -9.31 15.75 26.59
CA SER B 209 -9.35 14.74 27.66
C SER B 209 -10.79 14.35 28.03
N LEU B 210 -11.11 13.05 27.91
CA LEU B 210 -12.42 12.50 28.25
C LEU B 210 -12.66 12.59 29.78
N LYS B 211 -11.60 12.41 30.60
CA LYS B 211 -11.61 12.50 32.06
C LYS B 211 -11.90 13.94 32.52
N THR B 212 -11.37 14.94 31.79
CA THR B 212 -11.62 16.34 32.13
C THR B 212 -13.10 16.70 31.82
N LEU B 213 -13.61 16.20 30.72
CA LEU B 213 -14.99 16.41 30.29
CA LEU B 213 -14.98 16.43 30.30
C LEU B 213 -15.98 15.63 31.14
N HIS B 214 -15.60 14.43 31.59
CA HIS B 214 -16.43 13.51 32.36
C HIS B 214 -15.63 13.00 33.57
N PRO B 215 -15.63 13.75 34.69
CA PRO B 215 -14.80 13.35 35.86
C PRO B 215 -15.05 11.96 36.44
N ASP B 216 -16.27 11.41 36.28
CA ASP B 216 -16.61 10.06 36.75
C ASP B 216 -16.01 8.95 35.86
N LEU B 217 -15.40 9.29 34.70
CA LEU B 217 -14.77 8.34 33.76
C LEU B 217 -13.82 7.38 34.48
N GLY B 218 -14.12 6.09 34.36
CA GLY B 218 -13.34 5.02 34.95
C GLY B 218 -13.71 4.61 36.37
N THR B 219 -14.68 5.32 37.00
CA THR B 219 -15.11 5.02 38.36
C THR B 219 -16.41 4.20 38.34
N ASP B 220 -16.76 3.59 39.50
CA ASP B 220 -18.00 2.84 39.69
C ASP B 220 -19.20 3.78 39.72
N LYS B 221 -18.99 5.07 40.09
CA LYS B 221 -20.04 6.11 40.15
C LYS B 221 -20.55 6.51 38.76
N ASP B 222 -19.77 6.23 37.72
CA ASP B 222 -20.07 6.60 36.34
C ASP B 222 -21.39 6.03 35.83
N LYS B 223 -22.35 6.93 35.57
CA LYS B 223 -23.69 6.60 35.06
C LYS B 223 -23.64 5.99 33.66
N GLU B 224 -22.61 6.35 32.87
CA GLU B 224 -22.40 5.83 31.51
C GLU B 224 -21.54 4.56 31.50
N GLN B 225 -21.00 4.17 32.67
CA GLN B 225 -20.20 2.96 32.89
C GLN B 225 -19.09 2.77 31.84
N TRP B 226 -18.21 3.79 31.72
CA TRP B 226 -17.06 3.72 30.80
C TRP B 226 -16.04 2.68 31.24
N LYS B 227 -16.05 2.28 32.52
CA LYS B 227 -15.21 1.24 33.10
C LYS B 227 -15.47 -0.11 32.38
N GLU B 228 -16.70 -0.27 31.82
CA GLU B 228 -17.14 -1.46 31.08
C GLU B 228 -16.40 -1.60 29.76
N VAL B 229 -15.86 -0.49 29.22
CA VAL B 229 -15.09 -0.51 27.96
C VAL B 229 -13.81 -1.32 28.19
N HIS B 230 -13.17 -1.16 29.36
CA HIS B 230 -12.00 -1.95 29.70
C HIS B 230 -12.43 -3.37 30.06
N LYS B 231 -13.57 -3.51 30.78
CA LYS B 231 -14.10 -4.83 31.14
C LYS B 231 -14.43 -5.67 29.89
N GLN B 232 -14.95 -5.02 28.85
CA GLN B 232 -15.30 -5.67 27.58
C GLN B 232 -14.06 -6.10 26.79
N VAL B 233 -12.90 -5.46 27.01
CA VAL B 233 -11.64 -5.85 26.38
C VAL B 233 -11.30 -7.24 26.89
N VAL B 234 -11.40 -7.46 28.21
CA VAL B 234 -11.10 -8.75 28.86
C VAL B 234 -12.17 -9.80 28.45
N GLU B 235 -13.47 -9.44 28.53
CA GLU B 235 -14.60 -10.30 28.17
C GLU B 235 -14.54 -10.73 26.70
N SER B 236 -14.18 -9.81 25.79
CA SER B 236 -14.10 -10.09 24.35
C SER B 236 -13.07 -11.16 24.02
N ALA B 237 -11.94 -11.19 24.77
CA ALA B 237 -10.88 -12.18 24.59
C ALA B 237 -11.42 -13.59 24.88
N TYR B 238 -12.18 -13.75 25.99
CA TYR B 238 -12.82 -15.01 26.38
C TYR B 238 -13.92 -15.38 25.38
N GLU B 239 -14.69 -14.37 24.92
CA GLU B 239 -15.76 -14.55 23.96
C GLU B 239 -15.26 -15.07 22.62
N VAL B 240 -14.14 -14.49 22.08
CA VAL B 240 -13.56 -14.93 20.81
C VAL B 240 -13.13 -16.39 20.90
N ILE B 241 -12.45 -16.76 22.01
CA ILE B 241 -12.00 -18.13 22.27
C ILE B 241 -13.20 -19.08 22.39
N LYS B 242 -14.28 -18.65 23.06
CA LYS B 242 -15.49 -19.46 23.21
C LYS B 242 -16.17 -19.70 21.84
N LEU B 243 -16.23 -18.65 20.99
CA LEU B 243 -16.89 -18.68 19.69
C LEU B 243 -16.13 -19.38 18.57
N LYS B 244 -14.80 -19.10 18.40
CA LYS B 244 -14.02 -19.70 17.31
C LYS B 244 -12.81 -20.58 17.78
N GLY B 245 -12.55 -20.64 19.10
CA GLY B 245 -11.51 -21.49 19.67
C GLY B 245 -10.14 -20.91 19.87
N TYR B 246 -9.86 -19.72 19.29
CA TYR B 246 -8.56 -19.05 19.34
C TYR B 246 -8.70 -17.64 18.78
N THR B 247 -7.64 -16.80 18.91
CA THR B 247 -7.58 -15.48 18.27
C THR B 247 -6.40 -15.51 17.29
N SER B 248 -6.59 -14.94 16.10
CA SER B 248 -5.52 -14.93 15.12
C SER B 248 -5.36 -13.60 14.41
N TRP B 249 -6.41 -13.12 13.72
CA TRP B 249 -6.39 -11.93 12.90
C TRP B 249 -5.94 -10.67 13.62
N ALA B 250 -6.58 -10.32 14.74
CA ALA B 250 -6.24 -9.10 15.50
C ALA B 250 -4.81 -9.11 16.04
N ILE B 251 -4.35 -10.26 16.57
CA ILE B 251 -2.99 -10.35 17.09
C ILE B 251 -1.96 -10.25 15.93
N GLY B 252 -2.22 -10.96 14.83
CA GLY B 252 -1.37 -10.93 13.66
C GLY B 252 -1.17 -9.54 13.09
N LEU B 253 -2.29 -8.76 12.98
CA LEU B 253 -2.30 -7.37 12.52
C LEU B 253 -1.53 -6.45 13.46
N SER B 254 -1.72 -6.63 14.79
CA SER B 254 -1.01 -5.85 15.82
C SER B 254 0.51 -6.09 15.81
N VAL B 255 0.93 -7.34 15.62
CA VAL B 255 2.34 -7.73 15.56
C VAL B 255 3.01 -7.14 14.29
N ALA B 256 2.31 -7.21 13.13
CA ALA B 256 2.82 -6.63 11.87
C ALA B 256 3.02 -5.12 12.00
N ASP B 257 2.16 -4.45 12.80
CA ASP B 257 2.29 -3.03 13.07
C ASP B 257 3.58 -2.73 13.86
N LEU B 258 3.91 -3.57 14.87
CA LEU B 258 5.15 -3.43 15.65
C LEU B 258 6.33 -3.66 14.73
N ALA B 259 6.26 -4.74 13.91
CA ALA B 259 7.27 -5.15 12.93
C ALA B 259 7.58 -4.00 11.96
N GLU B 260 6.54 -3.25 11.55
CA GLU B 260 6.71 -2.12 10.65
C GLU B 260 7.60 -1.03 11.25
N SER B 261 7.35 -0.66 12.52
CA SER B 261 8.13 0.36 13.21
C SER B 261 9.58 -0.06 13.41
N ILE B 262 9.81 -1.33 13.77
CA ILE B 262 11.15 -1.86 13.95
C ILE B 262 11.92 -1.92 12.60
N MET B 263 11.33 -2.59 11.57
CA MET B 263 11.96 -2.76 10.25
C MET B 263 12.26 -1.46 9.54
N LYS B 264 11.38 -0.47 9.66
CA LYS B 264 11.51 0.82 8.99
C LYS B 264 12.10 1.93 9.87
N ASN B 265 12.45 1.61 11.13
CA ASN B 265 13.03 2.54 12.12
C ASN B 265 12.14 3.80 12.28
N LEU B 266 10.83 3.58 12.36
CA LEU B 266 9.86 4.68 12.42
C LEU B 266 9.92 5.52 13.69
N ARG B 267 10.27 4.93 14.84
CA ARG B 267 10.31 5.62 16.13
C ARG B 267 8.90 6.07 16.55
N ARG B 268 7.91 5.19 16.30
CA ARG B 268 6.52 5.38 16.69
C ARG B 268 6.39 4.82 18.10
N VAL B 269 5.42 5.30 18.87
CA VAL B 269 5.18 4.88 20.25
C VAL B 269 4.11 3.79 20.30
N HIS B 270 4.45 2.63 20.91
CA HIS B 270 3.55 1.48 21.01
C HIS B 270 3.46 0.96 22.46
N PRO B 271 2.28 0.44 22.92
CA PRO B 271 2.25 -0.16 24.27
C PRO B 271 2.78 -1.60 24.21
N VAL B 272 4.04 -1.77 24.59
CA VAL B 272 4.69 -3.09 24.56
C VAL B 272 5.38 -3.40 25.89
N SER B 273 5.65 -4.69 26.13
CA SER B 273 6.26 -5.13 27.39
C SER B 273 7.76 -4.94 27.36
N THR B 274 8.27 -4.20 28.36
CA THR B 274 9.69 -3.89 28.55
C THR B 274 10.09 -4.05 30.03
N MET B 275 11.39 -4.11 30.30
CA MET B 275 11.95 -4.21 31.65
C MET B 275 11.59 -2.91 32.42
N ILE B 276 10.65 -2.99 33.40
CA ILE B 276 10.15 -1.83 34.14
C ILE B 276 10.82 -1.59 35.49
N LYS B 277 11.83 -2.42 35.84
CA LYS B 277 12.59 -2.24 37.10
C LYS B 277 13.09 -0.79 37.16
N GLY B 278 12.80 -0.10 38.26
CA GLY B 278 13.19 1.29 38.43
C GLY B 278 12.07 2.28 38.18
N LEU B 279 10.92 1.79 37.73
CA LEU B 279 9.75 2.64 37.47
C LEU B 279 8.64 2.22 38.37
N TYR B 280 7.86 3.20 38.84
CA TYR B 280 6.69 3.01 39.68
C TYR B 280 7.00 2.24 40.98
N GLY B 281 8.21 2.41 41.48
CA GLY B 281 8.69 1.75 42.69
C GLY B 281 9.00 0.28 42.57
N ILE B 282 9.03 -0.27 41.33
CA ILE B 282 9.31 -1.68 41.08
C ILE B 282 10.80 -1.96 41.14
N LYS B 283 11.18 -2.95 41.97
CA LYS B 283 12.58 -3.32 42.18
C LYS B 283 12.94 -4.66 41.55
N ASP B 284 11.94 -5.43 41.12
CA ASP B 284 12.18 -6.76 40.55
C ASP B 284 12.39 -6.76 39.05
N ASP B 285 13.04 -7.84 38.54
CA ASP B 285 13.32 -8.05 37.13
C ASP B 285 12.06 -8.53 36.45
N VAL B 286 11.11 -7.61 36.21
CA VAL B 286 9.84 -7.95 35.58
C VAL B 286 9.59 -7.04 34.37
N PHE B 287 8.85 -7.58 33.40
CA PHE B 287 8.47 -6.90 32.18
C PHE B 287 7.00 -6.53 32.23
N LEU B 288 6.69 -5.26 31.97
CA LEU B 288 5.34 -4.73 31.94
C LEU B 288 5.19 -3.77 30.78
N SER B 289 3.95 -3.54 30.35
CA SER B 289 3.73 -2.64 29.23
C SER B 289 3.65 -1.18 29.60
N VAL B 290 4.43 -0.39 28.88
CA VAL B 290 4.46 1.07 28.91
C VAL B 290 4.59 1.53 27.45
N PRO B 291 4.27 2.81 27.09
CA PRO B 291 4.48 3.25 25.71
C PRO B 291 5.99 3.33 25.38
N CYS B 292 6.42 2.54 24.39
CA CYS B 292 7.82 2.46 23.97
C CYS B 292 8.02 3.00 22.56
N ILE B 293 9.18 3.61 22.31
CA ILE B 293 9.58 4.13 21.00
C ILE B 293 10.31 2.97 20.30
N LEU B 294 9.72 2.49 19.19
CA LEU B 294 10.25 1.36 18.42
C LEU B 294 10.95 1.77 17.14
N GLY B 295 12.15 1.25 16.97
CA GLY B 295 12.98 1.52 15.81
C GLY B 295 13.90 0.35 15.51
N GLN B 296 14.96 0.61 14.72
CA GLN B 296 15.92 -0.41 14.30
C GLN B 296 16.74 -1.05 15.46
N ASN B 297 16.81 -0.41 16.62
CA ASN B 297 17.50 -0.96 17.80
C ASN B 297 16.48 -1.53 18.83
N GLY B 298 15.22 -1.70 18.40
CA GLY B 298 14.14 -2.18 19.24
C GLY B 298 13.57 -1.05 20.07
N ILE B 299 13.53 -1.21 21.41
CA ILE B 299 13.05 -0.15 22.31
C ILE B 299 14.23 0.73 22.68
N SER B 300 14.33 1.90 22.06
CA SER B 300 15.43 2.83 22.33
C SER B 300 15.08 3.74 23.51
N ASP B 301 13.78 3.99 23.68
CA ASP B 301 13.28 4.89 24.69
C ASP B 301 11.91 4.46 25.17
N LEU B 302 11.50 4.97 26.33
CA LEU B 302 10.16 4.71 26.81
C LEU B 302 9.54 6.01 27.32
N VAL B 303 8.20 6.13 27.21
CA VAL B 303 7.44 7.30 27.69
C VAL B 303 7.15 7.09 29.18
N LYS B 304 7.48 8.11 30.01
CA LYS B 304 7.24 8.06 31.45
C LYS B 304 5.84 8.62 31.71
N VAL B 305 4.85 7.72 31.69
CA VAL B 305 3.43 8.05 31.92
C VAL B 305 3.22 8.35 33.39
N THR B 306 2.52 9.45 33.67
CA THR B 306 2.22 9.80 35.05
C THR B 306 0.97 9.01 35.41
N LEU B 307 1.12 8.10 36.36
CA LEU B 307 0.04 7.26 36.83
C LEU B 307 -0.46 7.72 38.19
N THR B 308 -1.76 7.51 38.45
CA THR B 308 -2.36 7.83 39.75
C THR B 308 -1.83 6.82 40.76
N SER B 309 -2.03 7.08 42.07
CA SER B 309 -1.60 6.20 43.14
C SER B 309 -2.19 4.78 42.97
N GLU B 310 -3.49 4.70 42.59
CA GLU B 310 -4.18 3.43 42.34
C GLU B 310 -3.56 2.69 41.15
N GLU B 311 -3.25 3.41 40.04
CA GLU B 311 -2.65 2.81 38.84
C GLU B 311 -1.24 2.28 39.14
N GLU B 312 -0.45 3.07 39.87
CA GLU B 312 0.90 2.72 40.31
C GLU B 312 0.89 1.42 41.14
N ALA B 313 -0.08 1.33 42.10
CA ALA B 313 -0.27 0.16 42.97
C ALA B 313 -0.65 -1.09 42.19
N ARG B 314 -1.47 -0.95 41.13
CA ARG B 314 -1.88 -2.08 40.27
C ARG B 314 -0.69 -2.68 39.50
N LEU B 315 0.22 -1.81 39.00
CA LEU B 315 1.42 -2.25 38.30
C LEU B 315 2.40 -2.90 39.26
N LYS B 316 2.50 -2.34 40.48
CA LYS B 316 3.35 -2.85 41.57
C LYS B 316 2.90 -4.24 41.98
N LYS B 317 1.57 -4.44 42.09
CA LYS B 317 0.96 -5.73 42.45
C LYS B 317 1.28 -6.78 41.39
N SER B 318 1.15 -6.41 40.09
CA SER B 318 1.45 -7.27 38.95
C SER B 318 2.93 -7.68 38.98
N ALA B 319 3.83 -6.72 39.28
CA ALA B 319 5.27 -6.95 39.38
C ALA B 319 5.59 -7.97 40.44
N ASP B 320 4.97 -7.83 41.62
CA ASP B 320 5.14 -8.74 42.75
C ASP B 320 4.67 -10.16 42.39
N THR B 321 3.51 -10.27 41.72
CA THR B 321 2.95 -11.54 41.29
C THR B 321 3.86 -12.22 40.26
N LEU B 322 4.28 -11.50 39.20
CA LEU B 322 5.14 -12.06 38.16
C LEU B 322 6.46 -12.51 38.74
N TRP B 323 7.09 -11.68 39.60
CA TRP B 323 8.35 -12.07 40.25
C TRP B 323 8.20 -13.34 41.10
N GLY B 324 7.07 -13.46 41.82
CA GLY B 324 6.71 -14.62 42.64
C GLY B 324 6.71 -15.90 41.84
N ILE B 325 6.23 -15.85 40.58
CA ILE B 325 6.23 -16.98 39.65
C ILE B 325 7.65 -17.20 39.10
N GLN B 326 8.28 -16.13 38.60
CA GLN B 326 9.62 -16.13 38.01
C GLN B 326 10.71 -16.68 38.89
N LYS B 327 10.73 -16.32 40.21
CA LYS B 327 11.74 -16.79 41.16
C LYS B 327 11.74 -18.32 41.34
N GLU B 328 10.59 -18.95 41.10
CA GLU B 328 10.35 -20.40 41.21
C GLU B 328 10.62 -21.18 39.90
N LEU B 329 10.98 -20.48 38.80
CA LEU B 329 11.24 -21.12 37.51
C LEU B 329 12.59 -21.75 37.42
N GLN B 330 12.62 -22.95 36.80
CA GLN B 330 13.83 -23.74 36.56
C GLN B 330 14.35 -23.45 35.16
N PHE B 331 15.57 -22.90 35.06
CA PHE B 331 16.21 -22.54 33.80
C PHE B 331 17.19 -23.62 33.31
N ALA C 1 15.43 19.45 35.01
CA ALA C 1 15.29 18.54 33.88
C ALA C 1 14.43 19.15 32.78
N THR C 2 14.76 18.86 31.52
CA THR C 2 14.01 19.36 30.35
C THR C 2 12.71 18.56 30.20
N LEU C 3 11.73 19.12 29.45
CA LEU C 3 10.45 18.48 29.15
C LEU C 3 10.69 17.10 28.47
N LYS C 4 11.65 17.04 27.51
CA LYS C 4 12.01 15.81 26.80
C LYS C 4 12.47 14.73 27.78
N ASP C 5 13.34 15.11 28.74
CA ASP C 5 13.86 14.20 29.76
C ASP C 5 12.81 13.77 30.78
N GLN C 6 11.83 14.64 31.05
CA GLN C 6 10.74 14.35 31.97
C GLN C 6 9.74 13.39 31.30
N LEU C 7 9.56 13.56 29.98
CA LEU C 7 8.63 12.75 29.20
C LEU C 7 9.21 11.40 28.77
N ILE C 8 10.48 11.39 28.34
CA ILE C 8 11.11 10.21 27.77
C ILE C 8 12.36 9.74 28.51
N TYR C 9 12.39 8.45 28.85
CA TYR C 9 13.57 7.82 29.44
C TYR C 9 14.34 7.13 28.30
N ASN C 10 15.63 7.44 28.17
CA ASN C 10 16.49 6.87 27.13
C ASN C 10 17.20 5.58 27.56
N LEU C 11 17.05 4.51 26.76
CA LEU C 11 17.69 3.21 27.00
C LEU C 11 19.08 3.16 26.35
N LEU C 12 19.19 3.71 25.12
CA LEU C 12 20.44 3.81 24.38
C LEU C 12 20.47 4.95 23.38
N LYS C 13 21.68 5.46 23.12
CA LYS C 13 21.98 6.56 22.21
C LYS C 13 22.74 6.05 20.95
N GLU C 14 22.74 4.73 20.70
CA GLU C 14 23.41 4.11 19.55
C GLU C 14 22.62 4.39 18.26
N GLU C 15 23.20 5.22 17.37
CA GLU C 15 22.59 5.58 16.10
C GLU C 15 23.30 4.87 14.95
N GLN C 16 22.68 3.76 14.49
CA GLN C 16 23.17 2.92 13.40
C GLN C 16 23.30 3.63 12.06
N THR C 17 24.00 2.99 11.10
CA THR C 17 24.12 3.48 9.74
C THR C 17 22.75 3.23 9.03
N PRO C 18 22.26 4.10 8.12
CA PRO C 18 20.96 3.83 7.47
C PRO C 18 21.02 2.51 6.67
N GLN C 19 19.97 1.72 6.79
CA GLN C 19 19.90 0.39 6.19
C GLN C 19 19.38 0.36 4.77
N ASN C 20 18.49 1.31 4.40
CA ASN C 20 17.89 1.34 3.07
C ASN C 20 17.88 2.77 2.53
N LYS C 21 19.05 3.38 2.41
CA LYS C 21 19.18 4.77 1.97
C LYS C 21 19.19 4.91 0.45
N ILE C 22 18.50 5.95 -0.03
CA ILE C 22 18.44 6.33 -1.44
C ILE C 22 18.84 7.79 -1.56
N THR C 23 19.68 8.11 -2.58
CA THR C 23 20.07 9.48 -2.89
C THR C 23 19.56 9.85 -4.27
N VAL C 24 19.07 11.07 -4.41
CA VAL C 24 18.64 11.63 -5.70
C VAL C 24 19.55 12.85 -5.96
N VAL C 25 20.31 12.82 -7.06
CA VAL C 25 21.19 13.92 -7.46
C VAL C 25 20.49 14.71 -8.57
N GLY C 26 20.15 15.96 -8.27
CA GLY C 26 19.45 16.87 -9.15
C GLY C 26 18.01 16.99 -8.72
N VAL C 27 17.60 18.19 -8.28
CA VAL C 27 16.26 18.42 -7.76
C VAL C 27 15.38 19.22 -8.76
N GLY C 28 15.55 18.93 -10.05
CA GLY C 28 14.69 19.48 -11.08
C GLY C 28 13.38 18.70 -11.09
N ALA C 29 12.54 18.93 -12.10
CA ALA C 29 11.24 18.27 -12.18
C ALA C 29 11.35 16.73 -12.17
N VAL C 30 12.37 16.19 -12.84
CA VAL C 30 12.61 14.74 -12.90
C VAL C 30 13.01 14.17 -11.54
N GLY C 31 14.03 14.75 -10.90
CA GLY C 31 14.51 14.32 -9.59
C GLY C 31 13.44 14.35 -8.51
N MET C 32 12.67 15.47 -8.44
CA MET C 32 11.61 15.62 -7.43
C MET C 32 10.45 14.63 -7.63
N ALA C 33 10.13 14.29 -8.89
CA ALA C 33 9.09 13.31 -9.20
C ALA C 33 9.58 11.91 -8.81
N CYS C 34 10.90 11.64 -8.95
CA CYS C 34 11.51 10.39 -8.54
C CYS C 34 11.38 10.33 -7.00
N ALA C 35 11.71 11.44 -6.33
CA ALA C 35 11.68 11.56 -4.87
C ALA C 35 10.31 11.28 -4.26
N ILE C 36 9.25 11.96 -4.73
CA ILE C 36 7.88 11.79 -4.22
C ILE C 36 7.37 10.37 -4.44
N SER C 37 7.68 9.78 -5.62
CA SER C 37 7.26 8.43 -5.96
C SER C 37 7.95 7.39 -5.07
N ILE C 38 9.25 7.57 -4.78
CA ILE C 38 10.03 6.70 -3.89
C ILE C 38 9.48 6.81 -2.45
N LEU C 39 9.15 8.05 -2.01
CA LEU C 39 8.61 8.29 -0.66
C LEU C 39 7.24 7.66 -0.49
N MET C 40 6.40 7.75 -1.51
CA MET C 40 5.04 7.21 -1.43
C MET C 40 4.97 5.68 -1.56
N LYS C 41 6.07 5.05 -1.99
CA LYS C 41 6.14 3.59 -2.15
C LYS C 41 6.89 2.91 -0.97
N ASP C 42 7.34 3.71 0.04
CA ASP C 42 8.06 3.25 1.23
C ASP C 42 9.31 2.42 0.89
N LEU C 43 10.14 2.91 -0.06
CA LEU C 43 11.31 2.15 -0.50
C LEU C 43 12.56 2.41 0.30
N ALA C 44 12.62 3.54 1.00
CA ALA C 44 13.78 3.97 1.76
C ALA C 44 13.47 4.32 3.22
N ASP C 45 14.49 4.16 4.11
CA ASP C 45 14.40 4.58 5.50
C ASP C 45 15.06 5.95 5.65
N GLU C 46 15.77 6.37 4.60
CA GLU C 46 16.46 7.67 4.51
C GLU C 46 16.56 8.11 3.07
N LEU C 47 16.20 9.36 2.80
CA LEU C 47 16.32 9.96 1.47
C LEU C 47 17.23 11.18 1.53
N ALA C 48 18.22 11.24 0.64
CA ALA C 48 19.15 12.35 0.53
C ALA C 48 18.98 13.02 -0.84
N LEU C 49 19.02 14.35 -0.86
CA LEU C 49 18.92 15.15 -2.08
C LEU C 49 20.18 16.00 -2.25
N VAL C 50 20.72 16.06 -3.48
CA VAL C 50 21.91 16.85 -3.81
C VAL C 50 21.60 17.65 -5.05
N ASP C 51 22.11 18.89 -5.10
CA ASP C 51 22.03 19.81 -6.24
C ASP C 51 23.11 20.91 -6.03
N VAL C 52 23.33 21.75 -7.05
CA VAL C 52 24.26 22.89 -7.02
C VAL C 52 23.51 24.18 -6.62
N ILE C 53 22.17 24.25 -6.89
CA ILE C 53 21.30 25.38 -6.53
C ILE C 53 20.89 25.14 -5.07
N GLU C 54 21.51 25.88 -4.14
CA GLU C 54 21.35 25.71 -2.71
C GLU C 54 19.98 26.10 -2.15
N ASP C 55 19.37 27.17 -2.66
CA ASP C 55 18.05 27.62 -2.21
CA ASP C 55 18.04 27.65 -2.25
C ASP C 55 16.95 26.62 -2.61
N LYS C 56 16.86 26.26 -3.91
CA LYS C 56 15.89 25.29 -4.42
C LYS C 56 16.03 23.94 -3.66
N LEU C 57 17.28 23.47 -3.44
CA LEU C 57 17.58 22.24 -2.73
C LEU C 57 17.01 22.23 -1.30
N LYS C 58 17.30 23.30 -0.51
CA LYS C 58 16.77 23.42 0.85
C LYS C 58 15.22 23.45 0.85
N GLY C 59 14.64 24.26 -0.04
CA GLY C 59 13.19 24.39 -0.19
C GLY C 59 12.49 23.08 -0.49
N GLU C 60 13.07 22.31 -1.42
CA GLU C 60 12.55 20.99 -1.80
C GLU C 60 12.60 20.01 -0.63
N MET C 61 13.73 20.01 0.11
CA MET C 61 13.94 19.16 1.29
C MET C 61 12.88 19.48 2.36
N MET C 62 12.70 20.77 2.67
CA MET C 62 11.72 21.25 3.68
C MET C 62 10.28 20.86 3.34
N ASP C 63 9.87 21.07 2.08
CA ASP C 63 8.55 20.72 1.58
C ASP C 63 8.25 19.23 1.80
N LEU C 64 9.22 18.35 1.47
CA LEU C 64 9.08 16.90 1.68
C LEU C 64 9.00 16.60 3.17
N GLN C 65 9.88 17.22 3.99
CA GLN C 65 9.91 17.03 5.44
C GLN C 65 8.58 17.42 6.07
N HIS C 66 7.93 18.47 5.55
CA HIS C 66 6.65 18.93 6.07
C HIS C 66 5.52 17.90 5.83
N GLY C 67 5.76 16.94 4.93
CA GLY C 67 4.83 15.86 4.64
C GLY C 67 5.10 14.57 5.41
N SER C 68 6.09 14.59 6.34
CA SER C 68 6.53 13.45 7.17
C SER C 68 5.41 12.64 7.83
N LEU C 69 4.40 13.35 8.38
CA LEU C 69 3.23 12.78 9.05
C LEU C 69 2.50 11.76 8.20
N PHE C 70 2.51 11.96 6.89
CA PHE C 70 1.83 11.10 5.90
C PHE C 70 2.76 10.10 5.23
N LEU C 71 4.04 10.06 5.65
CA LEU C 71 5.05 9.17 5.08
C LEU C 71 5.62 8.16 6.08
N ARG C 72 6.40 7.19 5.58
CA ARG C 72 7.04 6.15 6.37
C ARG C 72 8.56 6.15 6.13
N THR C 73 9.12 7.33 5.82
CA THR C 73 10.55 7.59 5.61
C THR C 73 10.94 8.59 6.70
N PRO C 74 11.56 8.10 7.78
CA PRO C 74 11.79 8.95 8.95
C PRO C 74 12.86 10.03 8.85
N LYS C 75 13.73 9.96 7.82
CA LYS C 75 14.81 10.94 7.67
C LYS C 75 15.00 11.38 6.25
N ILE C 76 14.80 12.69 6.03
CA ILE C 76 14.99 13.35 4.74
C ILE C 76 16.07 14.43 4.94
N VAL C 77 17.20 14.28 4.21
CA VAL C 77 18.35 15.20 4.29
C VAL C 77 18.71 15.74 2.90
N SER C 78 19.44 16.86 2.87
CA SER C 78 19.91 17.48 1.63
C SER C 78 21.19 18.26 1.87
N GLY C 79 21.93 18.51 0.80
CA GLY C 79 23.18 19.27 0.86
C GLY C 79 23.93 19.30 -0.45
N LYS C 80 24.79 20.32 -0.60
CA LYS C 80 25.67 20.54 -1.74
C LYS C 80 26.85 19.55 -1.59
N ASP C 81 27.23 19.24 -0.34
CA ASP C 81 28.31 18.34 0.03
C ASP C 81 27.78 16.91 0.02
N TYR C 82 28.56 15.99 -0.56
CA TYR C 82 28.17 14.60 -0.73
C TYR C 82 28.25 13.76 0.56
N ASN C 83 28.63 14.36 1.71
CA ASN C 83 28.65 13.66 2.99
C ASN C 83 27.22 13.24 3.42
N VAL C 84 26.20 13.99 2.93
CA VAL C 84 24.77 13.70 3.16
C VAL C 84 24.32 12.41 2.47
N THR C 85 25.07 11.95 1.44
CA THR C 85 24.79 10.77 0.64
C THR C 85 25.47 9.49 1.15
N ALA C 86 26.29 9.59 2.24
CA ALA C 86 27.03 8.47 2.81
C ALA C 86 26.18 7.22 3.07
N ASN C 87 26.66 6.07 2.59
CA ASN C 87 26.05 4.74 2.77
C ASN C 87 24.71 4.53 2.08
N SER C 88 24.56 5.09 0.85
CA SER C 88 23.35 4.93 0.05
C SER C 88 23.41 3.59 -0.67
N LYS C 89 22.28 2.87 -0.72
CA LYS C 89 22.20 1.58 -1.41
C LYS C 89 22.03 1.84 -2.91
N LEU C 90 21.30 2.90 -3.23
CA LEU C 90 20.97 3.32 -4.59
C LEU C 90 21.14 4.83 -4.75
N VAL C 91 21.84 5.24 -5.81
CA VAL C 91 22.06 6.65 -6.12
C VAL C 91 21.48 6.92 -7.51
N ILE C 92 20.47 7.79 -7.57
CA ILE C 92 19.76 8.16 -8.80
C ILE C 92 20.27 9.49 -9.32
N ILE C 93 20.82 9.49 -10.56
CA ILE C 93 21.37 10.69 -11.18
C ILE C 93 20.41 11.25 -12.21
N THR C 94 19.89 12.44 -11.90
CA THR C 94 18.94 13.19 -12.75
C THR C 94 19.48 14.61 -13.04
N ALA C 95 20.75 14.86 -12.70
CA ALA C 95 21.41 16.15 -12.92
C ALA C 95 21.84 16.32 -14.39
N GLY C 96 21.78 17.53 -14.92
CA GLY C 96 22.17 17.76 -16.32
C GLY C 96 22.07 19.19 -16.78
N ALA C 97 22.56 19.46 -18.02
CA ALA C 97 22.59 20.78 -18.63
C ALA C 97 21.38 21.10 -19.51
N SER C 104 25.05 22.51 -30.45
CA SER C 104 25.83 21.33 -30.83
C SER C 104 25.62 20.15 -29.87
N ARG C 105 25.53 18.92 -30.44
CA ARG C 105 25.33 17.66 -29.71
C ARG C 105 26.56 17.27 -28.90
N LEU C 106 27.70 16.95 -29.56
CA LEU C 106 28.95 16.58 -28.87
C LEU C 106 29.32 17.60 -27.76
N ASN C 107 28.89 18.88 -27.92
CA ASN C 107 29.10 19.96 -26.94
C ASN C 107 28.24 19.67 -25.71
N LEU C 108 26.91 19.52 -25.92
CA LEU C 108 25.91 19.22 -24.89
C LEU C 108 26.27 17.95 -24.10
N VAL C 109 26.79 16.93 -24.81
CA VAL C 109 27.26 15.66 -24.23
C VAL C 109 28.44 15.96 -23.32
N GLN C 110 29.47 16.68 -23.84
CA GLN C 110 30.68 17.08 -23.11
C GLN C 110 30.36 17.89 -21.86
N ARG C 111 29.36 18.81 -21.95
CA ARG C 111 28.91 19.62 -20.81
C ARG C 111 28.34 18.70 -19.72
N ASN C 112 27.59 17.64 -20.12
CA ASN C 112 27.03 16.67 -19.18
C ASN C 112 28.11 15.75 -18.63
N VAL C 113 29.14 15.44 -19.45
CA VAL C 113 30.31 14.64 -19.06
C VAL C 113 31.06 15.39 -17.96
N ASN C 114 31.27 16.73 -18.15
CA ASN C 114 31.96 17.60 -17.19
C ASN C 114 31.23 17.69 -15.86
N ILE C 115 29.88 17.63 -15.91
CA ILE C 115 29.01 17.62 -14.72
C ILE C 115 29.27 16.28 -14.00
N PHE C 116 29.28 15.16 -14.75
CA PHE C 116 29.52 13.80 -14.24
C PHE C 116 30.90 13.63 -13.63
N LYS C 117 31.90 14.34 -14.17
CA LYS C 117 33.30 14.32 -13.71
C LYS C 117 33.39 14.82 -12.26
N PHE C 118 32.42 15.66 -11.84
CA PHE C 118 32.36 16.17 -10.47
C PHE C 118 31.51 15.26 -9.59
N ILE C 119 30.30 14.89 -10.06
CA ILE C 119 29.30 14.08 -9.35
C ILE C 119 29.78 12.66 -9.01
N ILE C 120 30.12 11.88 -10.04
CA ILE C 120 30.45 10.46 -9.91
C ILE C 120 31.58 10.20 -8.90
N PRO C 121 32.78 10.86 -8.91
CA PRO C 121 33.79 10.56 -7.88
C PRO C 121 33.31 10.85 -6.44
N ASN C 122 32.44 11.86 -6.28
CA ASN C 122 31.88 12.23 -4.99
C ASN C 122 30.89 11.18 -4.45
N VAL C 123 30.07 10.62 -5.36
CA VAL C 123 29.10 9.57 -5.04
C VAL C 123 29.87 8.30 -4.60
N VAL C 124 30.89 7.91 -5.39
CA VAL C 124 31.73 6.72 -5.15
C VAL C 124 32.47 6.81 -3.81
N LYS C 125 32.95 8.01 -3.47
CA LYS C 125 33.65 8.29 -2.22
C LYS C 125 32.79 7.95 -0.98
N TYR C 126 31.52 8.40 -0.96
CA TYR C 126 30.63 8.20 0.19
C TYR C 126 29.78 6.93 0.15
N SER C 127 29.57 6.35 -1.04
CA SER C 127 28.79 5.11 -1.19
C SER C 127 29.51 4.19 -2.20
N PRO C 128 30.67 3.60 -1.82
CA PRO C 128 31.40 2.76 -2.79
C PRO C 128 30.68 1.49 -3.24
N ASN C 129 29.75 0.96 -2.41
CA ASN C 129 29.04 -0.26 -2.76
C ASN C 129 27.61 -0.03 -3.30
N CYS C 130 27.26 1.24 -3.62
CA CYS C 130 25.94 1.59 -4.15
C CYS C 130 25.71 1.10 -5.58
N LYS C 131 24.44 1.11 -5.98
CA LYS C 131 24.03 0.85 -7.35
C LYS C 131 23.76 2.24 -7.91
N LEU C 132 24.24 2.50 -9.13
CA LEU C 132 24.03 3.78 -9.80
C LEU C 132 22.89 3.64 -10.80
N LEU C 133 21.89 4.54 -10.73
CA LEU C 133 20.79 4.55 -11.68
C LEU C 133 20.80 5.90 -12.40
N ILE C 134 21.13 5.87 -13.69
CA ILE C 134 21.29 7.06 -14.53
C ILE C 134 20.03 7.39 -15.30
N VAL C 135 19.53 8.64 -15.15
CA VAL C 135 18.33 9.13 -15.84
C VAL C 135 18.70 10.21 -16.87
N SER C 136 19.65 11.10 -16.52
CA SER C 136 20.20 12.21 -17.30
C SER C 136 20.48 11.81 -18.75
N ASN C 137 20.13 12.70 -19.70
CA ASN C 137 20.28 12.44 -21.12
C ASN C 137 21.57 12.98 -21.79
N PRO C 138 22.06 12.36 -22.91
CA PRO C 138 21.58 11.11 -23.57
C PRO C 138 21.96 9.96 -22.65
N VAL C 139 20.93 9.33 -22.06
CA VAL C 139 21.00 8.31 -21.02
C VAL C 139 22.00 7.17 -21.34
N ASP C 140 21.99 6.64 -22.58
CA ASP C 140 22.91 5.55 -22.95
C ASP C 140 24.38 5.97 -22.89
N ILE C 141 24.68 7.21 -23.34
CA ILE C 141 26.04 7.75 -23.30
C ILE C 141 26.42 8.04 -21.86
N LEU C 142 25.52 8.66 -21.09
CA LEU C 142 25.81 9.04 -19.70
C LEU C 142 25.87 7.85 -18.73
N THR C 143 25.31 6.68 -19.09
CA THR C 143 25.45 5.48 -18.28
C THR C 143 26.88 4.95 -18.49
N TYR C 144 27.38 5.00 -19.75
CA TYR C 144 28.74 4.64 -20.13
C TYR C 144 29.74 5.54 -19.37
N VAL C 145 29.50 6.87 -19.39
CA VAL C 145 30.32 7.88 -18.72
C VAL C 145 30.39 7.55 -17.22
N ALA C 146 29.23 7.29 -16.58
CA ALA C 146 29.15 6.95 -15.16
C ALA C 146 29.95 5.68 -14.83
N TRP C 147 29.85 4.65 -15.70
CA TRP C 147 30.55 3.36 -15.56
C TRP C 147 32.06 3.57 -15.68
N LYS C 148 32.48 4.38 -16.67
CA LYS C 148 33.89 4.69 -16.92
C LYS C 148 34.51 5.47 -15.74
N ILE C 149 33.86 6.55 -15.27
CA ILE C 149 34.37 7.37 -14.16
C ILE C 149 34.37 6.61 -12.83
N SER C 150 33.27 5.91 -12.48
CA SER C 150 33.15 5.18 -11.20
C SER C 150 34.12 4.04 -11.03
N GLY C 151 34.34 3.29 -12.11
CA GLY C 151 35.16 2.09 -12.06
C GLY C 151 34.36 0.93 -11.49
N PHE C 152 33.03 1.08 -11.40
CA PHE C 152 32.13 0.05 -10.86
C PHE C 152 31.98 -1.12 -11.82
N PRO C 153 31.69 -2.35 -11.32
CA PRO C 153 31.39 -3.46 -12.25
C PRO C 153 30.07 -3.14 -12.99
N LYS C 154 29.90 -3.64 -14.23
CA LYS C 154 28.74 -3.34 -15.08
C LYS C 154 27.36 -3.58 -14.41
N ASN C 155 27.26 -4.56 -13.50
CA ASN C 155 26.01 -4.86 -12.79
C ASN C 155 25.51 -3.72 -11.90
N ARG C 156 26.43 -2.85 -11.41
CA ARG C 156 26.08 -1.75 -10.51
C ARG C 156 25.87 -0.40 -11.24
N VAL C 157 25.93 -0.38 -12.59
CA VAL C 157 25.67 0.85 -13.37
C VAL C 157 24.49 0.60 -14.31
N ILE C 158 23.32 1.07 -13.90
CA ILE C 158 22.05 0.88 -14.60
C ILE C 158 21.60 2.19 -15.22
N GLY C 159 21.16 2.11 -16.46
CA GLY C 159 20.61 3.23 -17.17
C GLY C 159 19.10 3.10 -17.26
N SER C 160 18.38 4.23 -17.07
CA SER C 160 16.92 4.24 -17.16
C SER C 160 16.48 3.65 -18.52
N GLY C 161 17.28 3.95 -19.55
CA GLY C 161 17.11 3.46 -20.92
C GLY C 161 15.72 3.52 -21.51
N CYS C 162 15.21 2.37 -21.95
CA CYS C 162 13.89 2.25 -22.60
C CYS C 162 12.76 1.89 -21.65
N ASN C 163 12.94 2.14 -20.35
CA ASN C 163 11.91 1.85 -19.36
C ASN C 163 10.69 2.76 -19.59
N LEU C 164 10.91 4.06 -19.79
CA LEU C 164 9.83 5.00 -20.05
C LEU C 164 9.20 4.75 -21.41
N ASP C 165 10.03 4.52 -22.45
CA ASP C 165 9.60 4.23 -23.84
C ASP C 165 8.62 3.06 -23.84
N SER C 166 8.96 1.99 -23.09
CA SER C 166 8.15 0.79 -22.95
C SER C 166 6.84 1.06 -22.23
N ALA C 167 6.89 1.85 -21.14
CA ALA C 167 5.73 2.23 -20.31
C ALA C 167 4.73 2.99 -21.18
N ARG C 168 5.21 3.92 -22.02
CA ARG C 168 4.36 4.70 -22.95
C ARG C 168 3.77 3.79 -24.01
N PHE C 169 4.56 2.82 -24.51
CA PHE C 169 4.13 1.86 -25.52
C PHE C 169 2.96 1.04 -25.00
N ARG C 170 3.09 0.50 -23.78
CA ARG C 170 2.08 -0.32 -23.13
C ARG C 170 0.81 0.48 -22.81
N TYR C 171 0.98 1.79 -22.49
CA TYR C 171 -0.14 2.70 -22.28
C TYR C 171 -0.95 2.82 -23.60
N LEU C 172 -0.26 3.12 -24.73
CA LEU C 172 -0.87 3.28 -26.06
C LEU C 172 -1.49 1.99 -26.59
N MET C 173 -0.82 0.85 -26.33
CA MET C 173 -1.27 -0.50 -26.71
C MET C 173 -2.59 -0.78 -25.96
N GLY C 174 -2.61 -0.44 -24.67
CA GLY C 174 -3.77 -0.58 -23.80
C GLY C 174 -4.97 0.24 -24.24
N GLU C 175 -4.73 1.47 -24.75
CA GLU C 175 -5.76 2.35 -25.27
C GLU C 175 -6.37 1.76 -26.55
N ARG C 176 -5.52 1.18 -27.43
CA ARG C 176 -5.98 0.56 -28.68
C ARG C 176 -6.83 -0.68 -28.42
N LEU C 177 -6.44 -1.48 -27.42
CA LEU C 177 -7.13 -2.75 -27.14
C LEU C 177 -8.21 -2.68 -26.08
N GLY C 178 -8.29 -1.58 -25.32
CA GLY C 178 -9.27 -1.44 -24.25
C GLY C 178 -8.97 -2.39 -23.10
N VAL C 179 -7.65 -2.57 -22.81
CA VAL C 179 -7.11 -3.45 -21.77
C VAL C 179 -6.11 -2.61 -20.93
N HIS C 180 -6.01 -2.89 -19.60
CA HIS C 180 -5.04 -2.21 -18.73
C HIS C 180 -3.60 -2.44 -19.22
N PRO C 181 -2.73 -1.38 -19.22
CA PRO C 181 -1.32 -1.56 -19.64
C PRO C 181 -0.59 -2.76 -19.02
N LEU C 182 -0.88 -3.07 -17.74
CA LEU C 182 -0.31 -4.22 -17.02
C LEU C 182 -0.48 -5.54 -17.78
N SER C 183 -1.64 -5.70 -18.45
CA SER C 183 -1.98 -6.92 -19.20
C SER C 183 -1.56 -6.87 -20.67
N CYS C 184 -0.98 -5.73 -21.10
CA CYS C 184 -0.51 -5.51 -22.46
C CYS C 184 0.99 -5.57 -22.46
N HIS C 185 1.54 -6.71 -22.90
CA HIS C 185 3.00 -6.92 -22.92
C HIS C 185 3.63 -6.54 -24.26
N GLY C 186 4.72 -5.81 -24.17
CA GLY C 186 5.45 -5.28 -25.33
C GLY C 186 6.72 -4.60 -24.91
N TRP C 187 7.81 -4.84 -25.68
CA TRP C 187 9.13 -4.33 -25.34
C TRP C 187 9.71 -3.40 -26.39
N VAL C 188 10.19 -2.24 -25.92
CA VAL C 188 10.86 -1.22 -26.72
C VAL C 188 12.30 -1.26 -26.24
N LEU C 189 13.23 -1.62 -27.13
CA LEU C 189 14.63 -1.81 -26.74
C LEU C 189 15.63 -0.96 -27.54
N GLY C 190 16.92 -1.14 -27.25
CA GLY C 190 17.99 -0.42 -27.92
C GLY C 190 18.26 0.94 -27.33
N GLU C 191 18.45 1.93 -28.20
CA GLU C 191 18.76 3.31 -27.84
C GLU C 191 17.52 4.04 -27.36
N HIS C 192 17.58 4.65 -26.17
CA HIS C 192 16.47 5.43 -25.62
C HIS C 192 16.14 6.64 -26.52
N GLY C 193 14.85 6.91 -26.67
CA GLY C 193 14.38 8.06 -27.42
C GLY C 193 13.98 7.79 -28.85
N ASP C 194 14.36 8.71 -29.74
CA ASP C 194 14.03 8.70 -31.18
C ASP C 194 14.39 7.40 -31.92
N SER C 195 15.55 6.82 -31.60
CA SER C 195 16.11 5.64 -32.27
C SER C 195 15.76 4.26 -31.64
N SER C 196 14.80 4.22 -30.69
CA SER C 196 14.35 3.00 -30.01
C SER C 196 13.72 1.98 -30.94
N VAL C 197 13.75 0.70 -30.53
CA VAL C 197 13.26 -0.41 -31.34
C VAL C 197 12.04 -1.14 -30.72
N PRO C 198 10.88 -1.11 -31.39
CA PRO C 198 9.75 -1.91 -30.90
C PRO C 198 9.90 -3.38 -31.35
N VAL C 199 9.91 -4.31 -30.39
CA VAL C 199 10.07 -5.74 -30.72
C VAL C 199 8.67 -6.37 -30.92
N TRP C 200 8.18 -6.29 -32.17
CA TRP C 200 6.85 -6.77 -32.55
C TRP C 200 6.59 -8.23 -32.22
N SER C 201 7.63 -9.11 -32.30
CA SER C 201 7.53 -10.54 -31.96
C SER C 201 7.08 -10.85 -30.52
N GLY C 202 7.42 -9.96 -29.58
CA GLY C 202 7.08 -10.13 -28.17
C GLY C 202 5.80 -9.46 -27.70
N MET C 203 5.14 -8.70 -28.58
CA MET C 203 3.93 -7.97 -28.28
C MET C 203 2.77 -8.98 -28.12
N ASN C 204 2.19 -9.05 -26.91
CA ASN C 204 1.15 -10.03 -26.64
C ASN C 204 0.20 -9.65 -25.53
N VAL C 205 -0.94 -10.31 -25.51
CA VAL C 205 -1.94 -10.23 -24.45
C VAL C 205 -2.21 -11.69 -24.10
N ALA C 206 -2.04 -12.05 -22.80
CA ALA C 206 -2.24 -13.40 -22.27
C ALA C 206 -1.44 -14.50 -23.01
N GLY C 207 -0.25 -14.14 -23.47
CA GLY C 207 0.63 -15.05 -24.20
C GLY C 207 0.22 -15.30 -25.65
N VAL C 208 -0.76 -14.52 -26.15
CA VAL C 208 -1.24 -14.65 -27.53
C VAL C 208 -0.47 -13.59 -28.33
N SER C 209 0.46 -14.03 -29.17
CA SER C 209 1.30 -13.20 -30.01
C SER C 209 0.47 -12.45 -31.05
N LEU C 210 0.57 -11.11 -31.01
CA LEU C 210 -0.13 -10.22 -31.93
C LEU C 210 0.46 -10.40 -33.37
N LYS C 211 1.79 -10.63 -33.49
CA LYS C 211 2.51 -10.88 -34.75
C LYS C 211 2.07 -12.20 -35.40
N THR C 212 1.77 -13.23 -34.59
CA THR C 212 1.29 -14.52 -35.09
C THR C 212 -0.12 -14.35 -35.66
N LEU C 213 -0.99 -13.59 -34.97
CA LEU C 213 -2.35 -13.33 -35.45
C LEU C 213 -2.37 -12.40 -36.65
N HIS C 214 -1.48 -11.40 -36.65
CA HIS C 214 -1.42 -10.34 -37.65
C HIS C 214 0.02 -10.23 -38.18
N PRO C 215 0.40 -11.05 -39.20
CA PRO C 215 1.80 -11.03 -39.69
C PRO C 215 2.34 -9.69 -40.20
N ASP C 216 1.46 -8.77 -40.64
CA ASP C 216 1.85 -7.44 -41.09
C ASP C 216 2.23 -6.49 -39.95
N LEU C 217 1.98 -6.90 -38.66
CA LEU C 217 2.28 -6.12 -37.45
C LEU C 217 3.70 -5.56 -37.48
N GLY C 218 3.78 -4.22 -37.42
CA GLY C 218 5.04 -3.47 -37.42
C GLY C 218 5.62 -3.10 -38.77
N THR C 219 5.01 -3.58 -39.86
CA THR C 219 5.49 -3.29 -41.22
C THR C 219 4.73 -2.10 -41.82
N ASP C 220 5.28 -1.53 -42.92
CA ASP C 220 4.66 -0.41 -43.64
C ASP C 220 3.40 -0.91 -44.38
N LYS C 221 3.38 -2.20 -44.71
CA LYS C 221 2.30 -2.91 -45.40
C LYS C 221 1.02 -3.03 -44.55
N ASP C 222 1.13 -2.90 -43.20
CA ASP C 222 0.05 -3.05 -42.22
C ASP C 222 -1.09 -2.07 -42.43
N LYS C 223 -2.28 -2.60 -42.78
CA LYS C 223 -3.53 -1.85 -42.99
C LYS C 223 -3.98 -1.11 -41.74
N GLU C 224 -3.69 -1.68 -40.55
CA GLU C 224 -4.05 -1.12 -39.23
C GLU C 224 -2.98 -0.18 -38.67
N GLN C 225 -1.83 -0.12 -39.36
CA GLN C 225 -0.70 0.74 -39.02
C GLN C 225 -0.31 0.70 -37.53
N TRP C 226 -0.01 -0.52 -37.03
CA TRP C 226 0.42 -0.72 -35.65
C TRP C 226 1.78 -0.09 -35.36
N LYS C 227 2.56 0.17 -36.43
CA LYS C 227 3.85 0.85 -36.40
C LYS C 227 3.69 2.27 -35.79
N GLU C 228 2.47 2.85 -35.94
CA GLU C 228 2.10 4.17 -35.41
C GLU C 228 2.09 4.22 -33.88
N VAL C 229 1.84 3.09 -33.20
CA VAL C 229 1.87 2.99 -31.73
C VAL C 229 3.30 3.36 -31.25
N HIS C 230 4.34 2.81 -31.93
CA HIS C 230 5.71 3.16 -31.57
C HIS C 230 6.01 4.60 -31.96
N LYS C 231 5.54 5.02 -33.14
CA LYS C 231 5.71 6.37 -33.64
C LYS C 231 5.11 7.39 -32.64
N GLN C 232 3.93 7.08 -32.07
CA GLN C 232 3.24 7.93 -31.08
C GLN C 232 3.99 8.01 -29.74
N VAL C 233 4.81 7.00 -29.41
CA VAL C 233 5.64 7.00 -28.20
C VAL C 233 6.60 8.18 -28.34
N VAL C 234 7.26 8.30 -29.52
CA VAL C 234 8.24 9.35 -29.77
C VAL C 234 7.54 10.71 -29.91
N GLU C 235 6.41 10.78 -30.65
CA GLU C 235 5.62 12.01 -30.82
C GLU C 235 5.09 12.55 -29.49
N SER C 236 4.60 11.64 -28.59
CA SER C 236 4.08 12.02 -27.27
C SER C 236 5.10 12.72 -26.39
N ALA C 237 6.38 12.28 -26.48
CA ALA C 237 7.48 12.89 -25.72
C ALA C 237 7.69 14.36 -26.11
N TYR C 238 7.66 14.65 -27.44
CA TYR C 238 7.77 16.01 -27.98
C TYR C 238 6.53 16.83 -27.62
N GLU C 239 5.35 16.18 -27.67
CA GLU C 239 4.08 16.81 -27.34
C GLU C 239 4.02 17.26 -25.88
N VAL C 240 4.45 16.40 -24.93
CA VAL C 240 4.46 16.74 -23.51
C VAL C 240 5.37 17.95 -23.26
N ILE C 241 6.58 17.95 -23.87
CA ILE C 241 7.53 19.05 -23.75
C ILE C 241 6.96 20.33 -24.37
N LYS C 242 6.28 20.23 -25.52
CA LYS C 242 5.64 21.38 -26.16
C LYS C 242 4.51 21.98 -25.27
N LEU C 243 3.70 21.11 -24.66
CA LEU C 243 2.53 21.47 -23.85
C LEU C 243 2.85 21.98 -22.44
N LYS C 244 3.75 21.31 -21.69
CA LYS C 244 4.06 21.70 -20.31
C LYS C 244 5.55 22.07 -20.06
N GLY C 245 6.41 21.92 -21.07
CA GLY C 245 7.83 22.30 -20.99
C GLY C 245 8.83 21.26 -20.51
N TYR C 246 8.35 20.12 -19.96
CA TYR C 246 9.18 19.04 -19.42
C TYR C 246 8.31 17.82 -19.12
N THR C 247 8.93 16.68 -18.78
CA THR C 247 8.21 15.46 -18.35
C THR C 247 8.67 15.18 -16.93
N SER C 248 7.75 14.81 -16.05
CA SER C 248 8.12 14.56 -14.67
C SER C 248 7.46 13.31 -14.09
N TRP C 249 6.14 13.28 -14.05
CA TRP C 249 5.35 12.22 -13.42
C TRP C 249 5.65 10.83 -13.95
N ALA C 250 5.56 10.60 -15.28
CA ALA C 250 5.80 9.28 -15.88
C ALA C 250 7.23 8.76 -15.63
N ILE C 251 8.26 9.63 -15.76
CA ILE C 251 9.63 9.22 -15.54
C ILE C 251 9.83 8.88 -14.05
N GLY C 252 9.31 9.72 -13.15
CA GLY C 252 9.38 9.52 -11.70
C GLY C 252 8.80 8.20 -11.25
N LEU C 253 7.60 7.88 -11.76
CA LEU C 253 6.91 6.60 -11.49
C LEU C 253 7.68 5.40 -12.03
N SER C 254 8.25 5.51 -13.25
CA SER C 254 9.05 4.44 -13.86
C SER C 254 10.34 4.16 -13.08
N VAL C 255 11.01 5.22 -12.59
CA VAL C 255 12.24 5.13 -11.82
C VAL C 255 11.97 4.47 -10.46
N ALA C 256 10.85 4.87 -9.79
CA ALA C 256 10.45 4.28 -8.49
C ALA C 256 10.17 2.79 -8.63
N ASP C 257 9.66 2.37 -9.80
CA ASP C 257 9.41 0.96 -10.10
C ASP C 257 10.74 0.19 -10.20
N LEU C 258 11.79 0.78 -10.83
CA LEU C 258 13.12 0.17 -10.92
C LEU C 258 13.71 0.08 -9.51
N ALA C 259 13.61 1.20 -8.74
CA ALA C 259 14.08 1.32 -7.36
C ALA C 259 13.46 0.23 -6.48
N GLU C 260 12.16 -0.09 -6.70
CA GLU C 260 11.47 -1.13 -5.94
C GLU C 260 12.12 -2.50 -6.13
N SER C 261 12.43 -2.87 -7.40
CA SER C 261 13.06 -4.16 -7.71
C SER C 261 14.45 -4.27 -7.11
N ILE C 262 15.24 -3.19 -7.20
CA ILE C 262 16.59 -3.14 -6.63
C ILE C 262 16.55 -3.22 -5.08
N MET C 263 15.77 -2.31 -4.43
CA MET C 263 15.68 -2.21 -2.96
C MET C 263 15.12 -3.46 -2.31
N LYS C 264 14.15 -4.10 -2.95
CA LYS C 264 13.50 -5.30 -2.41
C LYS C 264 14.05 -6.61 -2.98
N ASN C 265 15.09 -6.54 -3.87
CA ASN C 265 15.73 -7.71 -4.51
C ASN C 265 14.68 -8.62 -5.20
N LEU C 266 13.74 -7.99 -5.92
CA LEU C 266 12.62 -8.73 -6.53
C LEU C 266 13.02 -9.65 -7.68
N ARG C 267 14.07 -9.30 -8.45
CA ARG C 267 14.50 -10.09 -9.62
C ARG C 267 13.41 -10.09 -10.71
N ARG C 268 12.77 -8.92 -10.89
CA ARG C 268 11.79 -8.68 -11.94
C ARG C 268 12.58 -8.23 -13.17
N VAL C 269 11.99 -8.43 -14.37
CA VAL C 269 12.64 -8.09 -15.63
C VAL C 269 12.16 -6.70 -16.10
N HIS C 270 13.10 -5.81 -16.37
CA HIS C 270 12.84 -4.43 -16.80
C HIS C 270 13.63 -4.06 -18.03
N PRO C 271 13.09 -3.22 -18.96
CA PRO C 271 13.92 -2.78 -20.11
C PRO C 271 14.81 -1.61 -19.66
N VAL C 272 16.07 -1.90 -19.35
CA VAL C 272 17.01 -0.89 -18.90
C VAL C 272 18.33 -0.97 -19.67
N SER C 273 19.11 0.12 -19.63
CA SER C 273 20.37 0.20 -20.33
C SER C 273 21.50 -0.52 -19.62
N THR C 274 22.13 -1.44 -20.33
CA THR C 274 23.27 -2.21 -19.84
C THR C 274 24.36 -2.32 -20.90
N MET C 275 25.57 -2.71 -20.49
CA MET C 275 26.72 -2.94 -21.34
C MET C 275 26.37 -4.13 -22.31
N ILE C 276 26.11 -3.83 -23.61
CA ILE C 276 25.74 -4.88 -24.58
C ILE C 276 26.91 -5.38 -25.46
N LYS C 277 28.17 -5.03 -25.13
CA LYS C 277 29.33 -5.54 -25.88
C LYS C 277 29.28 -7.07 -25.84
N GLY C 278 29.36 -7.69 -27.01
CA GLY C 278 29.31 -9.14 -27.12
C GLY C 278 28.00 -9.67 -27.66
N LEU C 279 26.96 -8.82 -27.68
CA LEU C 279 25.63 -9.18 -28.18
C LEU C 279 25.33 -8.45 -29.46
N TYR C 280 24.49 -9.08 -30.32
CA TYR C 280 23.99 -8.56 -31.60
C TYR C 280 25.10 -8.03 -32.55
N GLY C 281 26.28 -8.65 -32.46
CA GLY C 281 27.44 -8.29 -33.27
C GLY C 281 28.08 -6.98 -32.86
N ILE C 282 27.68 -6.43 -31.70
CA ILE C 282 28.26 -5.20 -31.17
C ILE C 282 29.59 -5.55 -30.49
N LYS C 283 30.66 -4.80 -30.84
CA LYS C 283 32.02 -5.00 -30.33
C LYS C 283 32.52 -3.83 -29.49
N ASP C 284 31.78 -2.70 -29.49
CA ASP C 284 32.15 -1.50 -28.75
C ASP C 284 31.58 -1.43 -27.34
N ASP C 285 32.21 -0.61 -26.48
CA ASP C 285 31.82 -0.36 -25.09
C ASP C 285 30.61 0.58 -25.06
N VAL C 286 29.43 0.06 -25.42
CA VAL C 286 28.21 0.87 -25.45
C VAL C 286 27.12 0.23 -24.61
N PHE C 287 26.22 1.08 -24.09
CA PHE C 287 25.08 0.70 -23.27
C PHE C 287 23.80 0.85 -24.09
N LEU C 288 22.99 -0.22 -24.15
CA LEU C 288 21.71 -0.24 -24.83
C LEU C 288 20.70 -1.00 -23.99
N SER C 289 19.41 -0.73 -24.22
CA SER C 289 18.39 -1.41 -23.44
C SER C 289 18.00 -2.77 -23.94
N VAL C 290 18.00 -3.71 -23.01
CA VAL C 290 17.54 -5.10 -23.19
C VAL C 290 16.77 -5.44 -21.90
N PRO C 291 15.92 -6.49 -21.85
CA PRO C 291 15.26 -6.86 -20.59
C PRO C 291 16.28 -7.41 -19.58
N CYS C 292 16.41 -6.73 -18.43
CA CYS C 292 17.37 -7.08 -17.38
C CYS C 292 16.66 -7.49 -16.11
N ILE C 293 17.28 -8.44 -15.38
CA ILE C 293 16.79 -8.91 -14.08
C ILE C 293 17.42 -8.01 -13.02
N LEU C 294 16.57 -7.27 -12.28
CA LEU C 294 17.00 -6.30 -11.26
C LEU C 294 16.80 -6.80 -9.84
N GLY C 295 17.85 -6.69 -9.05
CA GLY C 295 17.86 -7.08 -7.65
C GLY C 295 18.84 -6.26 -6.84
N GLN C 296 19.20 -6.76 -5.65
CA GLN C 296 20.11 -6.07 -4.73
C GLN C 296 21.54 -5.84 -5.26
N ASN C 297 21.97 -6.57 -6.30
CA ASN C 297 23.29 -6.37 -6.92
C ASN C 297 23.17 -5.64 -8.26
N GLY C 298 22.01 -5.05 -8.50
CA GLY C 298 21.70 -4.33 -9.74
C GLY C 298 21.29 -5.29 -10.83
N ILE C 299 21.98 -5.26 -11.98
CA ILE C 299 21.69 -6.15 -13.12
C ILE C 299 22.52 -7.41 -12.95
N SER C 300 21.88 -8.51 -12.52
CA SER C 300 22.59 -9.76 -12.31
C SER C 300 22.57 -10.62 -13.59
N ASP C 301 21.53 -10.42 -14.41
CA ASP C 301 21.31 -11.20 -15.61
C ASP C 301 20.59 -10.38 -16.65
N LEU C 302 20.61 -10.86 -17.91
CA LEU C 302 19.86 -10.23 -18.98
C LEU C 302 19.17 -11.29 -19.84
N VAL C 303 18.00 -10.94 -20.41
CA VAL C 303 17.21 -11.82 -21.29
C VAL C 303 17.76 -11.69 -22.71
N LYS C 304 18.02 -12.84 -23.35
CA LYS C 304 18.54 -12.92 -24.72
C LYS C 304 17.36 -12.97 -25.71
N VAL C 305 16.87 -11.77 -26.06
CA VAL C 305 15.75 -11.58 -26.99
C VAL C 305 16.20 -11.93 -28.41
N THR C 306 15.37 -12.72 -29.11
CA THR C 306 15.62 -13.09 -30.50
C THR C 306 15.21 -11.89 -31.34
N LEU C 307 16.18 -11.23 -31.97
CA LEU C 307 15.88 -10.10 -32.83
C LEU C 307 16.02 -10.48 -34.28
N THR C 308 15.16 -9.87 -35.15
CA THR C 308 15.23 -10.08 -36.60
C THR C 308 16.48 -9.36 -37.11
N SER C 309 16.85 -9.64 -38.38
CA SER C 309 18.01 -9.00 -39.02
C SER C 309 17.86 -7.47 -39.02
N GLU C 310 16.65 -6.96 -39.30
CA GLU C 310 16.36 -5.51 -39.28
C GLU C 310 16.54 -4.94 -37.89
N GLU C 311 16.04 -5.64 -36.85
CA GLU C 311 16.14 -5.17 -35.47
C GLU C 311 17.59 -5.14 -35.01
N GLU C 312 18.32 -6.22 -35.32
CA GLU C 312 19.75 -6.36 -35.00
C GLU C 312 20.56 -5.19 -35.63
N ALA C 313 20.27 -4.86 -36.92
CA ALA C 313 20.91 -3.77 -37.67
C ALA C 313 20.65 -2.41 -37.03
N ARG C 314 19.41 -2.18 -36.52
CA ARG C 314 19.04 -0.91 -35.85
C ARG C 314 19.85 -0.69 -34.57
N LEU C 315 20.07 -1.77 -33.79
CA LEU C 315 20.84 -1.72 -32.55
C LEU C 315 22.32 -1.51 -32.86
N LYS C 316 22.80 -2.15 -33.94
CA LYS C 316 24.17 -2.03 -34.44
C LYS C 316 24.45 -0.59 -34.87
N LYS C 317 23.51 0.03 -35.58
CA LYS C 317 23.60 1.42 -36.04
C LYS C 317 23.68 2.38 -34.85
N SER C 318 22.83 2.15 -33.82
CA SER C 318 22.81 2.95 -32.58
C SER C 318 24.16 2.80 -31.85
N ALA C 319 24.69 1.56 -31.75
CA ALA C 319 25.98 1.25 -31.14
C ALA C 319 27.12 2.02 -31.83
N ASP C 320 27.13 2.04 -33.18
CA ASP C 320 28.12 2.77 -33.98
C ASP C 320 28.06 4.26 -33.73
N THR C 321 26.83 4.83 -33.66
CA THR C 321 26.61 6.25 -33.41
C THR C 321 27.08 6.60 -32.00
N LEU C 322 26.66 5.83 -30.98
CA LEU C 322 27.03 6.05 -29.58
C LEU C 322 28.54 5.98 -29.40
N TRP C 323 29.20 4.95 -29.97
CA TRP C 323 30.65 4.81 -29.88
C TRP C 323 31.40 5.98 -30.56
N GLY C 324 30.87 6.43 -31.70
CA GLY C 324 31.38 7.57 -32.47
C GLY C 324 31.47 8.82 -31.64
N ILE C 325 30.46 9.07 -30.78
CA ILE C 325 30.43 10.21 -29.87
C ILE C 325 31.37 9.95 -28.69
N GLN C 326 31.27 8.77 -28.07
CA GLN C 326 32.04 8.35 -26.91
C GLN C 326 33.56 8.40 -27.09
N LYS C 327 34.06 7.93 -28.26
CA LYS C 327 35.49 7.92 -28.55
C LYS C 327 36.12 9.34 -28.58
N GLU C 328 35.31 10.36 -28.86
CA GLU C 328 35.67 11.77 -28.93
C GLU C 328 35.54 12.53 -27.60
N LEU C 329 35.09 11.85 -26.53
CA LEU C 329 34.90 12.50 -25.22
C LEU C 329 36.17 12.63 -24.43
N GLN C 330 36.31 13.79 -23.74
CA GLN C 330 37.46 14.13 -22.88
C GLN C 330 37.08 13.87 -21.41
N PHE C 331 37.76 12.90 -20.78
CA PHE C 331 37.54 12.48 -19.39
C PHE C 331 38.52 13.12 -18.38
N ALA D 1 -11.51 -8.83 -40.55
CA ALA D 1 -11.55 -8.60 -39.10
C ALA D 1 -10.28 -7.88 -38.63
N THR D 2 -10.44 -6.95 -37.67
CA THR D 2 -9.32 -6.21 -37.08
C THR D 2 -8.57 -7.11 -36.09
N LEU D 3 -7.31 -6.76 -35.78
CA LEU D 3 -6.48 -7.46 -34.81
C LEU D 3 -7.20 -7.52 -33.44
N LYS D 4 -7.81 -6.40 -33.00
CA LYS D 4 -8.58 -6.29 -31.76
C LYS D 4 -9.70 -7.33 -31.72
N ASP D 5 -10.47 -7.45 -32.83
CA ASP D 5 -11.57 -8.40 -32.94
C ASP D 5 -11.11 -9.85 -33.01
N GLN D 6 -9.94 -10.09 -33.57
CA GLN D 6 -9.35 -11.42 -33.68
C GLN D 6 -8.85 -11.87 -32.31
N LEU D 7 -8.31 -10.91 -31.54
CA LEU D 7 -7.74 -11.14 -30.22
C LEU D 7 -8.79 -11.20 -29.12
N ILE D 8 -9.76 -10.29 -29.14
CA ILE D 8 -10.73 -10.12 -28.07
C ILE D 8 -12.17 -10.29 -28.52
N TYR D 9 -12.88 -11.18 -27.80
CA TYR D 9 -14.31 -11.38 -27.99
C TYR D 9 -15.03 -10.52 -26.92
N ASN D 10 -15.95 -9.66 -27.39
CA ASN D 10 -16.72 -8.76 -26.54
C ASN D 10 -18.05 -9.36 -26.09
N LEU D 11 -18.28 -9.37 -24.76
CA LEU D 11 -19.52 -9.88 -24.14
C LEU D 11 -20.61 -8.82 -24.14
N LEU D 12 -20.24 -7.56 -23.81
CA LEU D 12 -21.12 -6.39 -23.81
C LEU D 12 -20.33 -5.10 -23.84
N LYS D 13 -20.94 -4.04 -24.38
CA LYS D 13 -20.36 -2.71 -24.38
C LYS D 13 -21.37 -1.77 -23.78
N GLU D 14 -21.47 -1.87 -22.45
CA GLU D 14 -22.35 -1.13 -21.57
C GLU D 14 -21.50 -0.07 -20.90
N GLU D 15 -21.81 1.20 -21.14
CA GLU D 15 -21.07 2.29 -20.53
C GLU D 15 -21.59 2.42 -19.11
N GLN D 16 -20.68 2.41 -18.15
CA GLN D 16 -21.03 2.49 -16.74
C GLN D 16 -20.44 3.74 -16.07
N THR D 17 -21.18 4.28 -15.09
CA THR D 17 -20.79 5.47 -14.33
C THR D 17 -19.56 5.19 -13.42
N PRO D 18 -18.56 6.11 -13.35
CA PRO D 18 -17.42 5.86 -12.45
C PRO D 18 -17.88 5.81 -10.99
N GLN D 19 -17.37 4.83 -10.25
CA GLN D 19 -17.80 4.59 -8.86
C GLN D 19 -17.05 5.40 -7.80
N ASN D 20 -15.78 5.77 -8.08
CA ASN D 20 -14.96 6.50 -7.11
C ASN D 20 -14.16 7.59 -7.81
N LYS D 21 -14.85 8.51 -8.48
CA LYS D 21 -14.22 9.59 -9.24
C LYS D 21 -13.81 10.76 -8.39
N ILE D 22 -12.62 11.31 -8.69
CA ILE D 22 -12.08 12.52 -8.07
C ILE D 22 -11.73 13.51 -9.17
N THR D 23 -12.06 14.79 -8.94
CA THR D 23 -11.71 15.88 -9.83
C THR D 23 -10.79 16.84 -9.11
N VAL D 24 -9.76 17.33 -9.81
CA VAL D 24 -8.86 18.37 -9.31
C VAL D 24 -9.00 19.58 -10.25
N VAL D 25 -9.43 20.73 -9.70
CA VAL D 25 -9.59 21.96 -10.48
C VAL D 25 -8.38 22.87 -10.18
N GLY D 26 -7.59 23.18 -11.22
CA GLY D 26 -6.37 23.99 -11.13
C GLY D 26 -5.15 23.08 -11.11
N VAL D 27 -4.41 22.99 -12.25
CA VAL D 27 -3.25 22.11 -12.42
C VAL D 27 -1.90 22.83 -12.19
N GLY D 28 -1.88 23.71 -11.18
CA GLY D 28 -0.65 24.35 -10.74
C GLY D 28 0.14 23.37 -9.90
N ALA D 29 1.19 23.84 -9.22
CA ALA D 29 2.02 22.96 -8.39
C ALA D 29 1.22 22.26 -7.28
N VAL D 30 0.25 22.96 -6.67
CA VAL D 30 -0.61 22.40 -5.62
C VAL D 30 -1.55 21.30 -6.17
N GLY D 31 -2.29 21.61 -7.25
CA GLY D 31 -3.19 20.66 -7.89
C GLY D 31 -2.53 19.37 -8.37
N MET D 32 -1.36 19.50 -9.01
CA MET D 32 -0.60 18.34 -9.52
C MET D 32 -0.03 17.47 -8.41
N ALA D 33 0.39 18.08 -7.28
CA ALA D 33 0.91 17.34 -6.12
C ALA D 33 -0.23 16.59 -5.44
N CYS D 34 -1.45 17.17 -5.45
CA CYS D 34 -2.66 16.53 -4.91
C CYS D 34 -2.93 15.31 -5.81
N ALA D 35 -2.87 15.52 -7.14
CA ALA D 35 -3.13 14.50 -8.15
C ALA D 35 -2.20 13.29 -8.03
N ILE D 36 -0.87 13.48 -7.98
CA ILE D 36 0.11 12.38 -7.86
C ILE D 36 -0.06 11.61 -6.54
N SER D 37 -0.33 12.33 -5.45
CA SER D 37 -0.52 11.71 -4.14
C SER D 37 -1.79 10.87 -4.10
N ILE D 38 -2.89 11.35 -4.73
CA ILE D 38 -4.17 10.63 -4.84
C ILE D 38 -3.98 9.38 -5.72
N LEU D 39 -3.23 9.52 -6.83
CA LEU D 39 -2.96 8.41 -7.73
C LEU D 39 -2.11 7.32 -7.09
N MET D 40 -1.10 7.73 -6.31
CA MET D 40 -0.20 6.76 -5.65
C MET D 40 -0.84 6.08 -4.43
N LYS D 41 -1.98 6.61 -3.93
CA LYS D 41 -2.69 6.03 -2.78
C LYS D 41 -3.91 5.17 -3.20
N ASP D 42 -4.15 5.02 -4.55
CA ASP D 42 -5.27 4.25 -5.14
C ASP D 42 -6.63 4.68 -4.58
N LEU D 43 -6.89 6.00 -4.53
CA LEU D 43 -8.14 6.47 -3.93
C LEU D 43 -9.28 6.56 -4.91
N ALA D 44 -8.98 6.62 -6.20
CA ALA D 44 -9.93 6.83 -7.29
C ALA D 44 -9.86 5.78 -8.41
N ASP D 45 -10.99 5.56 -9.10
CA ASP D 45 -11.04 4.68 -10.27
C ASP D 45 -11.00 5.58 -11.52
N GLU D 46 -11.17 6.89 -11.32
CA GLU D 46 -11.13 7.90 -12.38
C GLU D 46 -10.69 9.23 -11.81
N LEU D 47 -9.74 9.89 -12.50
CA LEU D 47 -9.24 11.21 -12.13
C LEU D 47 -9.48 12.21 -13.28
N ALA D 48 -10.10 13.34 -12.97
CA ALA D 48 -10.35 14.39 -13.94
C ALA D 48 -9.60 15.65 -13.52
N LEU D 49 -9.02 16.35 -14.51
CA LEU D 49 -8.27 17.59 -14.29
C LEU D 49 -8.93 18.71 -15.09
N VAL D 50 -9.12 19.88 -14.46
CA VAL D 50 -9.71 21.06 -15.10
C VAL D 50 -8.79 22.25 -14.82
N ASP D 51 -8.65 23.14 -15.81
CA ASP D 51 -7.89 24.40 -15.76
C ASP D 51 -8.35 25.28 -16.94
N VAL D 52 -7.91 26.53 -16.98
CA VAL D 52 -8.18 27.49 -18.06
C VAL D 52 -7.02 27.48 -19.09
N ILE D 53 -5.79 27.11 -18.66
CA ILE D 53 -4.59 27.00 -19.51
C ILE D 53 -4.66 25.63 -20.16
N GLU D 54 -5.06 25.59 -21.43
CA GLU D 54 -5.33 24.34 -22.17
C GLU D 54 -4.09 23.49 -22.48
N ASP D 55 -2.95 24.13 -22.80
CA ASP D 55 -1.70 23.46 -23.11
C ASP D 55 -1.16 22.72 -21.90
N LYS D 56 -0.96 23.45 -20.78
CA LYS D 56 -0.47 22.90 -19.50
C LYS D 56 -1.38 21.75 -19.05
N LEU D 57 -2.72 21.94 -19.11
CA LEU D 57 -3.70 20.92 -18.76
C LEU D 57 -3.48 19.62 -19.58
N LYS D 58 -3.45 19.69 -20.91
CA LYS D 58 -3.24 18.50 -21.76
C LYS D 58 -1.90 17.79 -21.45
N GLY D 59 -0.82 18.60 -21.32
CA GLY D 59 0.51 18.09 -20.98
C GLY D 59 0.55 17.35 -19.66
N GLU D 60 -0.11 17.91 -18.64
CA GLU D 60 -0.18 17.32 -17.31
C GLU D 60 -0.94 15.99 -17.34
N MET D 61 -2.07 15.96 -18.06
CA MET D 61 -2.90 14.77 -18.24
C MET D 61 -2.09 13.65 -18.89
N MET D 62 -1.38 13.95 -20.01
CA MET D 62 -0.57 13.01 -20.77
C MET D 62 0.54 12.40 -19.92
N ASP D 63 1.28 13.25 -19.18
CA ASP D 63 2.36 12.84 -18.30
C ASP D 63 1.88 11.81 -17.28
N LEU D 64 0.72 12.08 -16.62
CA LEU D 64 0.11 11.15 -15.66
C LEU D 64 -0.30 9.86 -16.36
N GLN D 65 -0.96 9.97 -17.54
CA GLN D 65 -1.38 8.81 -18.35
C GLN D 65 -0.20 7.92 -18.71
N HIS D 66 0.95 8.51 -19.02
CA HIS D 66 2.16 7.77 -19.36
C HIS D 66 2.70 6.93 -18.19
N GLY D 67 2.24 7.23 -16.97
CA GLY D 67 2.61 6.48 -15.77
C GLY D 67 1.60 5.40 -15.38
N SER D 68 0.55 5.19 -16.21
CA SER D 68 -0.54 4.22 -15.99
C SER D 68 -0.10 2.81 -15.59
N LEU D 69 0.96 2.28 -16.22
CA LEU D 69 1.51 0.96 -15.97
C LEU D 69 1.88 0.75 -14.48
N PHE D 70 2.28 1.84 -13.80
CA PHE D 70 2.68 1.81 -12.39
C PHE D 70 1.57 2.26 -11.43
N LEU D 71 0.36 2.50 -11.97
CA LEU D 71 -0.80 2.95 -11.18
C LEU D 71 -1.98 1.96 -11.23
N ARG D 72 -3.01 2.22 -10.41
CA ARG D 72 -4.24 1.41 -10.32
C ARG D 72 -5.47 2.31 -10.52
N THR D 73 -5.33 3.38 -11.30
CA THR D 73 -6.38 4.34 -11.66
C THR D 73 -6.50 4.23 -13.18
N PRO D 74 -7.51 3.48 -13.68
CA PRO D 74 -7.55 3.15 -15.11
C PRO D 74 -7.92 4.27 -16.07
N LYS D 75 -8.51 5.37 -15.58
CA LYS D 75 -8.94 6.44 -16.45
C LYS D 75 -8.56 7.80 -15.89
N ILE D 76 -7.73 8.53 -16.66
CA ILE D 76 -7.29 9.88 -16.38
C ILE D 76 -7.76 10.74 -17.57
N VAL D 77 -8.60 11.75 -17.27
CA VAL D 77 -9.17 12.67 -18.26
C VAL D 77 -8.92 14.13 -17.87
N SER D 78 -9.01 15.04 -18.83
CA SER D 78 -8.84 16.47 -18.61
C SER D 78 -9.61 17.28 -19.63
N GLY D 79 -9.91 18.52 -19.28
CA GLY D 79 -10.63 19.43 -20.16
C GLY D 79 -10.98 20.75 -19.52
N LYS D 80 -11.22 21.76 -20.38
CA LYS D 80 -11.65 23.11 -20.01
C LYS D 80 -13.14 23.03 -19.65
N ASP D 81 -13.87 22.13 -20.32
CA ASP D 81 -15.30 21.89 -20.12
C ASP D 81 -15.50 20.95 -18.93
N TYR D 82 -16.46 21.29 -18.07
CA TYR D 82 -16.75 20.55 -16.84
C TYR D 82 -17.48 19.22 -17.06
N ASN D 83 -17.79 18.84 -18.32
CA ASN D 83 -18.40 17.54 -18.62
C ASN D 83 -17.47 16.38 -18.25
N VAL D 84 -16.14 16.64 -18.25
CA VAL D 84 -15.10 15.67 -17.86
C VAL D 84 -15.18 15.33 -16.36
N THR D 85 -15.82 16.20 -15.56
CA THR D 85 -15.96 16.09 -14.10
C THR D 85 -17.25 15.39 -13.65
N ALA D 86 -18.14 15.02 -14.60
CA ALA D 86 -19.43 14.39 -14.29
C ALA D 86 -19.34 13.19 -13.34
N ASN D 87 -20.18 13.19 -12.28
CA ASN D 87 -20.32 12.12 -11.28
C ASN D 87 -19.09 11.92 -10.38
N SER D 88 -18.45 13.03 -9.98
CA SER D 88 -17.29 12.97 -9.08
C SER D 88 -17.81 12.85 -7.66
N LYS D 89 -17.15 12.02 -6.83
CA LYS D 89 -17.52 11.86 -5.42
C LYS D 89 -16.91 13.00 -4.62
N LEU D 90 -15.72 13.45 -5.04
CA LEU D 90 -14.94 14.49 -4.39
C LEU D 90 -14.34 15.43 -5.44
N VAL D 91 -14.52 16.75 -5.23
CA VAL D 91 -13.98 17.76 -6.13
C VAL D 91 -13.05 18.66 -5.32
N ILE D 92 -11.78 18.67 -5.69
CA ILE D 92 -10.72 19.44 -5.02
C ILE D 92 -10.42 20.71 -5.79
N ILE D 93 -10.61 21.87 -5.14
CA ILE D 93 -10.39 23.17 -5.76
C ILE D 93 -9.08 23.76 -5.29
N THR D 94 -8.14 23.87 -6.25
CA THR D 94 -6.79 24.42 -6.03
C THR D 94 -6.53 25.57 -7.02
N ALA D 95 -7.57 26.05 -7.71
CA ALA D 95 -7.48 27.13 -8.67
C ALA D 95 -7.37 28.47 -7.98
N GLY D 96 -6.50 29.32 -8.51
CA GLY D 96 -6.25 30.66 -8.03
C GLY D 96 -5.61 31.53 -9.10
N ALA D 97 -5.88 32.85 -9.01
CA ALA D 97 -5.36 33.90 -9.91
C ALA D 97 -3.83 34.08 -9.76
N ARG D 98 -3.18 34.68 -10.79
CA ARG D 98 -1.74 35.03 -10.80
C ARG D 98 -1.48 36.02 -9.64
N GLN D 99 -0.49 35.74 -8.78
CA GLN D 99 -0.17 36.58 -7.61
C GLN D 99 0.24 38.02 -7.95
N GLN D 100 0.80 38.24 -9.18
CA GLN D 100 1.19 39.56 -9.72
C GLN D 100 0.00 40.55 -9.71
N GLU D 101 -0.04 41.40 -8.67
CA GLU D 101 -1.09 42.39 -8.37
C GLU D 101 -1.55 43.27 -9.53
N GLY D 102 -0.59 43.76 -10.32
CA GLY D 102 -0.83 44.64 -11.46
C GLY D 102 -1.69 44.10 -12.59
N GLU D 103 -2.00 42.79 -12.58
CA GLU D 103 -2.84 42.13 -13.61
C GLU D 103 -4.32 42.55 -13.53
N SER D 104 -4.78 42.96 -12.33
CA SER D 104 -6.17 43.36 -12.08
C SER D 104 -6.28 44.49 -11.06
N ARG D 105 -7.40 45.23 -11.14
CA ARG D 105 -7.77 46.33 -10.23
C ARG D 105 -8.27 45.71 -8.89
N LEU D 106 -8.69 44.44 -8.95
CA LEU D 106 -9.22 43.65 -7.84
C LEU D 106 -8.11 43.00 -6.99
N ASN D 107 -8.37 42.80 -5.67
CA ASN D 107 -7.42 42.15 -4.73
C ASN D 107 -7.39 40.65 -4.99
N LEU D 108 -6.54 39.91 -4.25
CA LEU D 108 -6.45 38.46 -4.37
C LEU D 108 -7.78 37.83 -4.02
N VAL D 109 -8.43 38.29 -2.92
CA VAL D 109 -9.74 37.82 -2.48
C VAL D 109 -10.74 37.99 -3.59
N GLN D 110 -10.91 39.23 -4.06
CA GLN D 110 -11.84 39.60 -5.12
C GLN D 110 -11.61 38.75 -6.37
N ARG D 111 -10.33 38.53 -6.72
CA ARG D 111 -9.92 37.74 -7.89
C ARG D 111 -10.30 36.28 -7.74
N ASN D 112 -10.06 35.70 -6.56
CA ASN D 112 -10.35 34.30 -6.29
C ASN D 112 -11.85 34.06 -6.11
N VAL D 113 -12.59 35.08 -5.65
CA VAL D 113 -14.03 35.05 -5.52
C VAL D 113 -14.67 34.97 -6.92
N ASN D 114 -14.21 35.81 -7.87
CA ASN D 114 -14.71 35.80 -9.27
C ASN D 114 -14.41 34.50 -9.99
N ILE D 115 -13.28 33.85 -9.66
CA ILE D 115 -12.89 32.56 -10.22
C ILE D 115 -13.92 31.50 -9.74
N PHE D 116 -14.21 31.47 -8.43
CA PHE D 116 -15.17 30.55 -7.83
C PHE D 116 -16.59 30.74 -8.40
N LYS D 117 -16.96 32.00 -8.72
CA LYS D 117 -18.24 32.34 -9.34
C LYS D 117 -18.45 31.58 -10.64
N PHE D 118 -17.34 31.23 -11.34
CA PHE D 118 -17.44 30.48 -12.58
CA PHE D 118 -17.37 30.48 -12.61
C PHE D 118 -17.26 28.97 -12.37
N ILE D 119 -16.31 28.57 -11.49
CA ILE D 119 -16.03 27.17 -11.17
C ILE D 119 -17.17 26.43 -10.45
N ILE D 120 -17.58 26.95 -9.29
CA ILE D 120 -18.56 26.30 -8.41
C ILE D 120 -19.88 25.96 -9.13
N PRO D 121 -20.60 26.85 -9.88
CA PRO D 121 -21.82 26.41 -10.55
C PRO D 121 -21.61 25.26 -11.58
N ASN D 122 -20.44 25.24 -12.21
CA ASN D 122 -20.08 24.22 -13.19
C ASN D 122 -19.83 22.86 -12.54
N VAL D 123 -19.17 22.86 -11.37
CA VAL D 123 -18.89 21.66 -10.58
C VAL D 123 -20.24 21.06 -10.10
N VAL D 124 -21.12 21.91 -9.56
CA VAL D 124 -22.44 21.55 -9.01
C VAL D 124 -23.34 20.94 -10.10
N LYS D 125 -23.26 21.48 -11.32
CA LYS D 125 -24.02 21.03 -12.47
C LYS D 125 -23.73 19.57 -12.80
N TYR D 126 -22.44 19.18 -12.87
CA TYR D 126 -22.04 17.84 -13.25
C TYR D 126 -21.90 16.86 -12.09
N SER D 127 -21.67 17.35 -10.86
CA SER D 127 -21.56 16.50 -9.66
C SER D 127 -22.36 17.12 -8.50
N PRO D 128 -23.72 17.08 -8.58
CA PRO D 128 -24.53 17.71 -7.50
C PRO D 128 -24.39 17.07 -6.14
N ASN D 129 -24.01 15.78 -6.07
CA ASN D 129 -23.91 15.05 -4.81
C ASN D 129 -22.48 14.90 -4.27
N CYS D 130 -21.51 15.62 -4.90
CA CYS D 130 -20.11 15.57 -4.50
C CYS D 130 -19.82 16.26 -3.19
N LYS D 131 -18.64 15.96 -2.64
CA LYS D 131 -18.08 16.68 -1.50
C LYS D 131 -17.08 17.67 -2.12
N LEU D 132 -17.13 18.93 -1.67
CA LEU D 132 -16.20 19.96 -2.15
C LEU D 132 -15.07 20.13 -1.15
N LEU D 133 -13.83 20.04 -1.62
CA LEU D 133 -12.65 20.26 -0.77
C LEU D 133 -11.88 21.46 -1.32
N ILE D 134 -11.88 22.56 -0.55
CA ILE D 134 -11.28 23.83 -0.94
C ILE D 134 -9.86 23.98 -0.40
N VAL D 135 -8.90 24.26 -1.29
CA VAL D 135 -7.48 24.44 -0.94
C VAL D 135 -7.06 25.90 -1.16
N SER D 136 -7.55 26.52 -2.26
CA SER D 136 -7.32 27.90 -2.70
C SER D 136 -7.42 28.89 -1.55
N ASN D 137 -6.50 29.87 -1.52
CA ASN D 137 -6.45 30.86 -0.43
C ASN D 137 -7.14 32.22 -0.70
N PRO D 138 -7.60 32.95 0.34
CA PRO D 138 -7.67 32.60 1.79
C PRO D 138 -8.73 31.52 1.95
N VAL D 139 -8.24 30.30 2.29
CA VAL D 139 -9.01 29.06 2.34
C VAL D 139 -10.32 29.19 3.16
N ASP D 140 -10.29 29.86 4.33
CA ASP D 140 -11.51 30.01 5.16
C ASP D 140 -12.58 30.86 4.47
N ILE D 141 -12.17 31.95 3.78
CA ILE D 141 -13.10 32.81 3.04
C ILE D 141 -13.65 32.05 1.83
N LEU D 142 -12.76 31.37 1.07
CA LEU D 142 -13.18 30.67 -0.15
C LEU D 142 -13.99 29.39 0.13
N THR D 143 -13.91 28.82 1.34
CA THR D 143 -14.77 27.69 1.69
C THR D 143 -16.20 28.23 1.88
N TYR D 144 -16.32 29.43 2.54
CA TYR D 144 -17.58 30.15 2.73
C TYR D 144 -18.18 30.50 1.37
N VAL D 145 -17.34 31.02 0.46
CA VAL D 145 -17.69 31.41 -0.90
C VAL D 145 -18.22 30.21 -1.67
N ALA D 146 -17.53 29.05 -1.55
CA ALA D 146 -17.96 27.81 -2.19
C ALA D 146 -19.32 27.32 -1.64
N TRP D 147 -19.52 27.40 -0.32
CA TRP D 147 -20.75 26.99 0.38
C TRP D 147 -21.93 27.88 -0.04
N LYS D 148 -21.69 29.20 -0.10
CA LYS D 148 -22.69 30.19 -0.51
C LYS D 148 -23.12 29.99 -1.98
N ILE D 149 -22.17 29.88 -2.92
CA ILE D 149 -22.47 29.68 -4.35
C ILE D 149 -23.12 28.32 -4.63
N SER D 150 -22.56 27.23 -4.07
CA SER D 150 -23.07 25.87 -4.32
C SER D 150 -24.48 25.60 -3.82
N GLY D 151 -24.78 26.12 -2.63
CA GLY D 151 -26.05 25.85 -1.96
C GLY D 151 -26.02 24.49 -1.30
N PHE D 152 -24.83 23.87 -1.19
CA PHE D 152 -24.64 22.56 -0.58
C PHE D 152 -24.87 22.61 0.94
N PRO D 153 -25.28 21.48 1.58
CA PRO D 153 -25.35 21.48 3.05
C PRO D 153 -23.92 21.60 3.60
N LYS D 154 -23.76 22.17 4.81
CA LYS D 154 -22.44 22.44 5.42
C LYS D 154 -21.50 21.23 5.45
N ASN D 155 -22.07 20.00 5.61
CA ASN D 155 -21.28 18.77 5.66
C ASN D 155 -20.50 18.47 4.38
N ARG D 156 -21.00 18.95 3.23
CA ARG D 156 -20.37 18.68 1.94
C ARG D 156 -19.39 19.79 1.46
N VAL D 157 -19.15 20.82 2.28
CA VAL D 157 -18.20 21.88 1.93
C VAL D 157 -17.10 21.91 2.99
N ILE D 158 -15.94 21.33 2.63
CA ILE D 158 -14.77 21.16 3.51
C ILE D 158 -13.63 22.05 3.02
N GLY D 159 -13.03 22.73 3.98
CA GLY D 159 -11.85 23.57 3.73
C GLY D 159 -10.61 22.86 4.22
N SER D 160 -9.51 22.94 3.44
CA SER D 160 -8.23 22.33 3.82
C SER D 160 -7.80 22.86 5.21
N GLY D 161 -8.13 24.14 5.47
CA GLY D 161 -7.92 24.83 6.73
C GLY D 161 -6.57 24.64 7.39
N CYS D 162 -6.57 24.19 8.65
CA CYS D 162 -5.34 24.00 9.45
C CYS D 162 -4.74 22.61 9.37
N ASN D 163 -5.08 21.86 8.34
CA ASN D 163 -4.53 20.51 8.15
C ASN D 163 -3.03 20.57 7.90
N LEU D 164 -2.57 21.46 6.99
CA LEU D 164 -1.13 21.63 6.72
C LEU D 164 -0.38 22.21 7.93
N ASP D 165 -1.01 23.22 8.61
CA ASP D 165 -0.46 23.89 9.77
C ASP D 165 -0.15 22.86 10.87
N SER D 166 -1.11 21.95 11.15
CA SER D 166 -0.97 20.92 12.17
C SER D 166 0.03 19.83 11.77
N ALA D 167 0.11 19.49 10.46
CA ALA D 167 1.09 18.52 9.92
C ALA D 167 2.53 19.07 10.12
N ARG D 168 2.74 20.38 9.85
CA ARG D 168 4.05 21.04 10.06
C ARG D 168 4.38 21.09 11.56
N PHE D 169 3.35 21.36 12.40
CA PHE D 169 3.51 21.42 13.85
C PHE D 169 4.00 20.09 14.41
N ARG D 170 3.35 19.00 13.99
CA ARG D 170 3.67 17.63 14.40
C ARG D 170 5.04 17.19 13.90
N TYR D 171 5.46 17.67 12.70
CA TYR D 171 6.80 17.43 12.16
C TYR D 171 7.84 18.07 13.10
N LEU D 172 7.66 19.35 13.45
CA LEU D 172 8.57 20.11 14.32
C LEU D 172 8.61 19.57 15.75
N MET D 173 7.44 19.16 16.26
CA MET D 173 7.27 18.57 17.59
C MET D 173 8.06 17.25 17.63
N GLY D 174 7.94 16.46 16.57
CA GLY D 174 8.64 15.19 16.38
C GLY D 174 10.15 15.31 16.34
N GLU D 175 10.65 16.39 15.71
CA GLU D 175 12.08 16.69 15.63
C GLU D 175 12.61 17.04 17.03
N ARG D 176 11.85 17.81 17.81
CA ARG D 176 12.25 18.19 19.16
C ARG D 176 12.29 17.00 20.12
N LEU D 177 11.34 16.06 19.99
CA LEU D 177 11.24 14.91 20.89
C LEU D 177 11.94 13.64 20.39
N GLY D 178 12.34 13.59 19.13
CA GLY D 178 12.98 12.41 18.56
C GLY D 178 11.98 11.27 18.44
N VAL D 179 10.73 11.63 18.09
CA VAL D 179 9.59 10.71 17.93
C VAL D 179 8.97 10.99 16.54
N HIS D 180 8.42 9.94 15.88
CA HIS D 180 7.74 10.08 14.59
C HIS D 180 6.52 11.03 14.76
N PRO D 181 6.27 11.97 13.79
CA PRO D 181 5.10 12.86 13.88
C PRO D 181 3.75 12.17 14.18
N LEU D 182 3.55 10.93 13.68
CA LEU D 182 2.35 10.12 13.93
C LEU D 182 2.07 9.95 15.41
N SER D 183 3.13 9.80 16.22
CA SER D 183 3.02 9.58 17.67
C SER D 183 3.04 10.89 18.48
N CYS D 184 3.20 12.04 17.79
CA CYS D 184 3.23 13.37 18.39
C CYS D 184 1.92 14.05 18.09
N HIS D 185 1.04 14.10 19.07
CA HIS D 185 -0.30 14.68 18.90
C HIS D 185 -0.34 16.14 19.34
N GLY D 186 -0.94 16.96 18.50
CA GLY D 186 -1.05 18.41 18.70
C GLY D 186 -1.92 19.03 17.65
N TRP D 187 -2.77 19.99 18.06
CA TRP D 187 -3.75 20.61 17.16
C TRP D 187 -3.56 22.09 17.00
N VAL D 188 -3.52 22.53 15.72
CA VAL D 188 -3.43 23.94 15.33
C VAL D 188 -4.79 24.21 14.72
N LEU D 189 -5.55 25.14 15.33
CA LEU D 189 -6.92 25.41 14.88
C LEU D 189 -7.17 26.89 14.51
N GLY D 190 -8.42 27.19 14.16
CA GLY D 190 -8.86 28.54 13.82
C GLY D 190 -8.62 28.88 12.38
N GLU D 191 -8.11 30.09 12.16
CA GLU D 191 -7.82 30.63 10.83
C GLU D 191 -6.52 30.08 10.28
N HIS D 192 -6.58 29.54 9.05
CA HIS D 192 -5.39 29.00 8.39
C HIS D 192 -4.33 30.07 8.15
N GLY D 193 -3.07 29.70 8.35
CA GLY D 193 -1.94 30.58 8.09
C GLY D 193 -1.39 31.33 9.28
N ASP D 194 -1.08 32.61 9.06
CA ASP D 194 -0.47 33.51 10.06
C ASP D 194 -1.21 33.60 11.40
N SER D 195 -2.56 33.60 11.37
CA SER D 195 -3.43 33.79 12.54
C SER D 195 -3.91 32.50 13.24
N SER D 196 -3.31 31.33 12.89
CA SER D 196 -3.66 30.02 13.45
C SER D 196 -3.37 29.92 14.94
N VAL D 197 -4.09 29.00 15.64
CA VAL D 197 -3.98 28.83 17.07
C VAL D 197 -3.44 27.47 17.50
N PRO D 198 -2.23 27.41 18.10
CA PRO D 198 -1.75 26.12 18.66
C PRO D 198 -2.47 25.85 20.01
N VAL D 199 -3.15 24.69 20.16
CA VAL D 199 -3.88 24.31 21.39
C VAL D 199 -2.93 23.51 22.31
N TRP D 200 -2.20 24.26 23.17
CA TRP D 200 -1.19 23.70 24.06
C TRP D 200 -1.69 22.55 24.93
N SER D 201 -2.92 22.66 25.47
CA SER D 201 -3.58 21.67 26.33
C SER D 201 -3.69 20.24 25.75
N GLY D 202 -3.80 20.15 24.43
CA GLY D 202 -3.96 18.86 23.76
C GLY D 202 -2.69 18.24 23.21
N MET D 203 -1.57 18.94 23.35
CA MET D 203 -0.26 18.50 22.88
C MET D 203 0.21 17.35 23.78
N ASN D 204 0.36 16.15 23.20
CA ASN D 204 0.72 14.97 23.99
C ASN D 204 1.42 13.89 23.21
N VAL D 205 2.07 12.99 23.95
CA VAL D 205 2.68 11.77 23.44
C VAL D 205 2.12 10.69 24.35
N ALA D 206 1.49 9.65 23.76
CA ALA D 206 0.91 8.52 24.48
C ALA D 206 -0.11 8.91 25.55
N GLY D 207 -0.86 9.98 25.29
CA GLY D 207 -1.85 10.48 26.25
C GLY D 207 -1.26 11.22 27.43
N VAL D 208 0.07 11.49 27.41
CA VAL D 208 0.76 12.23 28.48
C VAL D 208 0.81 13.69 28.05
N SER D 209 0.03 14.54 28.72
CA SER D 209 -0.02 15.97 28.43
C SER D 209 1.31 16.69 28.69
N LEU D 210 1.83 17.35 27.66
CA LEU D 210 3.08 18.13 27.74
C LEU D 210 2.90 19.37 28.66
N LYS D 211 1.69 19.98 28.65
CA LYS D 211 1.30 21.13 29.48
C LYS D 211 1.21 20.74 30.97
N THR D 212 0.79 19.51 31.28
CA THR D 212 0.74 19.01 32.66
C THR D 212 2.16 18.80 33.18
N LEU D 213 3.06 18.24 32.36
CA LEU D 213 4.45 18.03 32.76
C LEU D 213 5.23 19.36 32.85
N HIS D 214 4.94 20.28 31.92
CA HIS D 214 5.64 21.55 31.77
C HIS D 214 4.60 22.69 31.74
N PRO D 215 4.16 23.22 32.90
CA PRO D 215 3.12 24.26 32.92
C PRO D 215 3.40 25.54 32.14
N ASP D 216 4.69 25.87 31.95
CA ASP D 216 5.10 27.05 31.16
C ASP D 216 4.92 26.86 29.65
N LEU D 217 4.61 25.61 29.18
CA LEU D 217 4.40 25.28 27.76
C LEU D 217 3.44 26.28 27.08
N GLY D 218 3.95 26.95 26.04
CA GLY D 218 3.21 27.92 25.26
C GLY D 218 3.25 29.35 25.74
N THR D 219 3.86 29.60 26.93
CA THR D 219 3.94 30.96 27.50
C THR D 219 5.29 31.59 27.16
N ASP D 220 5.38 32.93 27.37
CA ASP D 220 6.62 33.69 27.16
C ASP D 220 7.66 33.34 28.24
N LYS D 221 7.21 32.88 29.44
CA LYS D 221 8.04 32.47 30.58
C LYS D 221 8.82 31.18 30.32
N ASP D 222 8.38 30.41 29.32
CA ASP D 222 8.97 29.12 29.01
C ASP D 222 10.45 29.22 28.61
N LYS D 223 11.32 28.63 29.46
CA LYS D 223 12.77 28.60 29.23
C LYS D 223 13.16 27.79 28.00
N GLU D 224 12.34 26.81 27.62
CA GLU D 224 12.56 25.96 26.45
C GLU D 224 11.91 26.54 25.19
N GLN D 225 11.14 27.64 25.34
CA GLN D 225 10.46 28.38 24.27
C GLN D 225 9.70 27.47 23.28
N TRP D 226 8.78 26.67 23.80
CA TRP D 226 7.95 25.79 22.98
C TRP D 226 6.99 26.57 22.07
N LYS D 227 6.72 27.82 22.39
CA LYS D 227 5.90 28.76 21.61
C LYS D 227 6.54 28.96 20.20
N GLU D 228 7.89 28.77 20.11
CA GLU D 228 8.67 28.86 18.88
C GLU D 228 8.33 27.77 17.87
N VAL D 229 7.84 26.60 18.34
CA VAL D 229 7.43 25.49 17.48
C VAL D 229 6.28 26.00 16.59
N HIS D 230 5.29 26.72 17.18
CA HIS D 230 4.20 27.29 16.38
C HIS D 230 4.71 28.42 15.51
N LYS D 231 5.63 29.25 16.03
CA LYS D 231 6.23 30.37 15.29
C LYS D 231 6.96 29.87 14.05
N GLN D 232 7.65 28.71 14.18
CA GLN D 232 8.39 28.06 13.09
C GLN D 232 7.48 27.48 12.03
N VAL D 233 6.23 27.13 12.38
CA VAL D 233 5.24 26.64 11.41
C VAL D 233 4.97 27.78 10.42
N VAL D 234 4.74 29.00 10.94
CA VAL D 234 4.46 30.18 10.12
C VAL D 234 5.73 30.59 9.33
N GLU D 235 6.90 30.65 10.00
CA GLU D 235 8.19 31.01 9.39
C GLU D 235 8.57 30.04 8.28
N SER D 236 8.36 28.71 8.49
CA SER D 236 8.69 27.68 7.50
C SER D 236 7.95 27.86 6.18
N ALA D 237 6.67 28.30 6.25
CA ALA D 237 5.83 28.57 5.07
C ALA D 237 6.46 29.65 4.20
N TYR D 238 6.92 30.76 4.84
CA TYR D 238 7.57 31.87 4.16
C TYR D 238 8.93 31.44 3.63
N GLU D 239 9.66 30.61 4.40
CA GLU D 239 10.96 30.09 4.02
C GLU D 239 10.89 29.20 2.78
N VAL D 240 9.90 28.27 2.70
CA VAL D 240 9.73 27.40 1.53
C VAL D 240 9.45 28.23 0.27
N ILE D 241 8.56 29.23 0.38
CA ILE D 241 8.23 30.15 -0.73
C ILE D 241 9.47 30.97 -1.14
N LYS D 242 10.26 31.44 -0.17
CA LYS D 242 11.48 32.19 -0.45
C LYS D 242 12.52 31.32 -1.20
N LEU D 243 12.67 30.04 -0.76
CA LEU D 243 13.66 29.09 -1.28
C LEU D 243 13.31 28.46 -2.61
N LYS D 244 12.06 27.98 -2.80
CA LYS D 244 11.67 27.30 -4.07
C LYS D 244 10.51 27.99 -4.85
N GLY D 245 9.93 29.06 -4.30
CA GLY D 245 8.89 29.85 -4.95
C GLY D 245 7.43 29.47 -4.72
N TYR D 246 7.19 28.28 -4.13
CA TYR D 246 5.84 27.76 -3.89
C TYR D 246 5.94 26.53 -2.98
N THR D 247 4.78 26.02 -2.49
CA THR D 247 4.74 24.76 -1.73
C THR D 247 3.88 23.80 -2.53
N SER D 248 4.30 22.54 -2.61
CA SER D 248 3.55 21.55 -3.35
C SER D 248 3.41 20.21 -2.63
N TRP D 249 4.53 19.55 -2.34
CA TRP D 249 4.57 18.20 -1.78
C TRP D 249 3.79 18.04 -0.46
N ALA D 250 4.07 18.88 0.54
CA ALA D 250 3.39 18.80 1.84
C ALA D 250 1.88 19.03 1.75
N ILE D 251 1.45 20.04 0.98
CA ILE D 251 0.01 20.30 0.82
C ILE D 251 -0.67 19.14 0.07
N GLY D 252 -0.04 18.64 -1.00
CA GLY D 252 -0.55 17.52 -1.79
C GLY D 252 -0.75 16.25 -0.99
N LEU D 253 0.24 15.92 -0.14
CA LEU D 253 0.20 14.77 0.78
C LEU D 253 -0.92 14.93 1.83
N SER D 254 -1.07 16.15 2.40
CA SER D 254 -2.11 16.44 3.39
C SER D 254 -3.52 16.33 2.81
N VAL D 255 -3.71 16.79 1.55
CA VAL D 255 -4.98 16.72 0.84
C VAL D 255 -5.35 15.27 0.53
N ALA D 256 -4.38 14.45 0.07
CA ALA D 256 -4.59 13.02 -0.22
C ALA D 256 -5.01 12.28 1.05
N ASP D 257 -4.50 12.70 2.23
CA ASP D 257 -4.89 12.12 3.50
C ASP D 257 -6.38 12.43 3.83
N LEU D 258 -6.85 13.65 3.56
CA LEU D 258 -8.26 14.03 3.73
C LEU D 258 -9.13 13.22 2.77
N ALA D 259 -8.69 13.17 1.49
CA ALA D 259 -9.33 12.41 0.42
C ALA D 259 -9.50 10.94 0.81
N GLU D 260 -8.51 10.36 1.48
CA GLU D 260 -8.55 8.98 1.93
C GLU D 260 -9.71 8.74 2.92
N SER D 261 -9.86 9.62 3.92
CA SER D 261 -10.93 9.51 4.92
C SER D 261 -12.30 9.65 4.30
N ILE D 262 -12.47 10.61 3.38
CA ILE D 262 -13.72 10.83 2.66
C ILE D 262 -14.08 9.63 1.75
N MET D 263 -13.15 9.23 0.85
CA MET D 263 -13.36 8.14 -0.12
C MET D 263 -13.59 6.81 0.51
N LYS D 264 -12.91 6.53 1.63
CA LYS D 264 -13.02 5.24 2.33
C LYS D 264 -13.98 5.25 3.53
N ASN D 265 -14.64 6.41 3.79
CA ASN D 265 -15.58 6.61 4.90
C ASN D 265 -14.95 6.21 6.26
N LEU D 266 -13.70 6.62 6.48
CA LEU D 266 -12.95 6.22 7.67
C LEU D 266 -13.47 6.80 8.97
N ARG D 267 -14.05 8.01 8.95
CA ARG D 267 -14.55 8.69 10.16
C ARG D 267 -13.37 9.00 11.11
N ARG D 268 -12.22 9.44 10.51
CA ARG D 268 -11.04 9.87 11.23
C ARG D 268 -11.23 11.34 11.50
N VAL D 269 -10.58 11.85 12.52
CA VAL D 269 -10.69 13.27 12.93
C VAL D 269 -9.53 14.08 12.32
N HIS D 270 -9.86 15.14 11.58
CA HIS D 270 -8.87 16.00 10.92
C HIS D 270 -9.10 17.47 11.25
N PRO D 271 -8.03 18.31 11.36
CA PRO D 271 -8.27 19.75 11.58
C PRO D 271 -8.58 20.43 10.23
N VAL D 272 -9.87 20.63 9.96
CA VAL D 272 -10.31 21.20 8.68
C VAL D 272 -11.30 22.35 8.93
N SER D 273 -11.47 23.19 7.93
CA SER D 273 -12.33 24.34 8.05
C SER D 273 -13.76 23.97 7.79
N THR D 274 -14.63 24.34 8.76
CA THR D 274 -16.07 24.08 8.74
C THR D 274 -16.86 25.30 9.27
N MET D 275 -18.20 25.33 9.01
CA MET D 275 -19.13 26.36 9.45
C MET D 275 -19.18 26.32 10.98
N ILE D 276 -18.56 27.34 11.60
CA ILE D 276 -18.38 27.37 13.03
C ILE D 276 -19.47 28.17 13.81
N LYS D 277 -20.51 28.72 13.12
CA LYS D 277 -21.60 29.46 13.76
C LYS D 277 -22.29 28.59 14.82
N GLY D 278 -22.33 29.09 16.05
CA GLY D 278 -22.88 28.38 17.20
C GLY D 278 -21.84 27.90 18.20
N LEU D 279 -20.53 28.24 17.98
CA LEU D 279 -19.38 27.86 18.82
C LEU D 279 -18.46 29.06 19.16
N TYR D 280 -17.79 29.00 20.34
CA TYR D 280 -16.84 30.00 20.88
C TYR D 280 -17.36 31.45 20.84
N GLY D 281 -18.67 31.58 20.94
CA GLY D 281 -19.34 32.87 20.92
C GLY D 281 -19.46 33.46 19.54
N ILE D 282 -19.17 32.64 18.50
CA ILE D 282 -19.26 33.04 17.09
C ILE D 282 -20.71 32.90 16.63
N LYS D 283 -21.27 34.03 16.14
CA LYS D 283 -22.66 34.17 15.66
C LYS D 283 -22.71 34.43 14.15
N ASP D 284 -21.56 34.64 13.52
CA ASP D 284 -21.49 34.90 12.07
C ASP D 284 -21.28 33.64 11.22
N ASP D 285 -21.62 33.72 9.93
CA ASP D 285 -21.48 32.65 8.94
C ASP D 285 -20.01 32.57 8.50
N VAL D 286 -19.14 32.06 9.38
CA VAL D 286 -17.72 31.94 9.06
C VAL D 286 -17.26 30.51 9.22
N PHE D 287 -16.21 30.18 8.46
CA PHE D 287 -15.57 28.88 8.46
C PHE D 287 -14.23 28.97 9.14
N LEU D 288 -14.00 28.12 10.15
CA LEU D 288 -12.74 28.04 10.88
C LEU D 288 -12.40 26.58 11.10
N SER D 289 -11.11 26.31 11.37
CA SER D 289 -10.71 24.93 11.62
C SER D 289 -10.92 24.49 13.03
N VAL D 290 -11.56 23.33 13.15
CA VAL D 290 -11.79 22.57 14.37
C VAL D 290 -11.58 21.08 13.99
N PRO D 291 -11.38 20.14 14.94
CA PRO D 291 -11.27 18.72 14.55
C PRO D 291 -12.62 18.20 14.07
N CYS D 292 -12.66 17.74 12.80
CA CYS D 292 -13.87 17.22 12.16
C CYS D 292 -13.74 15.76 11.83
N ILE D 293 -14.88 15.03 11.92
CA ILE D 293 -14.96 13.61 11.60
CA ILE D 293 -14.98 13.61 11.60
C ILE D 293 -15.30 13.56 10.10
N LEU D 294 -14.40 12.98 9.29
CA LEU D 294 -14.52 12.89 7.82
C LEU D 294 -14.88 11.51 7.33
N GLY D 295 -15.90 11.45 6.50
CA GLY D 295 -16.41 10.20 5.92
C GLY D 295 -17.06 10.44 4.57
N GLN D 296 -17.87 9.47 4.12
CA GLN D 296 -18.55 9.52 2.82
C GLN D 296 -19.57 10.67 2.66
N ASN D 297 -20.02 11.31 3.76
CA ASN D 297 -20.93 12.45 3.75
C ASN D 297 -20.19 13.75 4.02
N GLY D 298 -18.85 13.69 4.01
CA GLY D 298 -17.99 14.83 4.30
C GLY D 298 -17.81 14.99 5.79
N ILE D 299 -18.13 16.19 6.34
CA ILE D 299 -18.06 16.44 7.79
C ILE D 299 -19.40 16.07 8.40
N SER D 300 -19.50 14.92 9.05
CA SER D 300 -20.75 14.50 9.69
C SER D 300 -20.84 15.02 11.12
N ASP D 301 -19.68 15.25 11.73
CA ASP D 301 -19.60 15.65 13.13
C ASP D 301 -18.37 16.51 13.35
N LEU D 302 -18.35 17.24 14.46
CA LEU D 302 -17.19 18.01 14.84
C LEU D 302 -16.91 17.85 16.33
N VAL D 303 -15.63 17.93 16.72
CA VAL D 303 -15.19 17.80 18.11
C VAL D 303 -15.27 19.19 18.77
N LYS D 304 -15.89 19.27 19.94
CA LYS D 304 -16.01 20.49 20.73
C LYS D 304 -14.82 20.59 21.68
N VAL D 305 -13.74 21.21 21.20
CA VAL D 305 -12.49 21.39 21.94
C VAL D 305 -12.65 22.47 23.01
N THR D 306 -12.19 22.19 24.24
CA THR D 306 -12.25 23.17 25.31
C THR D 306 -11.04 24.09 25.13
N LEU D 307 -11.30 25.36 24.85
CA LEU D 307 -10.27 26.36 24.64
C LEU D 307 -10.09 27.31 25.81
N THR D 308 -8.85 27.86 26.00
CA THR D 308 -8.57 28.87 27.02
C THR D 308 -9.24 30.18 26.59
N SER D 309 -9.34 31.15 27.52
CA SER D 309 -9.91 32.47 27.22
C SER D 309 -9.13 33.15 26.08
N GLU D 310 -7.78 33.02 26.10
CA GLU D 310 -6.91 33.57 25.07
C GLU D 310 -7.16 32.89 23.72
N GLU D 311 -7.25 31.53 23.70
CA GLU D 311 -7.52 30.73 22.52
C GLU D 311 -8.88 31.09 21.91
N GLU D 312 -9.92 31.25 22.75
CA GLU D 312 -11.28 31.61 22.36
C GLU D 312 -11.31 33.01 21.70
N ALA D 313 -10.59 33.97 22.30
CA ALA D 313 -10.50 35.35 21.82
C ALA D 313 -9.83 35.45 20.45
N ARG D 314 -8.80 34.62 20.21
CA ARG D 314 -8.08 34.58 18.93
C ARG D 314 -8.99 34.09 17.79
N LEU D 315 -9.84 33.07 18.06
CA LEU D 315 -10.80 32.54 17.08
C LEU D 315 -11.90 33.55 16.81
N LYS D 316 -12.33 34.26 17.88
CA LYS D 316 -13.36 35.29 17.81
C LYS D 316 -12.89 36.46 16.97
N LYS D 317 -11.61 36.86 17.14
CA LYS D 317 -10.99 37.94 16.38
C LYS D 317 -10.93 37.57 14.87
N SER D 318 -10.53 36.32 14.56
CA SER D 318 -10.46 35.80 13.20
C SER D 318 -11.86 35.80 12.57
N ALA D 319 -12.89 35.35 13.35
CA ALA D 319 -14.28 35.31 12.91
C ALA D 319 -14.78 36.71 12.54
N ASP D 320 -14.48 37.72 13.39
CA ASP D 320 -14.85 39.12 13.15
C ASP D 320 -14.20 39.67 11.88
N THR D 321 -12.90 39.37 11.68
CA THR D 321 -12.15 39.79 10.50
C THR D 321 -12.74 39.15 9.25
N LEU D 322 -12.98 37.82 9.29
CA LEU D 322 -13.51 37.08 8.15
C LEU D 322 -14.87 37.58 7.77
N TRP D 323 -15.76 37.75 8.76
CA TRP D 323 -17.09 38.27 8.51
C TRP D 323 -17.09 39.69 7.93
N GLY D 324 -16.18 40.55 8.42
CA GLY D 324 -15.97 41.91 7.94
C GLY D 324 -15.68 41.99 6.45
N ILE D 325 -14.88 41.04 5.94
CA ILE D 325 -14.57 40.94 4.51
C ILE D 325 -15.79 40.36 3.75
N GLN D 326 -16.31 39.23 4.27
CA GLN D 326 -17.42 38.49 3.70
C GLN D 326 -18.69 39.28 3.50
N LYS D 327 -19.08 40.13 4.49
CA LYS D 327 -20.30 40.94 4.41
C LYS D 327 -20.30 41.92 3.25
N GLU D 328 -19.11 42.32 2.79
CA GLU D 328 -18.88 43.23 1.67
C GLU D 328 -18.83 42.53 0.28
N LEU D 329 -18.87 41.19 0.24
CA LEU D 329 -18.80 40.43 -1.02
C LEU D 329 -20.15 40.36 -1.75
N GLN D 330 -20.20 40.65 -3.07
CA GLN D 330 -21.46 40.63 -3.85
C GLN D 330 -21.62 39.34 -4.62
N PHE D 331 -22.75 38.64 -4.40
CA PHE D 331 -23.10 37.41 -5.10
C PHE D 331 -24.28 37.67 -6.08
#